data_7RC9
#
_entry.id   7RC9
#
_cell.length_a   160.889
_cell.length_b   83.876
_cell.length_c   153.524
_cell.angle_alpha   90.000
_cell.angle_beta   119.720
_cell.angle_gamma   90.000
#
_symmetry.space_group_name_H-M   'C 1 2 1'
#
loop_
_entity.id
_entity.type
_entity.pdbx_description
1 polymer 'Toll-like receptor 8'
2 branched beta-D-mannopyranose-(1-4)-2-acetamido-2-deoxy-beta-D-glucopyranose-(1-4)-2-acetamido-2-deoxy-beta-D-glucopyranose
3 branched alpha-D-mannopyranose-(1-3)-[alpha-D-mannopyranose-(1-6)]beta-D-mannopyranose-(1-4)-2-acetamido-2-deoxy-beta-D-glucopyranose-(1-4)-2-acetamido-2-deoxy-beta-D-glucopyranose
4 branched alpha-D-mannopyranose-(1-3)-beta-D-mannopyranose-(1-4)-2-acetamido-2-deoxy-beta-D-glucopyranose-(1-4)-2-acetamido-2-deoxy-beta-D-glucopyranose
5 non-polymer 2-acetamido-2-deoxy-beta-D-glucopyranose
6 non-polymer 2-(2,6-dimethylpyridin-4-yl)-5-(piperidin-4-yl)-3-(propan-2-yl)-1H-indole
7 water water
#
_entity_poly.entity_id   1
_entity_poly.type   'polypeptide(L)'
_entity_poly.pdbx_seq_one_letter_code
;RSPWEENFSRSYPCDEKKQNDSVIAECSNRRLQEVPQTVGKYVTELDLSDNFITHITNESFQGLQNLTKINLNHNPNVQH
QNGNPGIQSNGLNITDGAFLNLKNLRELLLEDNQLPQIPSGLPESLTELSLIQNNIYNITKEGISRLINLKNLYLAWNCY
FNKVCEKTNIEDGVFETLTNLELLSLSFNSLSHVPPKLPSSLRKLFLSNTQIKYISEEDFKGLINLTLLDLSGNCPRCFN
APFPCVPCDGGASINIDRFAFQNLTQLRYLNLSSTSLRKINAAWFKNMPHLKVLDLEFNYLVGEIASGAFLTMLPRLEIL
DLSFNYIKGSYPQHINISRNFSKLLSLRALHLRGYVFQELREDDFQPLMQLPNLSTINLGINFIKQIDFKLFQNFSNLEI
IYLSENRISPLVKDTRQSYANSSSFQRHIRKRRSTDFEFDPHSNFYHFTRPLIKPQCAAYGKALDLSLNSIFFIGPNQFE
NLPDIACLNLSANSNAQVLSGTEFSAIPHVKYLDLTNNRLDFDNASALTELSDLEVLDLSYNSHYFRIAGVTHHLEFIQN
FTNLKVLNLSHNNIYTLTDKYNLESKSLVELVFSGNRLDILWNDDDNRYISIFKGLKNLTRLDLSLNRLKHIPNEAFLNL
PASLTELHINDNMLKFFNWTLLQQFPRLELLDLRGNKLLFLTDSLSDFTSSLRTLLLSHNRISHLPSGFLSEVSSLKHLD
LSSNLLKTINKSALETKTTTKLSMLELHGNPFECTCDIGDFRRWMDEHLNVKIPRLVDVICASPGDQRGKSIVSLELTTC
VSDVTEFLVPR
;
_entity_poly.pdbx_strand_id   A,B
#
loop_
_chem_comp.id
_chem_comp.type
_chem_comp.name
_chem_comp.formula
BMA D-saccharide, beta linking beta-D-mannopyranose 'C6 H12 O6'
MAN D-saccharide, alpha linking alpha-D-mannopyranose 'C6 H12 O6'
NAG D-saccharide, beta linking 2-acetamido-2-deoxy-beta-D-glucopyranose 'C8 H15 N O6'
RQY non-polymer 2-(2,6-dimethylpyridin-4-yl)-5-(piperidin-4-yl)-3-(propan-2-yl)-1H-indole 'C23 H29 N3'
#
# COMPACT_ATOMS: atom_id res chain seq x y z
N ARG A 10 34.76 20.89 -23.53
CA ARG A 10 33.76 20.03 -22.92
C ARG A 10 32.53 19.93 -23.82
N SER A 11 32.08 18.69 -24.09
CA SER A 11 30.93 18.39 -24.93
C SER A 11 29.61 18.87 -24.30
N TYR A 12 28.92 19.80 -24.99
CA TYR A 12 27.66 20.38 -24.57
C TYR A 12 26.71 20.56 -25.77
N PRO A 13 25.41 20.21 -25.67
CA PRO A 13 24.70 19.64 -24.51
C PRO A 13 24.78 18.12 -24.40
N CYS A 14 25.36 17.45 -25.41
CA CYS A 14 25.50 16.01 -25.47
C CYS A 14 26.69 15.50 -24.66
N ASP A 15 26.62 14.25 -24.18
CA ASP A 15 27.70 13.60 -23.43
C ASP A 15 28.37 12.54 -24.29
N GLU A 16 29.61 12.83 -24.73
CA GLU A 16 30.41 11.95 -25.60
C GLU A 16 30.96 10.73 -24.86
N LYS A 17 30.91 9.55 -25.53
CA LYS A 17 31.39 8.27 -25.00
C LYS A 17 31.86 7.36 -26.13
N VAL A 23 32.30 6.37 -31.55
CA VAL A 23 31.94 7.28 -30.47
C VAL A 23 30.41 7.56 -30.46
N ILE A 24 29.77 7.31 -29.32
CA ILE A 24 28.32 7.49 -29.11
C ILE A 24 28.08 8.73 -28.26
N ALA A 25 27.23 9.66 -28.76
CA ALA A 25 26.88 10.90 -28.08
C ALA A 25 25.44 10.87 -27.53
N GLU A 26 25.30 10.76 -26.20
CA GLU A 26 24.02 10.74 -25.50
C GLU A 26 23.52 12.19 -25.34
N CYS A 27 22.42 12.53 -26.03
CA CYS A 27 21.83 13.87 -26.03
C CYS A 27 20.32 13.85 -25.74
N SER A 28 19.84 12.77 -25.11
CA SER A 28 18.43 12.55 -24.78
C SER A 28 17.97 13.24 -23.49
N ASN A 29 16.66 13.60 -23.43
CA ASN A 29 15.96 14.23 -22.31
C ASN A 29 16.71 15.46 -21.75
N ARG A 30 17.02 16.42 -22.63
CA ARG A 30 17.77 17.63 -22.28
C ARG A 30 17.01 18.93 -22.59
N ARG A 31 15.67 18.83 -22.78
CA ARG A 31 14.72 19.93 -23.07
C ARG A 31 15.09 20.74 -24.33
N LEU A 32 15.71 20.08 -25.33
CA LEU A 32 16.14 20.71 -26.58
C LEU A 32 14.96 21.04 -27.49
N GLN A 33 14.80 22.34 -27.83
CA GLN A 33 13.74 22.85 -28.70
C GLN A 33 14.12 22.74 -30.18
N GLU A 34 15.43 22.54 -30.45
CA GLU A 34 16.02 22.40 -31.79
C GLU A 34 17.22 21.44 -31.74
N VAL A 35 17.69 20.99 -32.92
CA VAL A 35 18.84 20.09 -33.04
C VAL A 35 20.13 20.89 -32.76
N PRO A 36 20.94 20.51 -31.75
CA PRO A 36 22.16 21.27 -31.45
C PRO A 36 23.24 21.18 -32.53
N GLN A 37 23.84 22.32 -32.87
CA GLN A 37 24.89 22.43 -33.88
C GLN A 37 26.29 22.34 -33.25
N THR A 38 26.34 22.18 -31.91
CA THR A 38 27.57 22.06 -31.12
C THR A 38 28.11 20.60 -31.08
N VAL A 39 27.42 19.66 -31.77
CA VAL A 39 27.79 18.25 -31.86
C VAL A 39 28.99 18.10 -32.81
N GLY A 40 29.99 17.32 -32.39
CA GLY A 40 31.21 17.06 -33.16
C GLY A 40 30.97 16.27 -34.44
N LYS A 41 31.79 16.54 -35.48
CA LYS A 41 31.69 15.87 -36.79
C LYS A 41 32.13 14.40 -36.74
N TYR A 42 32.95 14.03 -35.74
CA TYR A 42 33.46 12.67 -35.50
C TYR A 42 32.41 11.69 -34.97
N VAL A 43 31.29 12.20 -34.42
CA VAL A 43 30.17 11.44 -33.83
C VAL A 43 29.54 10.49 -34.85
N THR A 44 29.42 9.20 -34.46
CA THR A 44 28.83 8.13 -35.28
C THR A 44 27.40 7.80 -34.83
N GLU A 45 27.10 7.95 -33.53
CA GLU A 45 25.78 7.65 -32.97
C GLU A 45 25.27 8.83 -32.14
N LEU A 46 24.09 9.37 -32.51
CA LEU A 46 23.48 10.50 -31.82
C LEU A 46 22.04 10.20 -31.41
N ASP A 47 21.76 10.24 -30.09
CA ASP A 47 20.45 9.97 -29.50
C ASP A 47 19.83 11.27 -28.99
N LEU A 48 18.85 11.82 -29.74
CA LEU A 48 18.14 13.06 -29.42
C LEU A 48 16.69 12.82 -28.95
N SER A 49 16.42 11.63 -28.37
CA SER A 49 15.08 11.25 -27.90
C SER A 49 14.62 12.04 -26.67
N ASP A 50 13.29 12.07 -26.42
CA ASP A 50 12.61 12.73 -25.30
C ASP A 50 12.93 14.25 -25.19
N ASN A 51 13.07 14.93 -26.35
CA ASN A 51 13.31 16.37 -26.42
C ASN A 51 12.10 17.07 -27.07
N PHE A 52 12.06 18.42 -27.00
CA PHE A 52 10.95 19.20 -27.56
C PHE A 52 11.20 19.71 -28.99
N ILE A 53 11.96 18.93 -29.80
CA ILE A 53 12.28 19.27 -31.20
C ILE A 53 11.00 19.13 -32.05
N THR A 54 10.70 20.18 -32.85
CA THR A 54 9.50 20.24 -33.70
C THR A 54 9.80 20.17 -35.20
N HIS A 55 10.96 20.70 -35.64
CA HIS A 55 11.33 20.73 -37.06
C HIS A 55 12.64 20.02 -37.40
N ILE A 56 12.64 19.30 -38.53
CA ILE A 56 13.79 18.57 -39.07
C ILE A 56 14.00 19.02 -40.54
N THR A 57 15.18 19.58 -40.83
CA THR A 57 15.54 20.07 -42.17
C THR A 57 16.88 19.45 -42.62
N ASN A 58 17.36 19.82 -43.82
CA ASN A 58 18.64 19.35 -44.37
C ASN A 58 19.84 20.00 -43.66
N GLU A 59 19.60 21.15 -42.97
CA GLU A 59 20.62 21.89 -42.22
C GLU A 59 20.74 21.42 -40.77
N SER A 60 19.84 20.53 -40.33
CA SER A 60 19.81 19.97 -38.96
C SER A 60 21.02 19.09 -38.67
N PHE A 61 21.45 18.27 -39.65
CA PHE A 61 22.59 17.36 -39.53
C PHE A 61 23.72 17.69 -40.53
N GLN A 62 23.96 19.00 -40.77
CA GLN A 62 24.98 19.50 -41.68
C GLN A 62 26.38 19.29 -41.09
N GLY A 63 27.27 18.73 -41.90
CA GLY A 63 28.64 18.42 -41.51
C GLY A 63 28.74 17.26 -40.53
N LEU A 64 27.91 16.22 -40.75
CA LEU A 64 27.84 15.02 -39.92
C LEU A 64 27.73 13.75 -40.79
N GLN A 65 28.64 13.64 -41.79
CA GLN A 65 28.69 12.51 -42.73
C GLN A 65 29.08 11.18 -42.07
N ASN A 66 29.74 11.24 -40.89
CA ASN A 66 30.19 10.07 -40.14
C ASN A 66 29.07 9.36 -39.34
N LEU A 67 27.88 9.98 -39.24
CA LEU A 67 26.72 9.44 -38.51
C LEU A 67 26.15 8.18 -39.16
N THR A 68 25.84 7.18 -38.33
CA THR A 68 25.27 5.89 -38.73
C THR A 68 23.93 5.64 -38.06
N LYS A 69 23.75 6.11 -36.81
CA LYS A 69 22.54 5.94 -36.01
C LYS A 69 22.03 7.28 -35.48
N ILE A 70 20.73 7.58 -35.72
CA ILE A 70 20.04 8.79 -35.26
C ILE A 70 18.72 8.40 -34.59
N ASN A 71 18.55 8.80 -33.32
CA ASN A 71 17.35 8.52 -32.53
C ASN A 71 16.60 9.83 -32.28
N LEU A 72 15.37 9.94 -32.82
CA LEU A 72 14.53 11.13 -32.69
C LEU A 72 13.14 10.77 -32.11
N ASN A 73 13.11 9.79 -31.19
CA ASN A 73 11.88 9.31 -30.56
C ASN A 73 11.29 10.28 -29.55
N HIS A 74 9.94 10.30 -29.46
CA HIS A 74 9.15 11.14 -28.54
C HIS A 74 9.49 12.63 -28.66
N ASN A 75 9.42 13.16 -29.90
CA ASN A 75 9.72 14.55 -30.23
C ASN A 75 8.53 15.19 -30.98
N PRO A 76 7.87 16.24 -30.43
CA PRO A 76 8.10 16.88 -29.13
C PRO A 76 7.41 16.14 -27.97
N ASN A 77 7.64 16.59 -26.72
CA ASN A 77 7.12 16.03 -25.46
C ASN A 77 7.58 14.59 -25.22
N GLY A 91 2.70 17.38 -34.47
CA GLY A 91 3.90 16.66 -34.05
C GLY A 91 5.16 17.13 -34.74
N LEU A 92 6.08 16.19 -35.02
CA LEU A 92 7.37 16.47 -35.67
C LEU A 92 7.19 16.70 -37.18
N ASN A 93 7.76 17.81 -37.67
CA ASN A 93 7.69 18.21 -39.08
C ASN A 93 9.04 17.96 -39.75
N ILE A 94 9.08 17.02 -40.72
CA ILE A 94 10.29 16.67 -41.45
C ILE A 94 10.13 17.02 -42.94
N THR A 95 11.09 17.80 -43.48
CA THR A 95 11.09 18.20 -44.89
C THR A 95 11.51 17.03 -45.77
N ASP A 96 11.11 17.05 -47.06
CA ASP A 96 11.43 16.01 -48.04
C ASP A 96 12.93 15.98 -48.33
N GLY A 97 13.55 14.84 -48.03
CA GLY A 97 14.98 14.62 -48.22
C GLY A 97 15.86 15.29 -47.20
N ALA A 98 15.37 15.43 -45.94
CA ALA A 98 16.10 16.04 -44.83
C ALA A 98 17.29 15.19 -44.39
N PHE A 99 17.15 13.84 -44.49
CA PHE A 99 18.19 12.88 -44.12
C PHE A 99 19.00 12.39 -45.33
N LEU A 100 18.52 12.68 -46.57
CA LEU A 100 19.10 12.29 -47.86
C LEU A 100 20.61 12.61 -48.00
N ASN A 101 21.09 13.70 -47.37
CA ASN A 101 22.50 14.12 -47.41
C ASN A 101 23.42 13.18 -46.61
N LEU A 102 22.86 12.39 -45.67
CA LEU A 102 23.61 11.45 -44.82
C LEU A 102 23.75 10.10 -45.54
N LYS A 103 24.90 9.89 -46.20
CA LYS A 103 25.21 8.68 -46.98
C LYS A 103 25.56 7.47 -46.11
N ASN A 104 25.95 7.68 -44.84
CA ASN A 104 26.35 6.63 -43.91
C ASN A 104 25.25 6.23 -42.91
N LEU A 105 24.06 6.86 -42.99
CA LEU A 105 22.93 6.58 -42.10
C LEU A 105 22.37 5.18 -42.35
N ARG A 106 22.45 4.31 -41.32
CA ARG A 106 21.98 2.92 -41.37
C ARG A 106 20.79 2.69 -40.45
N GLU A 107 20.77 3.37 -39.30
CA GLU A 107 19.69 3.25 -38.31
C GLU A 107 19.03 4.60 -38.07
N LEU A 108 17.69 4.63 -38.21
CA LEU A 108 16.88 5.83 -38.00
C LEU A 108 15.62 5.48 -37.22
N LEU A 109 15.52 5.99 -36.00
CA LEU A 109 14.39 5.73 -35.12
C LEU A 109 13.48 6.96 -35.07
N LEU A 110 12.24 6.81 -35.55
CA LEU A 110 11.24 7.88 -35.58
C LEU A 110 9.93 7.41 -34.95
N GLU A 111 10.00 7.02 -33.66
CA GLU A 111 8.86 6.55 -32.88
C GLU A 111 8.19 7.68 -32.13
N ASP A 112 6.84 7.62 -32.01
CA ASP A 112 6.00 8.58 -31.28
C ASP A 112 6.30 10.05 -31.67
N ASN A 113 6.13 10.37 -32.96
CA ASN A 113 6.37 11.71 -33.49
C ASN A 113 5.13 12.34 -34.12
N GLN A 114 3.98 11.61 -34.10
CA GLN A 114 2.68 12.00 -34.66
C GLN A 114 2.77 12.28 -36.18
N LEU A 115 3.60 11.48 -36.89
CA LEU A 115 3.81 11.62 -38.34
C LEU A 115 2.57 11.20 -39.14
N PRO A 116 2.02 12.07 -40.01
CA PRO A 116 0.80 11.69 -40.76
C PRO A 116 1.05 10.68 -41.89
N GLN A 117 2.29 10.62 -42.39
CA GLN A 117 2.71 9.71 -43.46
C GLN A 117 4.19 9.30 -43.28
N ILE A 118 4.69 8.39 -44.14
CA ILE A 118 6.08 7.92 -44.12
C ILE A 118 6.97 9.08 -44.63
N PRO A 119 8.07 9.45 -43.91
CA PRO A 119 8.92 10.55 -44.39
C PRO A 119 9.40 10.37 -45.83
N SER A 120 9.25 11.43 -46.65
CA SER A 120 9.64 11.41 -48.06
C SER A 120 11.13 11.67 -48.25
N GLY A 121 11.71 10.99 -49.24
CA GLY A 121 13.12 11.12 -49.59
C GLY A 121 14.10 10.59 -48.55
N LEU A 122 13.79 9.42 -47.97
CA LEU A 122 14.64 8.78 -46.96
C LEU A 122 15.91 8.18 -47.61
N PRO A 123 17.07 8.12 -46.91
CA PRO A 123 18.29 7.57 -47.54
C PRO A 123 18.24 6.08 -47.80
N GLU A 124 18.61 5.66 -49.01
CA GLU A 124 18.64 4.27 -49.46
C GLU A 124 19.64 3.39 -48.69
N SER A 125 20.60 4.02 -47.98
CA SER A 125 21.64 3.36 -47.18
C SER A 125 21.11 2.67 -45.91
N LEU A 126 19.89 3.07 -45.44
CA LEU A 126 19.24 2.55 -44.24
C LEU A 126 19.05 1.03 -44.24
N THR A 127 19.28 0.42 -43.07
CA THR A 127 19.12 -1.02 -42.80
C THR A 127 18.11 -1.23 -41.67
N GLU A 128 17.94 -0.21 -40.82
CA GLU A 128 17.00 -0.24 -39.71
C GLU A 128 16.15 1.03 -39.70
N LEU A 129 14.83 0.85 -39.63
CA LEU A 129 13.85 1.95 -39.61
C LEU A 129 12.68 1.61 -38.69
N SER A 130 12.40 2.49 -37.72
CA SER A 130 11.31 2.31 -36.78
C SER A 130 10.36 3.50 -36.84
N LEU A 131 9.12 3.27 -37.28
CA LEU A 131 8.08 4.29 -37.42
C LEU A 131 6.84 3.99 -36.55
N ILE A 132 7.09 3.49 -35.33
CA ILE A 132 6.06 3.10 -34.35
C ILE A 132 5.39 4.33 -33.71
N GLN A 133 4.10 4.20 -33.31
CA GLN A 133 3.27 5.18 -32.60
C GLN A 133 3.13 6.53 -33.35
N ASN A 134 2.94 6.46 -34.67
CA ASN A 134 2.72 7.63 -35.53
C ASN A 134 1.32 7.53 -36.16
N ASN A 135 0.89 8.55 -36.91
CA ASN A 135 -0.43 8.53 -37.54
C ASN A 135 -0.36 8.12 -39.02
N ILE A 136 0.54 7.16 -39.34
CA ILE A 136 0.74 6.63 -40.69
C ILE A 136 -0.39 5.65 -41.03
N TYR A 137 -1.26 6.05 -41.97
CA TYR A 137 -2.40 5.23 -42.39
C TYR A 137 -2.19 4.60 -43.78
N ASN A 138 -1.09 4.99 -44.47
CA ASN A 138 -0.76 4.51 -45.82
C ASN A 138 0.69 4.05 -45.95
N ILE A 139 0.89 2.81 -46.46
CA ILE A 139 2.21 2.23 -46.73
C ILE A 139 2.36 2.22 -48.26
N THR A 140 2.84 3.35 -48.80
CA THR A 140 3.00 3.59 -50.23
C THR A 140 4.41 3.31 -50.77
N LYS A 141 4.52 3.16 -52.10
CA LYS A 141 5.77 2.91 -52.82
C LYS A 141 6.70 4.14 -52.80
N GLU A 142 6.11 5.35 -52.79
CA GLU A 142 6.82 6.64 -52.77
C GLU A 142 7.68 6.85 -51.50
N GLY A 143 7.37 6.09 -50.44
CA GLY A 143 8.06 6.20 -49.16
C GLY A 143 9.11 5.15 -48.83
N ILE A 144 8.76 3.85 -48.94
CA ILE A 144 9.68 2.76 -48.54
C ILE A 144 10.25 1.89 -49.70
N SER A 145 9.60 1.85 -50.89
CA SER A 145 10.08 1.02 -52.02
C SER A 145 11.48 1.37 -52.53
N ARG A 146 11.93 2.63 -52.32
CA ARG A 146 13.26 3.09 -52.71
C ARG A 146 14.32 2.50 -51.77
N LEU A 147 13.96 2.26 -50.50
CA LEU A 147 14.83 1.71 -49.45
C LEU A 147 14.98 0.19 -49.62
N ILE A 148 15.89 -0.22 -50.52
CA ILE A 148 16.16 -1.63 -50.84
C ILE A 148 17.13 -2.30 -49.84
N ASN A 149 17.92 -1.50 -49.09
CA ASN A 149 18.90 -2.02 -48.13
C ASN A 149 18.31 -2.35 -46.75
N LEU A 150 17.00 -2.06 -46.53
CA LEU A 150 16.30 -2.31 -45.27
C LEU A 150 16.31 -3.77 -44.83
N LYS A 151 16.74 -4.01 -43.57
CA LYS A 151 16.82 -5.31 -42.93
C LYS A 151 15.72 -5.45 -41.88
N ASN A 152 15.56 -4.42 -41.02
CA ASN A 152 14.55 -4.38 -39.96
C ASN A 152 13.61 -3.20 -40.17
N LEU A 153 12.30 -3.47 -40.25
CA LEU A 153 11.24 -2.47 -40.44
C LEU A 153 10.16 -2.62 -39.37
N TYR A 154 9.87 -1.52 -38.67
CA TYR A 154 8.89 -1.47 -37.58
C TYR A 154 7.80 -0.45 -37.91
N LEU A 155 6.56 -0.93 -38.13
CA LEU A 155 5.41 -0.09 -38.47
C LEU A 155 4.23 -0.33 -37.53
N ALA A 156 4.52 -0.63 -36.25
CA ALA A 156 3.52 -0.89 -35.22
C ALA A 156 2.82 0.36 -34.65
N TRP A 157 1.61 0.19 -34.10
CA TRP A 157 0.77 1.22 -33.45
C TRP A 157 0.52 2.47 -34.31
N ASN A 158 0.28 2.27 -35.62
CA ASN A 158 0.05 3.38 -36.54
C ASN A 158 -1.44 3.61 -36.85
N CYS A 159 -2.12 2.58 -37.38
CA CYS A 159 -3.55 2.61 -37.72
C CYS A 159 -4.28 1.77 -36.65
N TYR A 160 -4.16 2.20 -35.38
CA TYR A 160 -4.72 1.49 -34.23
C TYR A 160 -5.78 2.29 -33.46
N PHE A 161 -7.04 1.78 -33.50
CA PHE A 161 -8.24 2.34 -32.84
C PHE A 161 -8.41 3.86 -33.05
N ASN A 162 -8.36 4.31 -34.32
CA ASN A 162 -8.47 5.71 -34.71
C ASN A 162 -9.75 5.95 -35.52
N CYS A 165 -9.68 3.06 -37.72
CA CYS A 165 -8.71 3.99 -38.29
C CYS A 165 -8.99 4.41 -39.76
N GLU A 166 -9.81 3.69 -40.59
CA GLU A 166 -10.59 2.47 -40.35
C GLU A 166 -9.84 1.20 -40.76
N LYS A 167 -9.00 1.29 -41.79
CA LYS A 167 -8.19 0.19 -42.32
C LYS A 167 -6.86 0.72 -42.87
N THR A 168 -5.75 0.02 -42.57
CA THR A 168 -4.41 0.37 -43.05
C THR A 168 -4.30 0.06 -44.53
N ASN A 169 -4.02 1.09 -45.36
CA ASN A 169 -3.90 0.94 -46.79
C ASN A 169 -2.49 0.50 -47.19
N ILE A 170 -2.34 -0.80 -47.52
CA ILE A 170 -1.08 -1.39 -47.95
C ILE A 170 -1.10 -1.45 -49.49
N GLU A 171 -0.18 -0.74 -50.15
CA GLU A 171 -0.09 -0.71 -51.61
C GLU A 171 0.35 -2.09 -52.12
N ASP A 172 -0.28 -2.57 -53.21
CA ASP A 172 -0.01 -3.88 -53.79
C ASP A 172 1.47 -4.05 -54.18
N GLY A 173 2.14 -4.96 -53.46
CA GLY A 173 3.55 -5.29 -53.64
C GLY A 173 4.51 -4.19 -53.23
N VAL A 174 4.21 -3.52 -52.10
CA VAL A 174 5.05 -2.43 -51.58
C VAL A 174 6.35 -3.00 -50.93
N PHE A 175 6.24 -4.17 -50.24
CA PHE A 175 7.36 -4.84 -49.58
C PHE A 175 8.14 -5.77 -50.53
N GLU A 176 7.60 -6.04 -51.74
CA GLU A 176 8.20 -6.91 -52.76
C GLU A 176 9.58 -6.44 -53.25
N THR A 177 9.78 -5.11 -53.34
CA THR A 177 11.05 -4.51 -53.78
C THR A 177 12.13 -4.62 -52.69
N LEU A 178 11.70 -4.68 -51.41
CA LEU A 178 12.57 -4.80 -50.23
C LEU A 178 13.04 -6.26 -50.10
N THR A 179 13.90 -6.70 -51.03
CA THR A 179 14.43 -8.07 -51.12
C THR A 179 15.49 -8.44 -50.06
N ASN A 180 15.84 -7.49 -49.17
CA ASN A 180 16.85 -7.71 -48.13
C ASN A 180 16.24 -7.63 -46.72
N LEU A 181 14.90 -7.51 -46.66
CA LEU A 181 14.11 -7.41 -45.43
C LEU A 181 14.08 -8.74 -44.68
N GLU A 182 14.63 -8.73 -43.45
CA GLU A 182 14.70 -9.91 -42.58
C GLU A 182 13.57 -9.87 -41.54
N LEU A 183 13.27 -8.67 -41.01
CA LEU A 183 12.24 -8.46 -39.99
C LEU A 183 11.21 -7.43 -40.46
N LEU A 184 9.91 -7.77 -40.35
CA LEU A 184 8.79 -6.90 -40.70
C LEU A 184 7.72 -6.96 -39.61
N SER A 185 7.59 -5.86 -38.84
CA SER A 185 6.60 -5.75 -37.78
C SER A 185 5.49 -4.79 -38.20
N LEU A 186 4.27 -5.34 -38.32
CA LEU A 186 3.06 -4.60 -38.70
C LEU A 186 2.00 -4.74 -37.61
N SER A 187 2.42 -5.21 -36.42
CA SER A 187 1.57 -5.43 -35.24
C SER A 187 0.83 -4.15 -34.81
N PHE A 188 -0.35 -4.31 -34.17
CA PHE A 188 -1.22 -3.24 -33.67
C PHE A 188 -1.59 -2.22 -34.77
N ASN A 189 -2.29 -2.72 -35.82
CA ASN A 189 -2.77 -1.96 -36.98
C ASN A 189 -4.01 -2.64 -37.53
N SER A 190 -5.01 -1.86 -37.95
CA SER A 190 -6.24 -2.41 -38.52
C SER A 190 -5.96 -2.92 -39.95
N LEU A 191 -5.46 -4.18 -40.05
CA LEU A 191 -5.06 -4.81 -41.31
C LEU A 191 -6.15 -5.65 -41.99
N SER A 192 -6.90 -6.47 -41.21
CA SER A 192 -7.97 -7.39 -41.63
C SER A 192 -7.49 -8.59 -42.44
N HIS A 193 -6.54 -8.39 -43.37
CA HIS A 193 -5.98 -9.43 -44.23
C HIS A 193 -4.44 -9.38 -44.20
N VAL A 194 -3.80 -10.54 -44.42
CA VAL A 194 -2.34 -10.67 -44.48
C VAL A 194 -1.86 -9.95 -45.76
N PRO A 195 -0.88 -9.01 -45.68
CA PRO A 195 -0.45 -8.29 -46.88
C PRO A 195 0.14 -9.22 -47.96
N PRO A 196 -0.37 -9.15 -49.21
CA PRO A 196 0.20 -10.02 -50.25
C PRO A 196 1.53 -9.50 -50.80
N LYS A 197 2.26 -10.36 -51.56
CA LYS A 197 3.56 -10.09 -52.18
C LYS A 197 4.64 -9.67 -51.16
N LEU A 198 4.91 -10.59 -50.20
CA LEU A 198 5.93 -10.38 -49.15
C LEU A 198 7.29 -10.92 -49.61
N PRO A 199 8.42 -10.28 -49.23
CA PRO A 199 9.72 -10.79 -49.69
C PRO A 199 10.14 -12.13 -49.09
N SER A 200 10.77 -12.98 -49.93
CA SER A 200 11.26 -14.32 -49.58
C SER A 200 12.41 -14.31 -48.55
N SER A 201 13.06 -13.15 -48.38
CA SER A 201 14.16 -12.94 -47.43
C SER A 201 13.71 -12.91 -45.97
N LEU A 202 12.39 -12.71 -45.71
CA LEU A 202 11.79 -12.64 -44.38
C LEU A 202 12.14 -13.81 -43.47
N ARG A 203 12.61 -13.48 -42.26
CA ARG A 203 12.99 -14.43 -41.22
C ARG A 203 12.07 -14.26 -40.01
N LYS A 204 11.60 -13.02 -39.76
CA LYS A 204 10.71 -12.73 -38.63
C LYS A 204 9.54 -11.87 -39.09
N LEU A 205 8.29 -12.38 -38.95
CA LEU A 205 7.07 -11.67 -39.34
C LEU A 205 6.15 -11.48 -38.14
N PHE A 206 5.84 -10.21 -37.81
CA PHE A 206 4.99 -9.83 -36.66
C PHE A 206 3.67 -9.22 -37.13
N LEU A 207 2.55 -9.92 -36.84
CA LEU A 207 1.19 -9.51 -37.21
C LEU A 207 0.23 -9.63 -36.02
N SER A 208 0.67 -9.20 -34.83
CA SER A 208 -0.13 -9.25 -33.61
C SER A 208 -1.18 -8.15 -33.56
N ASN A 209 -2.41 -8.49 -33.12
CA ASN A 209 -3.55 -7.55 -32.97
C ASN A 209 -3.75 -6.72 -34.25
N THR A 210 -3.91 -7.43 -35.37
CA THR A 210 -4.04 -6.84 -36.70
C THR A 210 -5.42 -7.09 -37.33
N GLN A 211 -6.40 -7.54 -36.51
CA GLN A 211 -7.79 -7.84 -36.90
C GLN A 211 -7.89 -8.88 -38.04
N ILE A 212 -6.88 -9.78 -38.16
CA ILE A 212 -6.86 -10.84 -39.16
C ILE A 212 -7.55 -12.08 -38.60
N LYS A 213 -8.79 -12.33 -39.06
CA LYS A 213 -9.64 -13.45 -38.62
C LYS A 213 -9.35 -14.76 -39.37
N TYR A 214 -9.07 -14.68 -40.69
CA TYR A 214 -8.82 -15.85 -41.52
C TYR A 214 -7.40 -15.88 -42.11
N ILE A 215 -6.78 -17.07 -42.10
CA ILE A 215 -5.45 -17.34 -42.66
C ILE A 215 -5.60 -18.43 -43.74
N SER A 216 -5.12 -18.13 -44.95
CA SER A 216 -5.17 -19.05 -46.09
C SER A 216 -3.77 -19.59 -46.45
N GLU A 217 -3.71 -20.60 -47.35
CA GLU A 217 -2.48 -21.24 -47.82
C GLU A 217 -1.57 -20.28 -48.59
N GLU A 218 -2.18 -19.28 -49.29
CA GLU A 218 -1.51 -18.28 -50.10
C GLU A 218 -0.92 -17.10 -49.30
N ASP A 219 -1.28 -16.97 -48.01
CA ASP A 219 -0.81 -15.88 -47.14
C ASP A 219 0.70 -15.92 -46.84
N PHE A 220 1.25 -17.13 -46.62
CA PHE A 220 2.69 -17.33 -46.35
C PHE A 220 3.27 -18.38 -47.32
N LYS A 221 3.00 -18.19 -48.62
CA LYS A 221 3.43 -19.10 -49.69
C LYS A 221 4.94 -19.07 -49.95
N GLY A 222 5.46 -17.91 -50.37
CA GLY A 222 6.87 -17.76 -50.70
C GLY A 222 7.78 -17.33 -49.57
N LEU A 223 7.49 -17.78 -48.33
CA LEU A 223 8.29 -17.45 -47.15
C LEU A 223 9.00 -18.71 -46.60
N ILE A 224 9.92 -19.26 -47.42
CA ILE A 224 10.70 -20.46 -47.12
C ILE A 224 11.75 -20.27 -46.01
N ASN A 225 12.18 -19.02 -45.74
CA ASN A 225 13.19 -18.74 -44.71
C ASN A 225 12.61 -18.17 -43.39
N LEU A 226 11.26 -18.21 -43.23
CA LEU A 226 10.57 -17.72 -42.03
C LEU A 226 10.89 -18.57 -40.80
N THR A 227 11.40 -17.92 -39.74
CA THR A 227 11.74 -18.55 -38.46
C THR A 227 10.75 -18.14 -37.37
N LEU A 228 10.16 -16.94 -37.47
CA LEU A 228 9.18 -16.43 -36.51
C LEU A 228 7.90 -15.96 -37.19
N LEU A 229 6.76 -16.34 -36.60
CA LEU A 229 5.43 -15.92 -37.02
C LEU A 229 4.59 -15.59 -35.80
N ASP A 230 4.20 -14.31 -35.68
CA ASP A 230 3.40 -13.80 -34.57
C ASP A 230 2.02 -13.41 -35.09
N LEU A 231 0.98 -14.13 -34.64
CA LEU A 231 -0.41 -13.90 -35.02
C LEU A 231 -1.29 -13.73 -33.78
N SER A 232 -0.66 -13.43 -32.63
CA SER A 232 -1.33 -13.23 -31.34
C SER A 232 -2.29 -12.04 -31.31
N GLY A 233 -3.32 -12.14 -30.48
CA GLY A 233 -4.31 -11.08 -30.31
C GLY A 233 -5.30 -10.91 -31.44
N ASN A 234 -5.41 -11.91 -32.33
CA ASN A 234 -6.35 -11.89 -33.46
C ASN A 234 -7.49 -12.84 -33.10
N CYS A 235 -8.69 -12.26 -32.86
CA CYS A 235 -9.90 -12.89 -32.31
C CYS A 235 -9.53 -13.23 -30.86
N PRO A 236 -9.32 -12.21 -29.98
CA PRO A 236 -8.76 -12.53 -28.65
C PRO A 236 -9.75 -12.87 -27.54
N ARG A 237 -9.15 -13.39 -26.44
CA ARG A 237 -9.79 -13.69 -25.17
C ARG A 237 -9.29 -12.53 -24.30
N CYS A 238 -10.15 -11.50 -24.13
CA CYS A 238 -9.82 -10.27 -23.40
C CYS A 238 -9.54 -10.53 -21.93
N PHE A 239 -8.40 -10.01 -21.47
CA PHE A 239 -7.88 -10.15 -20.12
C PHE A 239 -7.35 -8.81 -19.61
N ASN A 240 -6.32 -8.84 -18.75
CA ASN A 240 -5.69 -7.63 -18.23
C ASN A 240 -4.65 -7.13 -19.25
N ALA A 241 -5.17 -6.57 -20.37
CA ALA A 241 -4.37 -6.07 -21.48
C ALA A 241 -4.15 -4.56 -21.38
N PRO A 242 -2.90 -4.06 -21.58
CA PRO A 242 -2.65 -2.61 -21.50
C PRO A 242 -3.15 -1.82 -22.73
N PHE A 243 -3.62 -2.55 -23.77
CA PHE A 243 -4.13 -2.03 -25.04
C PHE A 243 -5.62 -2.39 -25.23
N PRO A 244 -6.41 -1.67 -26.10
CA PRO A 244 -7.83 -2.03 -26.27
C PRO A 244 -8.04 -3.41 -26.90
N CYS A 245 -9.00 -4.18 -26.36
CA CYS A 245 -9.31 -5.55 -26.78
C CYS A 245 -10.77 -5.70 -27.22
N VAL A 246 -11.00 -6.22 -28.45
CA VAL A 246 -12.35 -6.46 -28.99
C VAL A 246 -12.40 -7.93 -29.48
N PRO A 247 -13.23 -8.81 -28.86
CA PRO A 247 -13.30 -10.20 -29.37
C PRO A 247 -14.13 -10.28 -30.65
N CYS A 248 -13.91 -11.33 -31.44
CA CYS A 248 -14.62 -11.56 -32.70
C CYS A 248 -16.09 -11.91 -32.45
N ASP A 249 -16.96 -11.59 -33.43
CA ASP A 249 -18.41 -11.79 -33.37
C ASP A 249 -18.80 -13.27 -33.18
N GLY A 250 -19.68 -13.51 -32.22
CA GLY A 250 -20.19 -14.84 -31.88
C GLY A 250 -19.16 -15.77 -31.26
N GLY A 251 -18.23 -15.19 -30.49
CA GLY A 251 -17.14 -15.90 -29.82
C GLY A 251 -16.26 -16.67 -30.78
N ALA A 252 -16.00 -16.08 -31.96
CA ALA A 252 -15.21 -16.68 -33.03
C ALA A 252 -13.73 -16.77 -32.73
N SER A 253 -13.12 -17.86 -33.20
CA SER A 253 -11.71 -18.20 -33.09
C SER A 253 -11.04 -17.85 -34.42
N ILE A 254 -9.70 -17.74 -34.43
CA ILE A 254 -8.94 -17.47 -35.65
C ILE A 254 -9.07 -18.69 -36.57
N ASN A 255 -9.45 -18.47 -37.83
CA ASN A 255 -9.62 -19.57 -38.78
C ASN A 255 -8.34 -19.75 -39.60
N ILE A 256 -7.55 -20.76 -39.24
CA ILE A 256 -6.31 -21.09 -39.92
C ILE A 256 -6.50 -22.36 -40.74
N ASP A 257 -6.30 -22.25 -42.06
CA ASP A 257 -6.39 -23.33 -43.06
C ASP A 257 -5.39 -24.44 -42.70
N ARG A 258 -5.73 -25.70 -43.00
CA ARG A 258 -4.88 -26.86 -42.71
C ARG A 258 -3.46 -26.73 -43.32
N PHE A 259 -3.38 -26.26 -44.58
CA PHE A 259 -2.13 -26.07 -45.31
C PHE A 259 -1.59 -24.63 -45.28
N ALA A 260 -2.01 -23.81 -44.28
CA ALA A 260 -1.56 -22.42 -44.17
C ALA A 260 -0.08 -22.31 -43.79
N PHE A 261 0.45 -23.33 -43.08
CA PHE A 261 1.85 -23.37 -42.65
C PHE A 261 2.62 -24.53 -43.33
N GLN A 262 2.16 -24.99 -44.51
CA GLN A 262 2.73 -26.11 -45.26
C GLN A 262 4.15 -25.89 -45.81
N ASN A 263 4.59 -24.63 -45.96
CA ASN A 263 5.92 -24.32 -46.50
C ASN A 263 6.84 -23.59 -45.53
N LEU A 264 6.36 -23.36 -44.30
CA LEU A 264 7.17 -22.72 -43.27
C LEU A 264 7.92 -23.82 -42.52
N THR A 265 8.95 -24.38 -43.19
CA THR A 265 9.79 -25.48 -42.71
C THR A 265 10.86 -25.04 -41.70
N GLN A 266 11.32 -23.78 -41.83
CA GLN A 266 12.36 -23.19 -40.98
C GLN A 266 11.82 -22.50 -39.71
N LEU A 267 10.50 -22.54 -39.46
CA LEU A 267 9.86 -21.89 -38.32
C LEU A 267 10.27 -22.48 -36.97
N ARG A 268 10.82 -21.63 -36.09
CA ARG A 268 11.29 -21.94 -34.74
C ARG A 268 10.37 -21.33 -33.68
N TYR A 269 9.80 -20.14 -33.95
CA TYR A 269 8.94 -19.43 -33.01
C TYR A 269 7.56 -19.20 -33.61
N LEU A 270 6.50 -19.62 -32.90
CA LEU A 270 5.11 -19.46 -33.33
C LEU A 270 4.29 -18.93 -32.17
N ASN A 271 3.70 -17.73 -32.35
CA ASN A 271 2.91 -17.07 -31.33
C ASN A 271 1.43 -17.02 -31.73
N LEU A 272 0.62 -17.90 -31.11
CA LEU A 272 -0.81 -17.98 -31.35
C LEU A 272 -1.61 -17.65 -30.07
N SER A 273 -1.06 -16.74 -29.24
CA SER A 273 -1.68 -16.29 -27.99
C SER A 273 -2.92 -15.46 -28.29
N SER A 274 -3.90 -15.49 -27.37
CA SER A 274 -5.15 -14.75 -27.47
C SER A 274 -5.78 -14.82 -28.88
N THR A 275 -6.05 -16.04 -29.35
CA THR A 275 -6.66 -16.27 -30.67
C THR A 275 -7.98 -17.04 -30.54
N SER A 276 -8.48 -17.19 -29.29
CA SER A 276 -9.72 -17.86 -28.89
C SER A 276 -9.85 -19.31 -29.43
N LEU A 277 -8.70 -19.98 -29.62
CA LEU A 277 -8.63 -21.35 -30.13
C LEU A 277 -9.24 -22.36 -29.18
N ARG A 278 -10.06 -23.26 -29.72
CA ARG A 278 -10.72 -24.34 -29.00
C ARG A 278 -10.09 -25.67 -29.42
N LYS A 279 -9.57 -25.73 -30.66
CA LYS A 279 -8.92 -26.89 -31.26
C LYS A 279 -7.67 -26.50 -32.05
N ILE A 280 -6.61 -27.32 -31.94
CA ILE A 280 -5.37 -27.13 -32.67
C ILE A 280 -5.24 -28.29 -33.65
N ASN A 281 -5.18 -27.96 -34.95
CA ASN A 281 -5.01 -28.94 -36.01
C ASN A 281 -3.54 -29.40 -35.99
N ALA A 282 -3.33 -30.73 -35.89
CA ALA A 282 -1.98 -31.32 -35.87
C ALA A 282 -1.25 -31.17 -37.22
N ALA A 283 -2.03 -30.93 -38.31
CA ALA A 283 -1.53 -30.75 -39.67
C ALA A 283 -0.72 -29.45 -39.84
N TRP A 284 -0.93 -28.45 -38.96
CA TRP A 284 -0.21 -27.17 -38.98
C TRP A 284 1.30 -27.35 -38.73
N PHE A 285 1.68 -28.45 -38.05
CA PHE A 285 3.06 -28.77 -37.67
C PHE A 285 3.66 -29.94 -38.47
N LYS A 286 3.01 -30.33 -39.58
CA LYS A 286 3.46 -31.43 -40.46
C LYS A 286 4.81 -31.10 -41.11
N ASN A 287 4.94 -29.88 -41.65
CA ASN A 287 6.18 -29.40 -42.29
C ASN A 287 6.76 -28.28 -41.41
N MET A 288 7.00 -28.61 -40.14
CA MET A 288 7.53 -27.72 -39.12
C MET A 288 8.34 -28.55 -38.09
N PRO A 289 9.50 -29.15 -38.49
CA PRO A 289 10.23 -30.00 -37.53
C PRO A 289 11.23 -29.27 -36.63
N HIS A 290 11.39 -27.96 -36.82
CA HIS A 290 12.35 -27.17 -36.05
C HIS A 290 11.72 -26.26 -35.00
N LEU A 291 10.38 -26.30 -34.83
CA LEU A 291 9.66 -25.46 -33.86
C LEU A 291 10.21 -25.62 -32.45
N LYS A 292 10.82 -24.53 -31.94
CA LYS A 292 11.48 -24.42 -30.65
C LYS A 292 10.56 -23.81 -29.58
N VAL A 293 9.78 -22.77 -29.93
CA VAL A 293 8.88 -22.07 -28.99
C VAL A 293 7.45 -22.00 -29.57
N LEU A 294 6.44 -22.32 -28.74
CA LEU A 294 5.04 -22.27 -29.12
C LEU A 294 4.19 -21.62 -28.02
N ASP A 295 3.58 -20.48 -28.34
CA ASP A 295 2.73 -19.72 -27.42
C ASP A 295 1.26 -19.94 -27.74
N LEU A 296 0.52 -20.50 -26.78
CA LEU A 296 -0.91 -20.78 -26.91
C LEU A 296 -1.72 -20.27 -25.72
N GLU A 297 -1.18 -19.27 -25.01
CA GLU A 297 -1.84 -18.65 -23.85
C GLU A 297 -3.05 -17.79 -24.23
N PHE A 298 -4.00 -17.65 -23.30
CA PHE A 298 -5.25 -16.87 -23.42
C PHE A 298 -6.14 -17.39 -24.55
N ASN A 299 -6.42 -18.70 -24.53
CA ASN A 299 -7.28 -19.40 -25.48
C ASN A 299 -8.28 -20.29 -24.69
N TYR A 300 -8.94 -21.26 -25.33
CA TYR A 300 -9.89 -22.14 -24.67
C TYR A 300 -9.52 -23.60 -24.97
N LEU A 301 -8.22 -23.93 -24.74
CA LEU A 301 -7.63 -25.22 -25.07
C LEU A 301 -7.57 -26.26 -23.94
N VAL A 302 -8.47 -26.18 -22.92
CA VAL A 302 -8.50 -27.17 -21.84
C VAL A 302 -8.70 -28.59 -22.43
N GLY A 303 -9.67 -28.74 -23.33
CA GLY A 303 -9.95 -29.99 -24.03
C GLY A 303 -8.77 -30.51 -24.83
N GLU A 304 -8.01 -29.58 -25.44
CA GLU A 304 -6.81 -29.88 -26.22
C GLU A 304 -5.66 -30.36 -25.33
N ILE A 305 -5.58 -29.85 -24.08
CA ILE A 305 -4.54 -30.25 -23.11
C ILE A 305 -4.81 -31.69 -22.65
N ALA A 306 -6.09 -32.08 -22.56
CA ALA A 306 -6.53 -33.43 -22.15
C ALA A 306 -6.26 -34.47 -23.24
N SER A 307 -6.35 -34.07 -24.52
CA SER A 307 -6.13 -34.93 -25.70
C SER A 307 -5.61 -34.09 -26.87
N GLY A 308 -4.30 -34.05 -27.03
CA GLY A 308 -3.65 -33.26 -28.06
C GLY A 308 -2.85 -34.09 -29.06
N ALA A 309 -3.36 -34.16 -30.30
CA ALA A 309 -2.72 -34.86 -31.40
C ALA A 309 -1.51 -34.08 -31.92
N PHE A 310 -1.53 -32.74 -31.74
CA PHE A 310 -0.46 -31.82 -32.14
C PHE A 310 0.83 -32.03 -31.33
N LEU A 311 0.74 -32.60 -30.12
CA LEU A 311 1.86 -32.86 -29.21
C LEU A 311 2.87 -33.88 -29.75
N THR A 312 2.41 -34.81 -30.60
CA THR A 312 3.25 -35.85 -31.24
C THR A 312 4.01 -35.26 -32.44
N MET A 313 3.59 -34.06 -32.88
CA MET A 313 4.15 -33.33 -34.02
C MET A 313 5.26 -32.37 -33.62
N LEU A 314 5.55 -32.25 -32.30
CA LEU A 314 6.55 -31.30 -31.77
C LEU A 314 7.71 -32.01 -31.01
N PRO A 315 8.62 -32.73 -31.70
CA PRO A 315 9.73 -33.39 -30.97
C PRO A 315 10.91 -32.47 -30.64
N ARG A 316 11.02 -31.32 -31.33
CA ARG A 316 12.11 -30.36 -31.13
C ARG A 316 11.69 -29.10 -30.33
N LEU A 317 10.45 -29.10 -29.79
CA LEU A 317 9.92 -28.00 -29.00
C LEU A 317 10.54 -27.93 -27.61
N GLU A 318 11.02 -26.72 -27.24
CA GLU A 318 11.69 -26.45 -25.97
C GLU A 318 10.80 -25.68 -24.98
N ILE A 319 10.09 -24.63 -25.46
CA ILE A 319 9.21 -23.83 -24.62
C ILE A 319 7.76 -23.94 -25.10
N LEU A 320 6.86 -24.32 -24.18
CA LEU A 320 5.43 -24.44 -24.44
C LEU A 320 4.66 -23.66 -23.39
N ASP A 321 3.84 -22.70 -23.83
CA ASP A 321 3.03 -21.89 -22.94
C ASP A 321 1.54 -22.09 -23.24
N LEU A 322 0.81 -22.65 -22.26
CA LEU A 322 -0.62 -22.92 -22.36
C LEU A 322 -1.36 -22.23 -21.19
N SER A 323 -0.78 -21.12 -20.70
CA SER A 323 -1.30 -20.34 -19.58
C SER A 323 -2.61 -19.63 -19.88
N PHE A 324 -3.47 -19.50 -18.84
CA PHE A 324 -4.78 -18.85 -18.88
C PHE A 324 -5.70 -19.44 -19.97
N ASN A 325 -5.85 -20.77 -19.94
CA ASN A 325 -6.70 -21.53 -20.87
C ASN A 325 -7.97 -22.04 -20.20
N TYR A 326 -8.12 -21.76 -18.88
CA TYR A 326 -9.21 -22.13 -18.00
C TYR A 326 -10.62 -21.95 -18.57
N ILE A 327 -11.56 -22.79 -18.10
CA ILE A 327 -12.97 -22.68 -18.45
C ILE A 327 -13.56 -21.77 -17.36
N LYS A 328 -14.28 -20.73 -17.78
CA LYS A 328 -14.96 -19.75 -16.92
C LYS A 328 -16.01 -20.47 -16.06
N GLY A 329 -15.87 -20.32 -14.74
CA GLY A 329 -16.77 -20.92 -13.75
C GLY A 329 -16.44 -22.36 -13.40
N SER A 330 -15.37 -22.91 -14.01
CA SER A 330 -14.94 -24.29 -13.79
C SER A 330 -13.70 -24.41 -12.90
N TYR A 331 -13.88 -25.01 -11.72
CA TYR A 331 -12.85 -25.26 -10.73
C TYR A 331 -12.74 -26.81 -10.56
N PRO A 332 -12.08 -27.52 -11.51
CA PRO A 332 -11.99 -28.99 -11.41
C PRO A 332 -11.10 -29.50 -10.27
N GLN A 333 -11.23 -30.79 -9.95
CA GLN A 333 -10.47 -31.44 -8.88
C GLN A 333 -9.00 -31.65 -9.25
N HIS A 334 -8.72 -32.03 -10.52
CA HIS A 334 -7.36 -32.30 -11.00
C HIS A 334 -7.10 -31.74 -12.39
N ILE A 335 -5.81 -31.69 -12.78
CA ILE A 335 -5.36 -31.24 -14.11
C ILE A 335 -5.34 -32.45 -15.06
N ASN A 336 -5.94 -32.30 -16.25
CA ASN A 336 -5.99 -33.38 -17.24
C ASN A 336 -4.90 -33.16 -18.29
N ILE A 337 -3.75 -33.84 -18.11
CA ILE A 337 -2.58 -33.78 -18.99
C ILE A 337 -2.58 -35.03 -19.89
N SER A 338 -2.58 -34.82 -21.22
CA SER A 338 -2.57 -35.90 -22.24
C SER A 338 -1.27 -36.70 -22.16
N ARG A 339 -1.35 -38.01 -22.44
CA ARG A 339 -0.17 -38.89 -22.43
C ARG A 339 0.79 -38.53 -23.57
N ASN A 340 0.29 -37.76 -24.57
CA ASN A 340 1.06 -37.27 -25.72
C ASN A 340 2.10 -36.21 -25.31
N PHE A 341 2.09 -35.78 -24.04
CA PHE A 341 3.05 -34.83 -23.48
C PHE A 341 4.43 -35.48 -23.33
N SER A 342 4.48 -36.85 -23.35
CA SER A 342 5.71 -37.63 -23.27
C SER A 342 6.45 -37.65 -24.62
N LYS A 343 5.80 -37.15 -25.69
CA LYS A 343 6.35 -37.07 -27.04
C LYS A 343 7.16 -35.76 -27.24
N LEU A 344 7.13 -34.85 -26.26
CA LEU A 344 7.87 -33.57 -26.28
C LEU A 344 9.25 -33.79 -25.65
N LEU A 345 10.09 -34.59 -26.33
CA LEU A 345 11.44 -34.98 -25.91
C LEU A 345 12.41 -33.83 -25.65
N SER A 346 12.28 -32.72 -26.40
CA SER A 346 13.18 -31.57 -26.28
C SER A 346 12.72 -30.50 -25.29
N LEU A 347 11.50 -30.64 -24.73
CA LEU A 347 10.88 -29.69 -23.80
C LEU A 347 11.77 -29.37 -22.60
N ARG A 348 11.97 -28.07 -22.35
CA ARG A 348 12.78 -27.51 -21.28
C ARG A 348 11.90 -26.74 -20.30
N ALA A 349 10.88 -26.05 -20.81
CA ALA A 349 9.96 -25.22 -20.02
C ALA A 349 8.49 -25.50 -20.35
N LEU A 350 7.67 -25.69 -19.31
CA LEU A 350 6.23 -25.87 -19.45
C LEU A 350 5.52 -24.84 -18.59
N HIS A 351 4.72 -23.98 -19.24
CA HIS A 351 3.98 -22.92 -18.57
C HIS A 351 2.48 -23.25 -18.58
N LEU A 352 1.95 -23.62 -17.41
CA LEU A 352 0.55 -24.00 -17.24
C LEU A 352 -0.17 -23.16 -16.17
N ARG A 353 0.01 -21.84 -16.22
CA ARG A 353 -0.64 -20.92 -15.29
C ARG A 353 -2.10 -20.78 -15.69
N GLY A 354 -2.93 -20.33 -14.75
CA GLY A 354 -4.35 -20.07 -14.99
C GLY A 354 -5.15 -21.16 -15.67
N TYR A 355 -4.88 -22.44 -15.35
CA TYR A 355 -5.64 -23.59 -15.84
C TYR A 355 -6.79 -23.73 -14.85
N VAL A 356 -6.51 -23.41 -13.57
CA VAL A 356 -7.41 -23.41 -12.40
C VAL A 356 -7.89 -24.82 -12.07
N PHE A 357 -7.33 -25.40 -10.99
CA PHE A 357 -7.65 -26.75 -10.46
C PHE A 357 -7.36 -26.82 -8.96
N GLN A 358 -8.07 -27.72 -8.25
CA GLN A 358 -8.01 -27.87 -6.79
C GLN A 358 -6.84 -28.70 -6.24
N GLU A 359 -6.57 -29.87 -6.82
CA GLU A 359 -5.54 -30.80 -6.32
C GLU A 359 -4.62 -31.33 -7.43
N LEU A 360 -3.31 -31.43 -7.13
CA LEU A 360 -2.30 -31.98 -8.02
C LEU A 360 -1.76 -33.29 -7.43
N ARG A 361 -1.99 -34.42 -8.14
CA ARG A 361 -1.56 -35.75 -7.72
C ARG A 361 -0.34 -36.21 -8.55
N GLU A 362 0.33 -37.28 -8.08
CA GLU A 362 1.50 -37.88 -8.73
C GLU A 362 1.13 -38.44 -10.12
N ASP A 363 -0.05 -39.09 -10.23
CA ASP A 363 -0.56 -39.68 -11.46
C ASP A 363 -0.89 -38.67 -12.57
N ASP A 364 -1.29 -37.45 -12.19
CA ASP A 364 -1.65 -36.38 -13.15
C ASP A 364 -0.47 -35.91 -14.00
N PHE A 365 0.74 -35.88 -13.41
CA PHE A 365 1.97 -35.44 -14.07
C PHE A 365 2.87 -36.60 -14.55
N GLN A 366 2.28 -37.80 -14.79
CA GLN A 366 2.97 -38.99 -15.29
C GLN A 366 3.58 -38.80 -16.70
N PRO A 367 2.92 -38.12 -17.69
CA PRO A 367 3.55 -37.98 -19.02
C PRO A 367 4.80 -37.12 -19.05
N LEU A 368 4.90 -36.13 -18.14
CA LEU A 368 6.02 -35.20 -18.07
C LEU A 368 7.25 -35.78 -17.38
N MET A 369 7.07 -36.83 -16.56
CA MET A 369 8.13 -37.49 -15.79
C MET A 369 9.18 -38.18 -16.65
N GLN A 370 8.83 -38.53 -17.90
CA GLN A 370 9.71 -39.21 -18.85
C GLN A 370 10.54 -38.24 -19.73
N LEU A 371 10.30 -36.92 -19.59
CA LEU A 371 11.00 -35.88 -20.35
C LEU A 371 12.38 -35.55 -19.76
N PRO A 372 13.49 -35.79 -20.52
CA PRO A 372 14.83 -35.58 -19.96
C PRO A 372 15.30 -34.14 -19.75
N ASN A 373 14.93 -33.20 -20.64
CA ASN A 373 15.36 -31.80 -20.57
C ASN A 373 14.44 -30.88 -19.75
N LEU A 374 13.25 -31.36 -19.32
CA LEU A 374 12.29 -30.54 -18.56
C LEU A 374 12.86 -30.05 -17.22
N SER A 375 13.27 -28.78 -17.21
CA SER A 375 13.87 -28.12 -16.05
C SER A 375 12.95 -27.12 -15.37
N THR A 376 12.01 -26.51 -16.10
CA THR A 376 11.10 -25.51 -15.56
C THR A 376 9.62 -25.90 -15.68
N ILE A 377 8.90 -25.83 -14.55
CA ILE A 377 7.46 -26.07 -14.45
C ILE A 377 6.80 -24.83 -13.81
N ASN A 378 5.92 -24.16 -14.56
CA ASN A 378 5.21 -22.97 -14.11
C ASN A 378 3.74 -23.27 -13.85
N LEU A 379 3.37 -23.34 -12.56
CA LEU A 379 2.01 -23.63 -12.12
C LEU A 379 1.42 -22.48 -11.26
N GLY A 380 1.89 -21.26 -11.53
CA GLY A 380 1.44 -20.04 -10.85
C GLY A 380 0.02 -19.65 -11.20
N ILE A 381 -0.71 -19.04 -10.25
CA ILE A 381 -2.10 -18.57 -10.41
C ILE A 381 -3.02 -19.74 -10.90
N ASN A 382 -3.07 -20.83 -10.11
CA ASN A 382 -3.90 -22.00 -10.43
C ASN A 382 -4.84 -22.36 -9.28
N PHE A 383 -4.67 -21.65 -8.13
CA PHE A 383 -5.44 -21.78 -6.89
C PHE A 383 -5.43 -23.19 -6.31
N ILE A 384 -4.34 -23.96 -6.53
CA ILE A 384 -4.19 -25.33 -6.04
C ILE A 384 -4.15 -25.36 -4.51
N LYS A 385 -5.09 -26.11 -3.91
CA LYS A 385 -5.23 -26.26 -2.45
C LYS A 385 -4.26 -27.29 -1.88
N GLN A 386 -4.00 -28.38 -2.62
CA GLN A 386 -3.15 -29.48 -2.19
C GLN A 386 -2.28 -30.05 -3.32
N ILE A 387 -0.98 -30.25 -3.05
CA ILE A 387 -0.03 -30.83 -4.00
C ILE A 387 0.71 -32.01 -3.34
N ASP A 388 0.77 -33.16 -4.04
CA ASP A 388 1.50 -34.33 -3.57
C ASP A 388 2.96 -34.11 -3.99
N PHE A 389 3.70 -33.30 -3.20
CA PHE A 389 5.11 -32.89 -3.42
C PHE A 389 6.09 -34.03 -3.74
N LYS A 390 5.68 -35.30 -3.54
CA LYS A 390 6.47 -36.50 -3.85
C LYS A 390 6.63 -36.68 -5.37
N LEU A 391 5.75 -36.06 -6.18
CA LEU A 391 5.79 -36.15 -7.64
C LEU A 391 6.97 -35.40 -8.28
N PHE A 392 7.56 -34.42 -7.57
CA PHE A 392 8.66 -33.62 -8.12
C PHE A 392 10.02 -34.33 -8.10
N GLN A 393 10.19 -35.35 -7.22
CA GLN A 393 11.44 -36.13 -7.18
C GLN A 393 11.44 -37.24 -8.24
N ASN A 394 10.30 -37.40 -8.96
CA ASN A 394 10.13 -38.36 -10.06
C ASN A 394 10.81 -37.84 -11.33
N PHE A 395 10.94 -36.51 -11.46
CA PHE A 395 11.54 -35.83 -12.61
C PHE A 395 13.05 -36.01 -12.67
N SER A 396 13.58 -36.14 -13.91
CA SER A 396 14.99 -36.36 -14.21
C SER A 396 15.89 -35.14 -13.99
N ASN A 397 15.54 -33.97 -14.57
CA ASN A 397 16.35 -32.75 -14.48
C ASN A 397 15.55 -31.50 -14.09
N LEU A 398 14.73 -31.57 -13.03
CA LEU A 398 13.94 -30.42 -12.56
C LEU A 398 14.81 -29.41 -11.83
N GLU A 399 14.78 -28.14 -12.28
CA GLU A 399 15.58 -27.05 -11.71
C GLU A 399 14.70 -25.94 -11.11
N ILE A 400 13.56 -25.63 -11.74
CA ILE A 400 12.62 -24.59 -11.30
C ILE A 400 11.20 -25.15 -11.13
N ILE A 401 10.70 -25.11 -9.89
CA ILE A 401 9.33 -25.53 -9.53
C ILE A 401 8.61 -24.25 -9.05
N TYR A 402 7.87 -23.60 -9.96
CA TYR A 402 7.16 -22.36 -9.68
C TYR A 402 5.69 -22.58 -9.34
N LEU A 403 5.36 -22.51 -8.03
CA LEU A 403 4.00 -22.72 -7.50
C LEU A 403 3.46 -21.46 -6.79
N SER A 404 3.89 -20.26 -7.21
CA SER A 404 3.46 -18.99 -6.64
C SER A 404 1.98 -18.66 -6.92
N GLU A 405 1.37 -17.82 -6.07
CA GLU A 405 -0.03 -17.37 -6.16
C GLU A 405 -1.05 -18.55 -6.20
N ASN A 406 -0.79 -19.58 -5.38
CA ASN A 406 -1.67 -20.75 -5.25
C ASN A 406 -2.31 -20.73 -3.84
N ARG A 407 -2.90 -21.86 -3.40
CA ARG A 407 -3.58 -21.93 -2.10
C ARG A 407 -3.04 -23.02 -1.17
N ILE A 408 -1.72 -23.31 -1.25
CA ILE A 408 -1.10 -24.32 -0.39
C ILE A 408 -1.10 -23.80 1.05
N SER A 409 -1.73 -24.55 1.95
CA SER A 409 -1.90 -24.24 3.37
C SER A 409 -0.97 -25.10 4.24
N PRO A 410 -0.89 -24.91 5.60
CA PRO A 410 0.02 -25.74 6.40
C PRO A 410 -0.31 -27.23 6.36
N LEU A 411 0.72 -28.03 6.05
CA LEU A 411 0.63 -29.48 5.93
C LEU A 411 0.86 -30.13 7.29
N VAL A 412 -0.23 -30.58 7.93
CA VAL A 412 -0.23 -31.22 9.25
C VAL A 412 -0.48 -32.73 9.17
N LYS A 413 -0.20 -33.46 10.27
CA LYS A 413 -0.36 -34.92 10.37
C LYS A 413 -1.81 -35.38 10.21
N PHE A 439 3.53 1.78 -20.85
CA PHE A 439 4.06 0.52 -21.38
C PHE A 439 4.89 0.74 -22.66
N ASP A 440 5.77 -0.23 -22.99
CA ASP A 440 6.58 -0.16 -24.21
C ASP A 440 6.06 -1.10 -25.31
N PRO A 441 6.06 -0.66 -26.59
CA PRO A 441 5.55 -1.53 -27.67
C PRO A 441 6.44 -2.73 -27.98
N HIS A 442 7.76 -2.61 -27.73
CA HIS A 442 8.76 -3.64 -27.97
C HIS A 442 8.80 -4.68 -26.82
N SER A 443 7.63 -5.10 -26.34
CA SER A 443 7.52 -6.06 -25.23
C SER A 443 6.63 -7.25 -25.55
N ASN A 444 6.96 -8.41 -24.95
CA ASN A 444 6.18 -9.64 -25.07
C ASN A 444 5.00 -9.44 -24.12
N PHE A 445 3.82 -9.16 -24.67
CA PHE A 445 2.61 -8.88 -23.88
C PHE A 445 1.92 -10.09 -23.28
N TYR A 446 2.02 -11.27 -23.94
CA TYR A 446 1.33 -12.47 -23.48
C TYR A 446 2.19 -13.47 -22.68
N HIS A 447 3.53 -13.42 -22.83
CA HIS A 447 4.45 -14.31 -22.12
C HIS A 447 5.33 -13.51 -21.18
N PHE A 448 5.60 -14.04 -19.97
CA PHE A 448 6.47 -13.37 -19.00
C PHE A 448 7.95 -13.63 -19.26
N THR A 449 8.68 -12.56 -19.64
CA THR A 449 10.11 -12.56 -19.96
C THR A 449 10.98 -12.60 -18.71
N ARG A 450 10.49 -11.99 -17.60
CA ARG A 450 11.22 -11.93 -16.32
C ARG A 450 11.50 -13.35 -15.77
N PRO A 451 12.70 -13.60 -15.17
CA PRO A 451 12.96 -14.93 -14.61
C PRO A 451 11.99 -15.23 -13.47
N LEU A 452 11.45 -16.46 -13.44
CA LEU A 452 10.47 -16.90 -12.43
C LEU A 452 11.01 -16.81 -11.01
N ILE A 453 12.28 -17.22 -10.82
CA ILE A 453 13.01 -17.16 -9.55
C ILE A 453 14.19 -16.21 -9.80
N LYS A 454 14.58 -15.42 -8.79
CA LYS A 454 15.73 -14.52 -8.89
C LYS A 454 16.97 -15.36 -9.29
N PRO A 455 17.76 -14.92 -10.31
CA PRO A 455 18.93 -15.71 -10.72
C PRO A 455 19.94 -16.04 -9.60
N GLN A 456 20.06 -15.18 -8.57
CA GLN A 456 20.95 -15.36 -7.41
C GLN A 456 20.48 -16.53 -6.54
N CYS A 457 19.15 -16.77 -6.49
CA CYS A 457 18.56 -17.89 -5.75
C CYS A 457 18.74 -19.16 -6.55
N ALA A 458 18.24 -19.16 -7.80
CA ALA A 458 18.28 -20.28 -8.75
C ALA A 458 19.68 -20.83 -9.05
N ALA A 459 20.73 -19.98 -8.96
CA ALA A 459 22.13 -20.36 -9.21
C ALA A 459 22.67 -21.42 -8.24
N TYR A 460 22.16 -21.43 -6.99
CA TYR A 460 22.59 -22.37 -5.95
C TYR A 460 22.17 -23.81 -6.20
N GLY A 461 21.07 -24.00 -6.92
CA GLY A 461 20.55 -25.33 -7.26
C GLY A 461 19.06 -25.37 -7.53
N LYS A 462 18.41 -26.47 -7.10
CA LYS A 462 16.96 -26.70 -7.27
C LYS A 462 16.13 -25.65 -6.54
N ALA A 463 15.34 -24.88 -7.30
CA ALA A 463 14.50 -23.80 -6.80
C ALA A 463 13.03 -24.21 -6.67
N LEU A 464 12.40 -23.81 -5.56
CA LEU A 464 10.99 -24.05 -5.28
C LEU A 464 10.37 -22.75 -4.80
N ASP A 465 9.33 -22.27 -5.50
CA ASP A 465 8.67 -21.01 -5.16
C ASP A 465 7.27 -21.24 -4.63
N LEU A 466 7.10 -21.16 -3.30
CA LEU A 466 5.81 -21.33 -2.64
C LEU A 466 5.31 -19.98 -2.09
N SER A 467 5.68 -18.88 -2.74
CA SER A 467 5.27 -17.52 -2.34
C SER A 467 3.81 -17.23 -2.69
N LEU A 468 3.20 -16.28 -1.96
CA LEU A 468 1.81 -15.83 -2.11
C LEU A 468 0.80 -17.00 -2.02
N ASN A 469 1.00 -17.88 -1.02
CA ASN A 469 0.14 -19.03 -0.73
C ASN A 469 -0.56 -18.82 0.63
N SER A 470 -1.10 -19.91 1.21
CA SER A 470 -1.85 -19.89 2.47
C SER A 470 -1.07 -20.51 3.65
N ILE A 471 0.28 -20.55 3.55
CA ILE A 471 1.15 -21.13 4.59
C ILE A 471 1.28 -20.11 5.74
N PHE A 472 0.28 -20.08 6.63
CA PHE A 472 0.24 -19.15 7.77
C PHE A 472 1.12 -19.61 8.96
N PHE A 473 1.68 -20.84 8.86
CA PHE A 473 2.66 -21.47 9.75
C PHE A 473 3.28 -22.68 9.04
N ILE A 474 4.53 -23.02 9.36
CA ILE A 474 5.23 -24.14 8.75
C ILE A 474 4.84 -25.46 9.47
N GLY A 475 4.08 -26.30 8.76
CA GLY A 475 3.62 -27.59 9.26
C GLY A 475 4.72 -28.63 9.40
N PRO A 476 4.51 -29.70 10.21
CA PRO A 476 5.55 -30.72 10.35
C PRO A 476 5.83 -31.55 9.08
N ASN A 477 4.83 -31.61 8.17
CA ASN A 477 4.91 -32.35 6.91
C ASN A 477 4.88 -31.41 5.70
N GLN A 478 5.25 -30.13 5.91
CA GLN A 478 5.27 -29.07 4.89
C GLN A 478 6.21 -29.37 3.73
N PHE A 479 7.38 -29.95 4.01
CA PHE A 479 8.40 -30.27 3.01
C PHE A 479 8.60 -31.79 2.84
N GLU A 480 7.55 -32.58 3.11
CA GLU A 480 7.54 -34.04 3.02
C GLU A 480 7.77 -34.52 1.58
N ASN A 481 8.72 -35.48 1.42
CA ASN A 481 9.13 -36.11 0.15
C ASN A 481 9.47 -35.08 -0.94
N LEU A 482 10.31 -34.11 -0.60
CA LEU A 482 10.74 -33.01 -1.47
C LEU A 482 12.17 -33.25 -1.99
N PRO A 483 12.50 -32.85 -3.26
CA PRO A 483 13.88 -33.05 -3.75
C PRO A 483 14.88 -32.13 -3.02
N ASP A 484 16.18 -32.28 -3.30
CA ASP A 484 17.24 -31.50 -2.66
C ASP A 484 17.21 -30.02 -3.09
N ILE A 485 16.31 -29.26 -2.44
CA ILE A 485 16.06 -27.84 -2.68
C ILE A 485 17.22 -27.03 -2.09
N ALA A 486 17.79 -26.12 -2.89
CA ALA A 486 18.88 -25.24 -2.49
C ALA A 486 18.38 -23.79 -2.45
N CYS A 487 17.22 -23.54 -3.08
CA CYS A 487 16.60 -22.22 -3.19
C CYS A 487 15.10 -22.31 -2.86
N LEU A 488 14.65 -21.61 -1.80
CA LEU A 488 13.25 -21.64 -1.41
C LEU A 488 12.66 -20.24 -1.21
N ASN A 489 11.45 -20.01 -1.77
CA ASN A 489 10.73 -18.74 -1.63
C ASN A 489 9.41 -18.95 -0.89
N LEU A 490 9.31 -18.36 0.30
CA LEU A 490 8.11 -18.41 1.14
C LEU A 490 7.60 -16.99 1.44
N SER A 491 7.87 -16.05 0.50
CA SER A 491 7.45 -14.66 0.59
C SER A 491 5.93 -14.50 0.60
N ALA A 492 5.43 -13.45 1.30
CA ALA A 492 4.02 -13.06 1.42
C ALA A 492 3.05 -14.25 1.65
N ASN A 493 3.36 -15.07 2.64
CA ASN A 493 2.52 -16.21 3.05
C ASN A 493 1.81 -15.90 4.36
N SER A 494 2.13 -14.72 4.96
CA SER A 494 1.68 -14.22 6.27
C SER A 494 2.05 -15.22 7.36
N ASN A 495 3.20 -15.90 7.19
CA ASN A 495 3.72 -16.97 8.04
C ASN A 495 4.12 -16.45 9.41
N ALA A 496 3.36 -16.83 10.45
CA ALA A 496 3.62 -16.41 11.83
C ALA A 496 4.27 -17.52 12.68
N GLN A 497 5.12 -18.34 12.04
CA GLN A 497 5.83 -19.46 12.65
C GLN A 497 6.88 -19.03 13.66
N VAL A 498 6.93 -19.73 14.80
CA VAL A 498 7.95 -19.50 15.82
C VAL A 498 9.04 -20.51 15.47
N LEU A 499 10.09 -20.03 14.75
CA LEU A 499 11.22 -20.84 14.28
C LEU A 499 12.03 -21.42 15.44
N SER A 500 12.14 -22.76 15.48
CA SER A 500 12.81 -23.50 16.53
C SER A 500 13.97 -24.39 16.05
N GLY A 501 13.98 -24.73 14.76
CA GLY A 501 15.01 -25.57 14.16
C GLY A 501 14.53 -26.99 13.90
N THR A 502 13.25 -27.11 13.51
CA THR A 502 12.56 -28.39 13.23
C THR A 502 11.73 -28.27 11.95
N GLU A 503 11.40 -27.02 11.57
CA GLU A 503 10.56 -26.62 10.43
C GLU A 503 11.11 -27.03 9.06
N PHE A 504 12.39 -26.73 8.79
CA PHE A 504 13.05 -27.00 7.51
C PHE A 504 13.97 -28.24 7.57
N SER A 505 13.59 -29.25 8.36
CA SER A 505 14.34 -30.49 8.54
C SER A 505 14.40 -31.38 7.30
N ALA A 506 13.28 -31.45 6.54
CA ALA A 506 13.17 -32.28 5.34
C ALA A 506 14.05 -31.81 4.17
N ILE A 507 14.37 -30.50 4.12
CA ILE A 507 15.24 -29.90 3.11
C ILE A 507 16.38 -29.13 3.80
N PRO A 508 17.40 -29.82 4.35
CA PRO A 508 18.46 -29.11 5.10
C PRO A 508 19.65 -28.64 4.27
N HIS A 509 19.48 -28.55 2.93
CA HIS A 509 20.54 -28.11 2.03
C HIS A 509 20.21 -26.79 1.31
N VAL A 510 19.29 -25.98 1.90
CA VAL A 510 18.88 -24.69 1.37
C VAL A 510 20.01 -23.67 1.60
N LYS A 511 20.53 -23.10 0.51
CA LYS A 511 21.61 -22.13 0.51
C LYS A 511 21.07 -20.70 0.43
N TYR A 512 19.89 -20.54 -0.20
CA TYR A 512 19.20 -19.26 -0.36
C TYR A 512 17.75 -19.43 0.10
N LEU A 513 17.34 -18.65 1.10
CA LEU A 513 15.99 -18.70 1.65
C LEU A 513 15.32 -17.32 1.71
N ASP A 514 14.22 -17.16 0.97
CA ASP A 514 13.46 -15.93 0.96
C ASP A 514 12.25 -16.10 1.88
N LEU A 515 12.23 -15.33 2.98
CA LEU A 515 11.18 -15.36 4.00
C LEU A 515 10.55 -13.96 4.18
N THR A 516 10.62 -13.13 3.13
CA THR A 516 10.12 -11.75 3.12
C THR A 516 8.59 -11.65 3.27
N ASN A 517 8.12 -10.50 3.80
CA ASN A 517 6.69 -10.14 3.98
C ASN A 517 5.90 -11.19 4.78
N ASN A 518 6.50 -11.69 5.87
CA ASN A 518 5.88 -12.66 6.78
C ASN A 518 5.78 -12.10 8.21
N ARG A 519 5.26 -12.89 9.16
CA ARG A 519 5.11 -12.48 10.56
C ARG A 519 5.92 -13.41 11.50
N LEU A 520 7.09 -13.85 11.01
CA LEU A 520 8.00 -14.78 11.67
C LEU A 520 8.63 -14.30 12.99
N ASP A 521 8.90 -15.28 13.87
CA ASP A 521 9.54 -15.12 15.17
C ASP A 521 10.84 -15.93 15.13
N PHE A 522 11.98 -15.22 15.12
CA PHE A 522 13.32 -15.83 15.10
C PHE A 522 14.13 -15.47 16.36
N ASP A 523 13.42 -15.31 17.51
CA ASP A 523 14.03 -14.99 18.80
C ASP A 523 14.78 -16.18 19.40
N ASN A 524 14.36 -17.41 19.06
CA ASN A 524 15.00 -18.65 19.55
C ASN A 524 16.39 -18.75 18.91
N ALA A 525 17.40 -19.11 19.72
CA ALA A 525 18.79 -19.25 19.27
C ALA A 525 18.99 -20.36 18.23
N SER A 526 18.12 -21.38 18.25
CA SER A 526 18.17 -22.51 17.33
C SER A 526 17.32 -22.30 16.05
N ALA A 527 16.88 -21.05 15.80
CA ALA A 527 16.08 -20.71 14.62
C ALA A 527 16.90 -20.83 13.32
N LEU A 528 16.38 -21.63 12.36
CA LEU A 528 16.95 -21.91 11.03
C LEU A 528 18.32 -22.64 11.05
N THR A 529 18.78 -23.10 12.24
CA THR A 529 20.08 -23.78 12.42
C THR A 529 20.16 -25.16 11.73
N GLU A 530 19.01 -25.73 11.30
CA GLU A 530 18.97 -27.01 10.57
C GLU A 530 19.52 -26.85 9.14
N LEU A 531 19.55 -25.59 8.64
CA LEU A 531 20.05 -25.21 7.32
C LEU A 531 21.51 -24.74 7.47
N SER A 532 22.42 -25.70 7.71
CA SER A 532 23.85 -25.48 7.90
C SER A 532 24.57 -24.84 6.71
N ASP A 533 24.11 -25.13 5.47
CA ASP A 533 24.69 -24.62 4.23
C ASP A 533 24.11 -23.29 3.76
N LEU A 534 23.25 -22.66 4.58
CA LEU A 534 22.60 -21.37 4.28
C LEU A 534 23.63 -20.26 4.10
N GLU A 535 23.56 -19.56 2.96
CA GLU A 535 24.46 -18.46 2.60
C GLU A 535 23.71 -17.13 2.52
N VAL A 536 22.46 -17.15 2.02
CA VAL A 536 21.63 -15.95 1.89
C VAL A 536 20.29 -16.14 2.61
N LEU A 537 19.95 -15.20 3.52
CA LEU A 537 18.69 -15.17 4.27
C LEU A 537 18.03 -13.81 4.12
N ASP A 538 16.84 -13.77 3.51
CA ASP A 538 16.08 -12.54 3.29
C ASP A 538 14.83 -12.48 4.17
N LEU A 539 14.91 -11.72 5.27
CA LEU A 539 13.83 -11.53 6.23
C LEU A 539 13.23 -10.11 6.12
N SER A 540 13.27 -9.51 4.91
CA SER A 540 12.75 -8.16 4.66
C SER A 540 11.24 -8.02 4.93
N TYR A 541 10.84 -6.87 5.49
CA TYR A 541 9.46 -6.48 5.82
C TYR A 541 8.76 -7.43 6.81
N ASN A 542 9.54 -8.16 7.65
CA ASN A 542 9.00 -9.07 8.66
CA ASN A 542 8.99 -9.06 8.65
C ASN A 542 8.50 -8.30 9.87
N SER A 543 7.23 -8.49 10.25
CA SER A 543 6.64 -7.82 11.40
C SER A 543 6.32 -8.85 12.50
N HIS A 544 7.09 -8.81 13.60
CA HIS A 544 6.97 -9.70 14.74
C HIS A 544 5.55 -9.62 15.32
N TYR A 545 4.84 -10.77 15.31
CA TYR A 545 3.45 -10.88 15.77
C TYR A 545 3.36 -11.15 17.28
N PHE A 546 4.48 -11.60 17.90
CA PHE A 546 4.53 -11.97 19.32
C PHE A 546 5.74 -11.36 20.06
N ARG A 547 5.72 -10.02 20.22
CA ARG A 547 6.80 -9.28 20.89
CA ARG A 547 6.80 -9.28 20.89
C ARG A 547 6.83 -9.53 22.41
N ILE A 548 8.01 -9.89 22.95
CA ILE A 548 8.24 -10.14 24.37
C ILE A 548 9.32 -9.18 24.87
N ALA A 549 9.00 -8.36 25.89
CA ALA A 549 9.96 -7.41 26.47
C ALA A 549 11.04 -8.16 27.23
N GLY A 550 12.28 -7.97 26.80
CA GLY A 550 13.44 -8.65 27.35
C GLY A 550 13.89 -9.83 26.53
N VAL A 551 13.16 -10.14 25.42
CA VAL A 551 13.47 -11.23 24.48
C VAL A 551 13.52 -10.71 23.02
N THR A 552 12.49 -9.97 22.59
CA THR A 552 12.41 -9.43 21.23
C THR A 552 13.22 -8.11 21.16
N HIS A 553 14.19 -7.98 20.22
CA HIS A 553 14.63 -8.95 19.21
C HIS A 553 15.87 -9.71 19.70
N HIS A 554 15.94 -11.02 19.45
CA HIS A 554 17.07 -11.85 19.83
C HIS A 554 17.68 -12.42 18.55
N LEU A 555 18.83 -11.87 18.13
CA LEU A 555 19.52 -12.23 16.89
C LEU A 555 20.71 -13.19 17.11
N GLU A 556 20.60 -14.06 18.14
CA GLU A 556 21.61 -15.05 18.52
C GLU A 556 21.80 -16.16 17.48
N PHE A 557 20.73 -16.46 16.69
CA PHE A 557 20.71 -17.52 15.69
C PHE A 557 21.76 -17.39 14.57
N ILE A 558 22.09 -16.15 14.17
CA ILE A 558 23.05 -15.82 13.11
C ILE A 558 24.48 -16.34 13.41
N GLN A 559 24.86 -16.38 14.70
CA GLN A 559 26.17 -16.85 15.19
C GLN A 559 26.48 -18.30 14.80
N ASN A 560 25.47 -19.19 14.90
CA ASN A 560 25.58 -20.63 14.62
C ASN A 560 25.91 -20.97 13.16
N PHE A 561 25.60 -20.07 12.22
CA PHE A 561 25.86 -20.29 10.79
C PHE A 561 27.34 -20.14 10.42
N THR A 562 27.89 -21.18 9.78
CA THR A 562 29.29 -21.24 9.33
C THR A 562 29.48 -20.75 7.89
N ASN A 563 28.38 -20.56 7.13
CA ASN A 563 28.44 -20.15 5.73
C ASN A 563 27.54 -18.96 5.35
N LEU A 564 26.77 -18.40 6.31
CA LEU A 564 25.88 -17.26 6.03
C LEU A 564 26.70 -16.02 5.63
N LYS A 565 26.60 -15.63 4.35
CA LYS A 565 27.33 -14.51 3.76
C LYS A 565 26.49 -13.23 3.67
N VAL A 566 25.20 -13.36 3.27
CA VAL A 566 24.27 -12.24 3.07
C VAL A 566 23.04 -12.39 3.98
N LEU A 567 22.70 -11.33 4.73
CA LEU A 567 21.53 -11.29 5.60
C LEU A 567 20.80 -9.95 5.43
N ASN A 568 19.49 -10.02 5.21
CA ASN A 568 18.67 -8.84 5.02
C ASN A 568 17.48 -8.80 6.00
N LEU A 569 17.63 -8.02 7.09
CA LEU A 569 16.55 -7.84 8.06
C LEU A 569 16.00 -6.40 7.97
N SER A 570 15.83 -5.92 6.72
CA SER A 570 15.30 -4.60 6.46
C SER A 570 13.80 -4.50 6.75
N HIS A 571 13.36 -3.32 7.23
CA HIS A 571 11.97 -2.99 7.56
C HIS A 571 11.34 -4.00 8.54
N ASN A 572 12.14 -4.44 9.52
CA ASN A 572 11.77 -5.38 10.58
C ASN A 572 11.29 -4.63 11.83
N ASN A 573 11.52 -3.29 11.87
CA ASN A 573 11.17 -2.38 12.97
C ASN A 573 11.88 -2.83 14.27
N ILE A 574 13.22 -2.93 14.20
CA ILE A 574 14.05 -3.33 15.33
C ILE A 574 14.46 -2.09 16.13
N TYR A 575 13.84 -1.93 17.31
CA TYR A 575 14.10 -0.84 18.25
C TYR A 575 14.59 -1.39 19.58
N THR A 576 14.47 -2.73 19.78
CA THR A 576 14.88 -3.45 20.98
C THR A 576 15.73 -4.67 20.66
N LEU A 577 16.86 -4.82 21.36
CA LEU A 577 17.76 -5.96 21.23
C LEU A 577 18.01 -6.53 22.60
N THR A 578 18.13 -7.86 22.70
CA THR A 578 18.30 -8.50 24.00
C THR A 578 19.51 -9.45 24.04
N ASP A 579 20.32 -9.44 22.96
CA ASP A 579 21.55 -10.24 22.85
C ASP A 579 22.55 -9.69 23.87
N LYS A 580 22.61 -10.35 25.06
CA LYS A 580 23.47 -9.99 26.20
C LYS A 580 24.93 -9.79 25.81
N TYR A 581 25.41 -10.59 24.84
CA TYR A 581 26.78 -10.53 24.30
C TYR A 581 26.73 -10.34 22.78
N ASN A 582 27.41 -9.29 22.29
CA ASN A 582 27.46 -8.93 20.86
C ASN A 582 28.63 -9.65 20.16
N LEU A 583 28.49 -10.21 18.93
CA LEU A 583 27.35 -10.41 18.00
C LEU A 583 27.95 -11.25 16.84
N GLU A 584 29.08 -11.92 17.13
CA GLU A 584 29.96 -12.76 16.29
C GLU A 584 29.33 -13.51 15.12
N SER A 585 30.03 -13.50 13.98
CA SER A 585 29.73 -14.20 12.72
C SER A 585 30.93 -14.07 11.78
N LYS A 586 31.68 -15.17 11.64
CA LYS A 586 32.87 -15.27 10.81
C LYS A 586 32.56 -15.86 9.43
N SER A 587 31.58 -15.26 8.74
CA SER A 587 31.13 -15.67 7.40
C SER A 587 30.36 -14.56 6.69
N LEU A 588 29.64 -13.72 7.46
CA LEU A 588 28.83 -12.62 6.93
C LEU A 588 29.66 -11.49 6.34
N VAL A 589 29.40 -11.17 5.07
CA VAL A 589 30.07 -10.11 4.31
C VAL A 589 29.13 -8.94 4.02
N GLU A 590 27.81 -9.15 4.15
CA GLU A 590 26.80 -8.14 3.87
C GLU A 590 25.60 -8.18 4.82
N LEU A 591 25.29 -7.03 5.44
CA LEU A 591 24.14 -6.88 6.33
C LEU A 591 23.26 -5.69 5.90
N VAL A 592 21.96 -5.93 5.72
CA VAL A 592 20.98 -4.87 5.37
C VAL A 592 20.10 -4.65 6.61
N PHE A 593 20.36 -3.55 7.32
CA PHE A 593 19.65 -3.16 8.54
C PHE A 593 18.82 -1.88 8.28
N SER A 594 18.39 -1.69 7.03
CA SER A 594 17.60 -0.53 6.63
C SER A 594 16.15 -0.59 7.12
N GLY A 595 15.54 0.57 7.33
CA GLY A 595 14.15 0.66 7.79
C GLY A 595 13.90 0.15 9.20
N ASN A 596 14.93 0.24 10.07
CA ASN A 596 14.85 -0.17 11.46
C ASN A 596 14.93 1.07 12.37
N ARG A 597 15.10 0.90 13.69
CA ARG A 597 15.16 2.05 14.58
C ARG A 597 16.51 2.15 15.33
N LEU A 598 17.60 2.40 14.59
CA LEU A 598 18.94 2.57 15.16
C LEU A 598 19.03 3.83 16.01
N ASP A 599 18.18 4.82 15.71
CA ASP A 599 18.06 6.08 16.45
C ASP A 599 17.69 5.78 17.91
N ILE A 600 16.70 4.88 18.15
CA ILE A 600 16.27 4.44 19.48
C ILE A 600 17.38 3.63 20.15
N LEU A 601 17.98 2.67 19.42
CA LEU A 601 19.06 1.79 19.88
C LEU A 601 20.31 2.57 20.34
N TRP A 602 20.74 3.56 19.55
CA TRP A 602 21.94 4.36 19.87
C TRP A 602 21.66 5.57 20.80
N ASN A 603 20.38 5.95 20.97
CA ASN A 603 19.98 7.05 21.87
C ASN A 603 19.75 6.53 23.30
N ASP A 604 19.96 5.21 23.53
CA ASP A 604 19.80 4.51 24.80
C ASP A 604 20.63 5.18 25.90
N ASP A 605 19.97 5.46 27.05
CA ASP A 605 20.56 6.12 28.22
C ASP A 605 21.69 5.30 28.86
N ASP A 606 21.59 3.96 28.78
CA ASP A 606 22.57 3.03 29.33
C ASP A 606 23.69 2.68 28.33
N ASN A 607 23.51 3.04 27.03
CA ASN A 607 24.42 2.79 25.90
C ASN A 607 24.75 1.29 25.72
N ARG A 608 23.70 0.44 25.80
CA ARG A 608 23.79 -1.02 25.71
C ARG A 608 24.11 -1.53 24.30
N TYR A 609 23.57 -0.86 23.27
CA TYR A 609 23.69 -1.25 21.86
C TYR A 609 24.77 -0.46 21.10
N ILE A 610 25.84 -0.06 21.82
CA ILE A 610 26.96 0.71 21.29
C ILE A 610 27.88 -0.13 20.34
N SER A 611 27.94 -1.48 20.56
CA SER A 611 28.75 -2.42 19.77
C SER A 611 27.89 -3.44 19.02
N ILE A 612 26.68 -3.01 18.61
CA ILE A 612 25.64 -3.74 17.88
C ILE A 612 26.17 -4.58 16.69
N PHE A 613 27.17 -4.08 15.94
CA PHE A 613 27.70 -4.80 14.77
C PHE A 613 29.20 -5.15 14.87
N LYS A 614 29.81 -4.96 16.06
CA LYS A 614 31.24 -5.22 16.30
C LYS A 614 31.70 -6.66 16.04
N GLY A 615 30.82 -7.62 16.32
CA GLY A 615 31.09 -9.05 16.17
C GLY A 615 31.28 -9.56 14.76
N LEU A 616 30.72 -8.86 13.77
CA LEU A 616 30.77 -9.24 12.35
C LEU A 616 32.11 -8.78 11.72
N LYS A 617 33.21 -9.50 12.05
CA LYS A 617 34.58 -9.23 11.62
C LYS A 617 34.89 -9.46 10.12
N ASN A 618 33.91 -9.95 9.34
CA ASN A 618 34.06 -10.19 7.89
C ASN A 618 33.21 -9.26 7.05
N LEU A 619 32.41 -8.41 7.71
CA LEU A 619 31.49 -7.48 7.06
C LEU A 619 32.17 -6.49 6.11
N THR A 620 31.71 -6.46 4.84
CA THR A 620 32.21 -5.59 3.78
C THR A 620 31.14 -4.57 3.36
N ARG A 621 29.87 -4.97 3.37
CA ARG A 621 28.77 -4.07 3.03
C ARG A 621 27.77 -3.97 4.19
N LEU A 622 27.43 -2.73 4.57
CA LEU A 622 26.46 -2.45 5.62
C LEU A 622 25.51 -1.32 5.22
N ASP A 623 24.21 -1.64 5.18
CA ASP A 623 23.15 -0.69 4.84
C ASP A 623 22.39 -0.28 6.11
N LEU A 624 22.56 0.99 6.51
CA LEU A 624 21.95 1.61 7.69
C LEU A 624 20.97 2.72 7.29
N SER A 625 20.43 2.67 6.06
CA SER A 625 19.49 3.66 5.55
C SER A 625 18.12 3.59 6.22
N LEU A 626 17.33 4.68 6.15
CA LEU A 626 15.97 4.80 6.69
C LEU A 626 15.85 4.38 8.18
N ASN A 627 16.88 4.71 8.98
CA ASN A 627 16.91 4.37 10.41
C ASN A 627 16.58 5.56 11.32
N ARG A 628 16.06 6.67 10.74
CA ARG A 628 15.67 7.92 11.42
C ARG A 628 16.83 8.54 12.24
N LEU A 629 18.08 8.27 11.83
CA LEU A 629 19.28 8.75 12.50
C LEU A 629 19.53 10.24 12.35
N LYS A 630 19.51 10.96 13.48
CA LYS A 630 19.76 12.40 13.55
C LYS A 630 21.26 12.63 13.83
N HIS A 631 21.87 11.73 14.63
CA HIS A 631 23.27 11.76 15.02
C HIS A 631 23.75 10.34 15.40
N ILE A 632 24.97 9.99 14.97
CA ILE A 632 25.58 8.70 15.29
C ILE A 632 26.60 8.95 16.40
N PRO A 633 26.49 8.27 17.56
CA PRO A 633 27.47 8.48 18.64
C PRO A 633 28.87 8.09 18.19
N ASN A 634 29.88 8.92 18.51
CA ASN A 634 31.29 8.72 18.15
C ASN A 634 31.78 7.31 18.49
N GLU A 635 31.49 6.82 19.71
CA GLU A 635 31.84 5.48 20.19
C GLU A 635 31.14 4.37 19.40
N ALA A 636 29.85 4.57 19.04
CA ALA A 636 29.02 3.62 18.28
C ALA A 636 29.51 3.44 16.85
N PHE A 637 30.02 4.52 16.23
CA PHE A 637 30.55 4.51 14.86
C PHE A 637 31.90 3.80 14.81
N LEU A 638 32.75 3.99 15.84
CA LEU A 638 34.07 3.35 15.96
C LEU A 638 33.94 1.83 16.13
N ASN A 639 32.80 1.38 16.70
CA ASN A 639 32.49 -0.03 16.94
C ASN A 639 32.03 -0.78 15.69
N LEU A 640 31.80 -0.07 14.56
CA LEU A 640 31.41 -0.69 13.28
C LEU A 640 32.62 -1.49 12.73
N PRO A 641 32.42 -2.58 11.93
CA PRO A 641 33.58 -3.36 11.45
C PRO A 641 34.59 -2.59 10.59
N ALA A 642 35.90 -2.76 10.87
CA ALA A 642 36.98 -2.11 10.14
C ALA A 642 37.13 -2.66 8.71
N SER A 643 36.74 -3.94 8.53
CA SER A 643 36.78 -4.68 7.27
C SER A 643 35.85 -4.13 6.18
N LEU A 644 34.91 -3.24 6.55
CA LEU A 644 33.93 -2.61 5.63
C LEU A 644 34.57 -1.93 4.43
N THR A 645 33.92 -2.05 3.26
CA THR A 645 34.33 -1.47 1.99
C THR A 645 33.23 -0.54 1.48
N GLU A 646 31.96 -0.90 1.74
CA GLU A 646 30.78 -0.12 1.36
C GLU A 646 29.93 0.18 2.58
N LEU A 647 29.63 1.46 2.83
CA LEU A 647 28.80 1.90 3.95
C LEU A 647 27.70 2.86 3.49
N HIS A 648 26.44 2.49 3.72
CA HIS A 648 25.27 3.27 3.33
C HIS A 648 24.55 3.81 4.57
N ILE A 649 24.56 5.13 4.76
CA ILE A 649 23.88 5.81 5.87
C ILE A 649 22.92 6.86 5.26
N ASN A 650 22.49 6.60 4.02
CA ASN A 650 21.59 7.46 3.25
C ASN A 650 20.16 7.51 3.80
N ASP A 651 19.34 8.47 3.30
CA ASP A 651 17.92 8.70 3.65
C ASP A 651 17.64 8.62 5.16
N ASN A 652 18.44 9.37 5.93
CA ASN A 652 18.32 9.53 7.38
C ASN A 652 18.09 11.03 7.63
N MET A 653 18.32 11.51 8.86
CA MET A 653 18.14 12.93 9.22
C MET A 653 19.41 13.48 9.87
N LEU A 654 20.59 12.96 9.44
CA LEU A 654 21.90 13.33 9.98
C LEU A 654 22.24 14.82 9.85
N LYS A 655 22.19 15.54 10.99
CA LYS A 655 22.50 16.96 11.06
C LYS A 655 24.01 17.19 10.98
N PHE A 656 24.80 16.28 11.59
CA PHE A 656 26.27 16.33 11.62
C PHE A 656 26.92 14.95 11.39
N PHE A 657 28.18 14.94 10.90
CA PHE A 657 28.95 13.73 10.62
C PHE A 657 30.42 13.92 11.01
N ASN A 658 30.95 13.04 11.87
CA ASN A 658 32.34 13.10 12.33
C ASN A 658 33.25 12.37 11.34
N TRP A 659 33.89 13.14 10.44
CA TRP A 659 34.79 12.64 9.40
C TRP A 659 36.09 12.05 9.98
N THR A 660 36.48 12.49 11.19
CA THR A 660 37.68 12.05 11.92
C THR A 660 37.66 10.54 12.19
N LEU A 661 36.46 9.98 12.46
CA LEU A 661 36.25 8.56 12.77
C LEU A 661 36.58 7.61 11.61
N LEU A 662 36.75 8.14 10.39
CA LEU A 662 37.07 7.35 9.19
C LEU A 662 38.49 6.76 9.19
N GLN A 663 39.33 7.16 10.17
CA GLN A 663 40.71 6.67 10.34
C GLN A 663 40.76 5.19 10.71
N GLN A 664 39.72 4.68 11.39
CA GLN A 664 39.60 3.28 11.81
C GLN A 664 39.02 2.37 10.70
N PHE A 665 38.77 2.95 9.51
CA PHE A 665 38.22 2.24 8.35
C PHE A 665 39.21 2.35 7.17
N PRO A 666 40.24 1.48 7.12
CA PRO A 666 41.24 1.58 6.04
C PRO A 666 40.88 0.86 4.74
N ARG A 667 39.74 0.14 4.72
CA ARG A 667 39.26 -0.62 3.56
C ARG A 667 38.05 0.03 2.88
N LEU A 668 37.49 1.11 3.49
CA LEU A 668 36.33 1.83 2.99
C LEU A 668 36.58 2.49 1.63
N GLU A 669 35.79 2.06 0.62
CA GLU A 669 35.86 2.53 -0.77
C GLU A 669 34.61 3.35 -1.14
N LEU A 670 33.45 2.98 -0.57
CA LEU A 670 32.17 3.64 -0.83
C LEU A 670 31.50 4.10 0.46
N LEU A 671 31.11 5.39 0.48
CA LEU A 671 30.41 6.02 1.61
C LEU A 671 29.21 6.76 1.04
N ASP A 672 28.01 6.28 1.36
CA ASP A 672 26.74 6.83 0.90
C ASP A 672 26.08 7.62 2.03
N LEU A 673 26.02 8.96 1.86
CA LEU A 673 25.43 9.89 2.84
C LEU A 673 24.31 10.75 2.21
N ARG A 674 23.65 10.22 1.15
CA ARG A 674 22.58 10.89 0.41
C ARG A 674 21.32 11.09 1.27
N GLY A 675 20.49 12.07 0.90
CA GLY A 675 19.22 12.37 1.56
C GLY A 675 19.29 12.62 3.05
N ASN A 676 20.27 13.43 3.49
CA ASN A 676 20.47 13.80 4.89
C ASN A 676 20.37 15.32 5.09
N LYS A 677 20.53 15.78 6.34
CA LYS A 677 20.45 17.20 6.68
C LYS A 677 21.83 17.82 7.01
N LEU A 678 22.91 17.25 6.42
CA LEU A 678 24.29 17.72 6.60
C LEU A 678 24.48 19.12 6.04
N LEU A 679 25.08 20.03 6.83
CA LEU A 679 25.29 21.44 6.45
C LEU A 679 26.72 21.77 6.04
N PHE A 680 27.73 21.08 6.60
CA PHE A 680 29.12 21.38 6.30
C PHE A 680 29.98 20.13 6.05
N LEU A 681 31.16 20.34 5.43
CA LEU A 681 32.13 19.32 5.06
C LEU A 681 33.50 19.59 5.72
N THR A 682 34.40 18.58 5.72
CA THR A 682 35.74 18.69 6.31
C THR A 682 36.77 19.20 5.30
N ASP A 683 37.89 19.78 5.79
CA ASP A 683 38.97 20.28 4.92
C ASP A 683 40.19 19.36 4.94
N SER A 684 40.38 18.60 6.04
CA SER A 684 41.51 17.69 6.24
C SER A 684 41.11 16.21 6.05
N LEU A 685 40.32 15.91 4.99
CA LEU A 685 39.83 14.56 4.63
C LEU A 685 40.97 13.57 4.32
N SER A 686 42.11 14.07 3.79
CA SER A 686 43.29 13.27 3.45
C SER A 686 43.89 12.56 4.68
N ASP A 687 43.81 13.20 5.86
CA ASP A 687 44.31 12.67 7.13
C ASP A 687 43.40 11.58 7.71
N PHE A 688 42.12 11.53 7.27
CA PHE A 688 41.14 10.58 7.77
C PHE A 688 40.92 9.38 6.85
N THR A 689 41.08 9.56 5.53
CA THR A 689 40.90 8.49 4.55
C THR A 689 41.91 8.57 3.39
N SER A 690 42.27 7.40 2.86
CA SER A 690 43.22 7.23 1.74
C SER A 690 42.80 6.06 0.85
N SER A 691 41.61 5.49 1.11
CA SER A 691 41.03 4.35 0.40
C SER A 691 39.70 4.69 -0.28
N LEU A 692 39.01 5.74 0.20
CA LEU A 692 37.70 6.21 -0.30
C LEU A 692 37.74 6.55 -1.80
N ARG A 693 36.92 5.85 -2.59
CA ARG A 693 36.82 6.02 -4.04
C ARG A 693 35.52 6.73 -4.45
N THR A 694 34.39 6.33 -3.86
CA THR A 694 33.07 6.91 -4.13
C THR A 694 32.49 7.58 -2.87
N LEU A 695 32.05 8.83 -3.00
CA LEU A 695 31.45 9.62 -1.93
C LEU A 695 30.16 10.29 -2.43
N LEU A 696 29.00 9.73 -2.02
CA LEU A 696 27.68 10.20 -2.44
C LEU A 696 27.05 11.11 -1.37
N LEU A 697 27.01 12.43 -1.65
CA LEU A 697 26.49 13.44 -0.74
C LEU A 697 25.30 14.23 -1.33
N SER A 698 24.56 13.63 -2.28
CA SER A 698 23.40 14.29 -2.90
C SER A 698 22.22 14.45 -1.94
N HIS A 699 21.35 15.45 -2.21
CA HIS A 699 20.16 15.79 -1.41
C HIS A 699 20.51 16.09 0.06
N ASN A 700 21.42 17.05 0.26
CA ASN A 700 21.86 17.54 1.57
C ASN A 700 21.73 19.08 1.63
N ARG A 701 22.30 19.70 2.68
CA ARG A 701 22.23 21.15 2.88
C ARG A 701 23.63 21.81 2.91
N ILE A 702 24.58 21.28 2.11
CA ILE A 702 25.96 21.78 2.01
C ILE A 702 25.97 23.10 1.22
N SER A 703 26.36 24.20 1.90
CA SER A 703 26.42 25.53 1.31
C SER A 703 27.82 25.95 0.85
N HIS A 704 28.88 25.33 1.41
CA HIS A 704 30.26 25.64 1.08
C HIS A 704 31.18 24.42 0.97
N LEU A 705 32.08 24.43 -0.04
CA LEU A 705 33.09 23.40 -0.28
C LEU A 705 34.40 23.87 0.37
N PRO A 706 34.93 23.15 1.39
CA PRO A 706 36.15 23.61 2.06
C PRO A 706 37.39 23.71 1.19
N SER A 707 38.29 24.65 1.53
CA SER A 707 39.54 24.93 0.82
C SER A 707 40.54 23.78 0.96
N GLY A 708 40.75 23.07 -0.14
CA GLY A 708 41.66 21.92 -0.21
C GLY A 708 40.94 20.61 0.04
N PHE A 709 39.76 20.43 -0.59
CA PHE A 709 38.93 19.24 -0.48
C PHE A 709 39.28 18.25 -1.60
N LEU A 710 39.28 18.74 -2.85
CA LEU A 710 39.60 17.96 -4.05
C LEU A 710 41.10 17.64 -4.12
N SER A 711 41.95 18.58 -3.63
CA SER A 711 43.40 18.45 -3.59
C SER A 711 43.86 17.89 -2.23
N GLU A 712 43.19 16.83 -1.76
CA GLU A 712 43.48 16.14 -0.51
C GLU A 712 43.36 14.62 -0.71
N VAL A 713 42.17 14.14 -1.10
CA VAL A 713 41.91 12.72 -1.35
C VAL A 713 42.33 12.31 -2.77
N SER A 714 43.44 11.56 -2.86
CA SER A 714 44.02 11.07 -4.12
C SER A 714 43.32 9.81 -4.65
N SER A 715 42.71 9.01 -3.74
CA SER A 715 42.01 7.77 -4.08
C SER A 715 40.60 8.00 -4.63
N LEU A 716 40.00 9.18 -4.33
CA LEU A 716 38.65 9.56 -4.75
C LEU A 716 38.49 9.69 -6.27
N LYS A 717 37.45 9.04 -6.81
CA LYS A 717 37.12 9.03 -8.23
C LYS A 717 35.76 9.64 -8.51
N HIS A 718 34.74 9.30 -7.69
CA HIS A 718 33.37 9.80 -7.84
C HIS A 718 32.91 10.59 -6.62
N LEU A 719 32.51 11.86 -6.85
CA LEU A 719 32.02 12.77 -5.83
C LEU A 719 30.69 13.39 -6.26
N ASP A 720 29.60 13.01 -5.59
CA ASP A 720 28.25 13.50 -5.87
C ASP A 720 27.88 14.60 -4.88
N LEU A 721 27.71 15.84 -5.38
CA LEU A 721 27.32 17.00 -4.59
C LEU A 721 26.07 17.68 -5.15
N SER A 722 25.28 16.92 -5.93
CA SER A 722 24.05 17.38 -6.56
C SER A 722 22.93 17.61 -5.54
N SER A 723 21.92 18.42 -5.91
CA SER A 723 20.74 18.76 -5.09
C SER A 723 21.11 19.28 -3.67
N ASN A 724 22.12 20.16 -3.60
CA ASN A 724 22.60 20.76 -2.38
C ASN A 724 22.30 22.27 -2.36
N LEU A 725 23.00 23.03 -1.49
CA LEU A 725 22.81 24.48 -1.36
C LEU A 725 24.07 25.28 -1.75
N LEU A 726 24.93 24.70 -2.62
CA LEU A 726 26.16 25.32 -3.10
C LEU A 726 25.86 26.47 -4.06
N LYS A 727 26.46 27.65 -3.79
CA LYS A 727 26.28 28.84 -4.60
C LYS A 727 27.46 29.07 -5.56
N THR A 728 28.69 28.82 -5.08
CA THR A 728 29.93 28.98 -5.86
C THR A 728 31.02 28.00 -5.42
N ILE A 729 31.94 27.67 -6.35
CA ILE A 729 33.09 26.80 -6.09
C ILE A 729 34.36 27.62 -6.35
N ASN A 730 35.22 27.71 -5.33
CA ASN A 730 36.44 28.52 -5.34
C ASN A 730 37.69 27.77 -5.85
N LYS A 731 38.76 28.54 -6.12
CA LYS A 731 40.06 28.03 -6.58
C LYS A 731 40.77 27.26 -5.46
N SER A 732 40.66 27.76 -4.20
CA SER A 732 41.23 27.15 -3.00
C SER A 732 40.64 25.78 -2.70
N ALA A 733 39.32 25.61 -2.98
CA ALA A 733 38.59 24.34 -2.80
C ALA A 733 38.93 23.39 -3.96
N LEU A 734 39.31 23.96 -5.12
CA LEU A 734 39.67 23.23 -6.34
C LEU A 734 41.13 22.77 -6.28
N THR A 740 45.16 14.66 -8.88
CA THR A 740 43.83 14.12 -8.58
C THR A 740 43.46 12.94 -9.50
N LYS A 741 42.67 12.00 -8.97
CA LYS A 741 42.21 10.82 -9.70
C LYS A 741 40.67 10.80 -9.89
N LEU A 742 40.04 12.00 -9.81
CA LEU A 742 38.59 12.16 -9.97
C LEU A 742 38.17 11.99 -11.43
N SER A 743 37.22 11.07 -11.67
CA SER A 743 36.69 10.77 -12.99
C SER A 743 35.27 11.33 -13.18
N MET A 744 34.50 11.48 -12.08
CA MET A 744 33.14 12.01 -12.11
C MET A 744 32.84 12.95 -10.94
N LEU A 745 32.12 14.06 -11.24
CA LEU A 745 31.72 15.10 -10.28
C LEU A 745 30.30 15.60 -10.59
N GLU A 746 29.31 15.18 -9.78
CA GLU A 746 27.90 15.57 -9.95
C GLU A 746 27.58 16.85 -9.17
N LEU A 747 26.97 17.85 -9.84
CA LEU A 747 26.62 19.15 -9.27
C LEU A 747 25.27 19.73 -9.71
N HIS A 748 24.43 18.94 -10.40
CA HIS A 748 23.11 19.37 -10.89
C HIS A 748 22.11 19.65 -9.78
N GLY A 749 21.24 20.63 -10.00
CA GLY A 749 20.20 21.02 -9.04
C GLY A 749 20.72 21.81 -7.85
N ASN A 750 21.76 22.64 -8.07
CA ASN A 750 22.38 23.49 -7.05
C ASN A 750 22.09 24.97 -7.33
N PRO A 751 21.82 25.81 -6.30
CA PRO A 751 21.53 27.22 -6.56
C PRO A 751 22.78 28.08 -6.83
N PHE A 752 23.37 27.88 -8.03
CA PHE A 752 24.59 28.58 -8.45
C PHE A 752 24.38 30.06 -8.76
N GLU A 753 25.28 30.92 -8.25
CA GLU A 753 25.26 32.36 -8.49
C GLU A 753 26.12 32.63 -9.73
N CYS A 754 25.48 32.76 -10.89
CA CYS A 754 26.18 33.00 -12.16
C CYS A 754 26.60 34.45 -12.34
N THR A 755 27.66 34.83 -11.62
CA THR A 755 28.28 36.16 -11.60
C THR A 755 29.77 36.03 -12.00
N CYS A 756 30.66 36.81 -11.37
CA CYS A 756 32.11 36.77 -11.64
C CYS A 756 32.83 35.78 -10.71
N ASP A 757 32.20 35.41 -9.58
CA ASP A 757 32.74 34.47 -8.58
C ASP A 757 32.76 33.03 -9.11
N ILE A 758 31.85 32.70 -10.04
CA ILE A 758 31.72 31.37 -10.64
C ILE A 758 32.81 31.14 -11.73
N GLY A 759 33.41 32.23 -12.22
CA GLY A 759 34.45 32.23 -13.24
C GLY A 759 35.66 31.36 -12.95
N ASP A 760 36.05 31.26 -11.66
CA ASP A 760 37.18 30.45 -11.21
C ASP A 760 36.91 28.95 -11.41
N PHE A 761 35.67 28.50 -11.16
CA PHE A 761 35.26 27.11 -11.32
C PHE A 761 35.10 26.74 -12.81
N ARG A 762 34.70 27.72 -13.65
CA ARG A 762 34.54 27.52 -15.10
C ARG A 762 35.89 27.25 -15.77
N ARG A 763 36.96 27.95 -15.32
CA ARG A 763 38.33 27.80 -15.81
C ARG A 763 38.89 26.43 -15.39
N TRP A 764 38.47 25.94 -14.20
CA TRP A 764 38.84 24.64 -13.64
C TRP A 764 38.23 23.50 -14.45
N MET A 765 37.01 23.72 -15.00
CA MET A 765 36.29 22.74 -15.84
C MET A 765 37.02 22.50 -17.16
N ASP A 766 37.56 23.59 -17.76
CA ASP A 766 38.32 23.54 -19.02
C ASP A 766 39.72 22.97 -18.80
N GLU A 767 40.29 23.18 -17.60
CA GLU A 767 41.62 22.67 -17.21
C GLU A 767 41.57 21.19 -16.80
N HIS A 768 40.40 20.72 -16.35
CA HIS A 768 40.18 19.33 -15.92
C HIS A 768 39.02 18.72 -16.70
N LEU A 769 39.23 18.53 -18.02
CA LEU A 769 38.27 17.97 -18.97
C LEU A 769 37.95 16.50 -18.69
N ASN A 770 38.91 15.75 -18.13
CA ASN A 770 38.78 14.34 -17.78
C ASN A 770 37.75 14.10 -16.67
N VAL A 771 37.59 15.08 -15.75
CA VAL A 771 36.63 15.04 -14.65
C VAL A 771 35.24 15.30 -15.26
N LYS A 772 34.55 14.21 -15.67
CA LYS A 772 33.24 14.25 -16.31
C LYS A 772 32.12 14.72 -15.39
N ILE A 773 31.44 15.81 -15.79
CA ILE A 773 30.32 16.38 -15.05
C ILE A 773 29.03 15.99 -15.79
N PRO A 774 28.22 15.05 -15.21
CA PRO A 774 27.00 14.62 -15.91
C PRO A 774 25.90 15.67 -15.95
N ARG A 775 24.95 15.52 -16.90
CA ARG A 775 23.78 16.35 -17.16
C ARG A 775 24.03 17.85 -16.87
N LEU A 776 24.88 18.47 -17.70
CA LEU A 776 25.28 19.89 -17.61
C LEU A 776 24.10 20.85 -17.78
N VAL A 777 23.05 20.43 -18.51
CA VAL A 777 21.82 21.21 -18.74
C VAL A 777 21.03 21.43 -17.44
N ASP A 778 21.16 20.49 -16.47
CA ASP A 778 20.49 20.52 -15.18
C ASP A 778 21.30 21.31 -14.11
N VAL A 779 22.48 21.83 -14.49
CA VAL A 779 23.35 22.65 -13.65
C VAL A 779 22.99 24.12 -14.00
N ILE A 780 21.83 24.55 -13.49
CA ILE A 780 21.16 25.83 -13.71
C ILE A 780 21.53 26.91 -12.68
N CYS A 781 21.59 28.18 -13.13
CA CYS A 781 21.86 29.36 -12.28
C CYS A 781 20.59 29.77 -11.54
N ALA A 782 20.71 30.13 -10.26
CA ALA A 782 19.58 30.58 -9.45
C ALA A 782 19.44 32.10 -9.51
N SER A 783 20.58 32.82 -9.60
CA SER A 783 20.66 34.28 -9.65
C SER A 783 21.84 34.73 -10.54
N PRO A 784 21.75 35.87 -11.27
CA PRO A 784 20.65 36.84 -11.38
C PRO A 784 19.47 36.39 -12.25
N GLY A 785 18.47 37.25 -12.39
CA GLY A 785 17.26 37.00 -13.18
C GLY A 785 17.48 36.75 -14.65
N ASP A 786 18.41 37.52 -15.27
CA ASP A 786 18.74 37.38 -16.69
C ASP A 786 19.56 36.11 -17.00
N GLN A 787 20.25 35.56 -15.98
CA GLN A 787 21.06 34.34 -16.10
C GLN A 787 20.35 33.11 -15.55
N ARG A 788 19.18 33.29 -14.88
CA ARG A 788 18.38 32.22 -14.30
C ARG A 788 17.80 31.32 -15.39
N GLY A 789 17.96 30.01 -15.22
CA GLY A 789 17.50 29.00 -16.17
C GLY A 789 18.62 28.42 -17.00
N LYS A 790 19.57 29.30 -17.42
CA LYS A 790 20.72 28.95 -18.24
C LYS A 790 21.75 28.10 -17.48
N SER A 791 22.57 27.34 -18.22
CA SER A 791 23.63 26.49 -17.66
C SER A 791 24.87 27.32 -17.34
N ILE A 792 25.66 26.87 -16.34
CA ILE A 792 26.91 27.53 -15.89
C ILE A 792 27.99 27.55 -16.99
N VAL A 793 27.97 26.56 -17.90
CA VAL A 793 28.93 26.41 -19.00
C VAL A 793 28.55 27.32 -20.21
N SER A 794 27.28 27.79 -20.25
CA SER A 794 26.76 28.65 -21.32
C SER A 794 27.15 30.14 -21.17
N LEU A 795 27.74 30.52 -20.03
CA LEU A 795 28.16 31.90 -19.73
C LEU A 795 29.33 32.36 -20.60
N GLU A 796 29.49 33.68 -20.77
CA GLU A 796 30.56 34.28 -21.57
C GLU A 796 31.42 35.21 -20.71
N ARG B 10 -14.79 38.98 21.01
CA ARG B 10 -14.57 37.62 20.50
C ARG B 10 -13.67 36.83 21.45
N SER B 11 -14.07 35.59 21.79
CA SER B 11 -13.34 34.73 22.71
C SER B 11 -12.01 34.25 22.12
N TYR B 12 -10.90 34.64 22.78
CA TYR B 12 -9.53 34.29 22.38
C TYR B 12 -8.66 33.97 23.59
N PRO B 13 -7.83 32.90 23.57
CA PRO B 13 -7.63 31.92 22.48
C PRO B 13 -8.61 30.75 22.48
N CYS B 14 -9.46 30.65 23.51
CA CYS B 14 -10.44 29.59 23.67
C CYS B 14 -11.72 29.84 22.87
N ASP B 15 -12.43 28.77 22.50
CA ASP B 15 -13.69 28.85 21.76
C ASP B 15 -14.84 28.48 22.70
N GLU B 16 -15.65 29.49 23.09
CA GLU B 16 -16.78 29.33 24.01
C GLU B 16 -17.98 28.62 23.36
N LYS B 17 -18.63 27.71 24.12
CA LYS B 17 -19.79 26.94 23.68
C LYS B 17 -20.68 26.57 24.86
N VAL B 23 -21.52 26.39 30.32
CA VAL B 23 -20.71 26.82 29.18
C VAL B 23 -19.34 26.13 29.20
N ILE B 24 -18.99 25.48 28.08
CA ILE B 24 -17.73 24.74 27.90
C ILE B 24 -16.80 25.53 26.97
N ALA B 25 -15.56 25.80 27.42
CA ALA B 25 -14.56 26.54 26.66
C ALA B 25 -13.44 25.61 26.15
N GLU B 26 -13.43 25.35 24.82
CA GLU B 26 -12.44 24.52 24.15
C GLU B 26 -11.18 25.34 23.89
N CYS B 27 -10.08 25.00 24.59
CA CYS B 27 -8.81 25.71 24.51
C CYS B 27 -7.62 24.76 24.26
N SER B 28 -7.92 23.56 23.71
CA SER B 28 -6.93 22.52 23.44
C SER B 28 -6.17 22.68 22.12
N ASN B 29 -4.91 22.18 22.08
CA ASN B 29 -4.00 22.18 20.92
C ASN B 29 -3.87 23.56 20.26
N ARG B 30 -3.52 24.58 21.06
CA ARG B 30 -3.39 25.96 20.60
C ARG B 30 -1.99 26.55 20.84
N ARG B 31 -0.98 25.68 21.08
CA ARG B 31 0.44 26.02 21.31
C ARG B 31 0.66 26.98 22.51
N LEU B 32 -0.21 26.90 23.53
CA LEU B 32 -0.15 27.75 24.71
C LEU B 32 1.01 27.37 25.63
N GLN B 33 1.92 28.34 25.87
CA GLN B 33 3.10 28.17 26.73
C GLN B 33 2.76 28.42 28.21
N GLU B 34 1.60 29.07 28.47
CA GLU B 34 1.08 29.40 29.79
C GLU B 34 -0.45 29.36 29.79
N VAL B 35 -1.08 29.37 31.00
CA VAL B 35 -2.54 29.35 31.15
C VAL B 35 -3.10 30.74 30.77
N PRO B 36 -3.99 30.85 29.76
CA PRO B 36 -4.51 32.17 29.38
C PRO B 36 -5.40 32.81 30.43
N GLN B 37 -5.18 34.11 30.68
CA GLN B 37 -5.95 34.90 31.66
C GLN B 37 -7.14 35.62 30.99
N THR B 38 -7.30 35.43 29.67
CA THR B 38 -8.38 36.02 28.86
C THR B 38 -9.68 35.18 28.91
N VAL B 39 -9.67 34.07 29.68
CA VAL B 39 -10.81 33.16 29.87
C VAL B 39 -11.83 33.83 30.81
N GLY B 40 -13.10 33.78 30.45
CA GLY B 40 -14.20 34.36 31.22
C GLY B 40 -14.46 33.67 32.54
N LYS B 41 -14.92 34.43 33.55
CA LYS B 41 -15.22 33.94 34.90
C LYS B 41 -16.45 33.02 34.95
N TYR B 42 -17.35 33.15 33.96
CA TYR B 42 -18.59 32.38 33.81
C TYR B 42 -18.35 30.91 33.37
N VAL B 43 -17.15 30.62 32.81
CA VAL B 43 -16.74 29.30 32.30
C VAL B 43 -16.77 28.23 33.40
N THR B 44 -17.47 27.10 33.10
CA THR B 44 -17.62 25.95 34.01
C THR B 44 -16.70 24.79 33.62
N GLU B 45 -16.39 24.65 32.32
CA GLU B 45 -15.53 23.59 31.80
C GLU B 45 -14.43 24.16 30.91
N LEU B 46 -13.16 23.92 31.27
CA LEU B 46 -12.01 24.41 30.51
C LEU B 46 -11.06 23.26 30.15
N ASP B 47 -10.84 23.06 28.83
CA ASP B 47 -9.98 22.02 28.29
C ASP B 47 -8.71 22.64 27.71
N LEU B 48 -7.59 22.53 28.44
CA LEU B 48 -6.28 23.07 28.04
C LEU B 48 -5.28 21.97 27.64
N SER B 49 -5.80 20.83 27.16
CA SER B 49 -4.97 19.69 26.75
C SER B 49 -4.15 19.95 25.47
N ASP B 50 -3.08 19.15 25.25
CA ASP B 50 -2.17 19.19 24.10
C ASP B 50 -1.51 20.58 23.88
N ASN B 51 -1.19 21.29 24.97
CA ASN B 51 -0.51 22.59 24.94
C ASN B 51 0.89 22.47 25.57
N PHE B 52 1.73 23.51 25.41
CA PHE B 52 3.11 23.51 25.93
C PHE B 52 3.24 24.18 27.31
N ILE B 53 2.19 24.06 28.17
CA ILE B 53 2.18 24.63 29.52
C ILE B 53 3.14 23.82 30.41
N THR B 54 4.02 24.52 31.14
CA THR B 54 5.03 23.92 32.01
C THR B 54 4.80 24.16 33.50
N HIS B 55 4.19 25.30 33.87
CA HIS B 55 3.96 25.65 35.28
C HIS B 55 2.49 25.88 35.63
N ILE B 56 2.09 25.39 36.82
CA ILE B 56 0.74 25.54 37.39
C ILE B 56 0.90 26.11 38.81
N THR B 57 0.29 27.28 39.05
CA THR B 57 0.32 28.00 40.32
C THR B 57 -1.11 28.33 40.79
N ASN B 58 -1.24 29.00 41.95
CA ASN B 58 -2.52 29.42 42.50
C ASN B 58 -3.11 30.62 41.72
N GLU B 59 -2.26 31.34 40.96
CA GLU B 59 -2.64 32.49 40.13
C GLU B 59 -3.05 32.09 38.71
N SER B 60 -2.88 30.79 38.35
CA SER B 60 -3.23 30.24 37.04
C SER B 60 -4.73 30.24 36.78
N PHE B 61 -5.54 29.90 37.82
CA PHE B 61 -7.00 29.85 37.74
C PHE B 61 -7.68 30.86 38.69
N GLN B 62 -7.07 32.07 38.83
CA GLN B 62 -7.58 33.15 39.69
C GLN B 62 -8.84 33.77 39.09
N GLY B 63 -9.87 33.91 39.92
CA GLY B 63 -11.15 34.47 39.52
C GLY B 63 -11.95 33.53 38.62
N LEU B 64 -11.89 32.23 38.93
CA LEU B 64 -12.59 31.17 38.18
C LEU B 64 -13.24 30.15 39.14
N GLN B 65 -14.00 30.66 40.13
CA GLN B 65 -14.70 29.87 41.15
C GLN B 65 -15.83 29.00 40.57
N ASN B 66 -16.35 29.35 39.38
CA ASN B 66 -17.43 28.63 38.70
C ASN B 66 -16.98 27.35 37.98
N LEU B 67 -15.65 27.12 37.86
CA LEU B 67 -15.08 25.94 37.20
C LEU B 67 -15.35 24.64 37.95
N THR B 68 -15.74 23.59 37.19
CA THR B 68 -16.04 22.25 37.71
C THR B 68 -15.13 21.19 37.08
N LYS B 69 -14.76 21.38 35.80
CA LYS B 69 -13.91 20.47 35.04
C LYS B 69 -12.70 21.20 34.42
N ILE B 70 -11.49 20.68 34.67
CA ILE B 70 -10.23 21.20 34.16
C ILE B 70 -9.42 20.05 33.55
N ASN B 71 -9.08 20.19 32.25
CA ASN B 71 -8.31 19.19 31.50
C ASN B 71 -6.93 19.77 31.17
N LEU B 72 -5.87 19.16 31.74
CA LEU B 72 -4.48 19.60 31.54
C LEU B 72 -3.60 18.44 31.03
N ASN B 73 -4.19 17.58 30.18
CA ASN B 73 -3.51 16.41 29.62
C ASN B 73 -2.48 16.75 28.56
N HIS B 74 -1.39 15.97 28.50
CA HIS B 74 -0.28 16.08 27.54
C HIS B 74 0.34 17.49 27.54
N ASN B 75 0.75 17.95 28.74
CA ASN B 75 1.36 19.26 28.96
C ASN B 75 2.70 19.13 29.69
N PRO B 76 3.85 19.52 29.09
CA PRO B 76 4.02 20.06 27.72
C PRO B 76 4.09 18.96 26.65
N ASN B 77 4.16 19.38 25.35
CA ASN B 77 4.21 18.52 24.16
C ASN B 77 2.97 17.64 24.01
N GLY B 91 8.79 17.63 33.13
CA GLY B 91 7.39 17.74 32.74
C GLY B 91 6.67 18.93 33.36
N LEU B 92 5.38 18.75 33.69
CA LEU B 92 4.54 19.79 34.28
C LEU B 92 4.86 19.96 35.77
N ASN B 93 5.08 21.22 36.17
CA ASN B 93 5.41 21.60 37.55
C ASN B 93 4.21 22.26 38.21
N ILE B 94 3.64 21.59 39.24
CA ILE B 94 2.48 22.09 39.98
C ILE B 94 2.86 22.39 41.42
N THR B 95 2.57 23.60 41.89
CA THR B 95 2.84 24.04 43.27
C THR B 95 1.83 23.42 44.23
N ASP B 96 2.20 23.27 45.52
CA ASP B 96 1.35 22.70 46.56
C ASP B 96 0.14 23.59 46.82
N GLY B 97 -1.06 23.04 46.60
CA GLY B 97 -2.32 23.73 46.78
C GLY B 97 -2.66 24.73 45.68
N ALA B 98 -2.21 24.45 44.43
CA ALA B 98 -2.47 25.29 43.26
C ALA B 98 -3.94 25.28 42.86
N PHE B 99 -4.62 24.14 43.06
CA PHE B 99 -6.05 23.96 42.74
C PHE B 99 -6.95 24.14 43.97
N LEU B 100 -6.37 24.17 45.19
CA LEU B 100 -7.04 24.31 46.49
C LEU B 100 -8.05 25.46 46.58
N ASN B 101 -7.79 26.58 45.87
CA ASN B 101 -8.67 27.76 45.83
C ASN B 101 -9.99 27.51 45.09
N LEU B 102 -10.04 26.48 44.21
CA LEU B 102 -11.21 26.11 43.43
C LEU B 102 -12.12 25.16 44.24
N LYS B 103 -13.15 25.73 44.90
CA LYS B 103 -14.11 25.01 45.74
C LYS B 103 -15.14 24.20 44.96
N ASN B 104 -15.35 24.51 43.67
CA ASN B 104 -16.33 23.85 42.80
C ASN B 104 -15.73 22.79 41.86
N LEU B 105 -14.39 22.59 41.92
CA LEU B 105 -13.68 21.62 41.08
C LEU B 105 -14.06 20.18 41.45
N ARG B 106 -14.67 19.46 40.48
CA ARG B 106 -15.14 18.08 40.64
C ARG B 106 -14.35 17.12 39.76
N GLU B 107 -13.96 17.58 38.56
CA GLU B 107 -13.20 16.77 37.60
C GLU B 107 -11.85 17.44 37.29
N LEU B 108 -10.76 16.67 37.46
CA LEU B 108 -9.40 17.13 37.18
C LEU B 108 -8.63 16.04 36.45
N LEU B 109 -8.27 16.30 35.19
CA LEU B 109 -7.54 15.36 34.36
C LEU B 109 -6.08 15.81 34.25
N LEU B 110 -5.17 14.97 34.77
CA LEU B 110 -3.72 15.23 34.75
C LEU B 110 -2.97 14.03 34.18
N GLU B 111 -3.29 13.68 32.92
CA GLU B 111 -2.68 12.56 32.20
C GLU B 111 -1.49 13.01 31.37
N ASP B 112 -0.45 12.15 31.29
CA ASP B 112 0.79 12.37 30.52
C ASP B 112 1.43 13.75 30.80
N ASN B 113 1.79 13.99 32.06
CA ASN B 113 2.41 15.25 32.50
C ASN B 113 3.81 15.04 33.11
N GLN B 114 4.29 13.77 33.15
CA GLN B 114 5.58 13.35 33.72
C GLN B 114 5.72 13.74 35.20
N LEU B 115 4.60 13.64 35.96
CA LEU B 115 4.55 13.98 37.38
C LEU B 115 5.31 12.96 38.23
N PRO B 116 6.30 13.39 39.05
CA PRO B 116 7.07 12.42 39.85
C PRO B 116 6.30 11.83 41.04
N GLN B 117 5.29 12.56 41.53
CA GLN B 117 4.44 12.16 42.66
C GLN B 117 3.01 12.69 42.47
N ILE B 118 2.08 12.32 43.38
CA ILE B 118 0.68 12.78 43.37
C ILE B 118 0.67 14.27 43.78
N PRO B 119 0.00 15.17 43.01
CA PRO B 119 -0.01 16.59 43.39
C PRO B 119 -0.47 16.84 44.82
N SER B 120 0.30 17.64 45.57
CA SER B 120 0.03 17.96 46.97
C SER B 120 -1.01 19.07 47.10
N GLY B 121 -1.85 18.95 48.12
CA GLY B 121 -2.90 19.92 48.44
C GLY B 121 -4.02 20.01 47.42
N LEU B 122 -4.49 18.84 46.93
CA LEU B 122 -5.59 18.77 45.95
C LEU B 122 -6.95 19.09 46.61
N PRO B 123 -7.93 19.68 45.88
CA PRO B 123 -9.21 20.02 46.54
C PRO B 123 -10.06 18.80 46.89
N GLU B 124 -10.58 18.78 48.13
CA GLU B 124 -11.42 17.70 48.68
C GLU B 124 -12.77 17.55 47.95
N SER B 125 -13.18 18.58 47.19
CA SER B 125 -14.43 18.63 46.42
C SER B 125 -14.44 17.67 45.21
N LEU B 126 -13.25 17.23 44.74
CA LEU B 126 -13.07 16.33 43.59
C LEU B 126 -13.83 15.01 43.70
N THR B 127 -14.41 14.57 42.57
CA THR B 127 -15.16 13.31 42.42
C THR B 127 -14.51 12.46 41.32
N GLU B 128 -13.79 13.11 40.40
CA GLU B 128 -13.09 12.45 39.30
C GLU B 128 -11.66 12.96 39.23
N LEU B 129 -10.69 12.02 39.20
CA LEU B 129 -9.26 12.31 39.13
C LEU B 129 -8.55 11.28 38.26
N SER B 130 -7.83 11.75 37.24
CA SER B 130 -7.07 10.89 36.34
C SER B 130 -5.60 11.30 36.33
N LEU B 131 -4.73 10.40 36.83
CA LEU B 131 -3.28 10.61 36.91
C LEU B 131 -2.50 9.56 36.09
N ILE B 132 -3.03 9.23 34.90
CA ILE B 132 -2.46 8.24 33.98
C ILE B 132 -1.21 8.78 33.26
N GLN B 133 -0.27 7.88 32.90
CA GLN B 133 0.97 8.12 32.14
C GLN B 133 1.91 9.16 32.80
N ASN B 134 2.06 9.08 34.13
CA ASN B 134 2.95 9.94 34.89
C ASN B 134 4.04 9.08 35.55
N ASN B 135 5.01 9.69 36.24
CA ASN B 135 6.08 8.94 36.88
C ASN B 135 5.82 8.75 38.39
N ILE B 136 4.54 8.54 38.76
CA ILE B 136 4.10 8.34 40.15
C ILE B 136 4.45 6.90 40.58
N TYR B 137 5.41 6.77 41.50
CA TYR B 137 5.84 5.46 42.00
C TYR B 137 5.35 5.18 43.42
N ASN B 138 4.71 6.18 44.07
CA ASN B 138 4.20 6.09 45.44
C ASN B 138 2.77 6.60 45.59
N ILE B 139 1.88 5.76 46.17
CA ILE B 139 0.48 6.10 46.45
C ILE B 139 0.40 6.29 47.96
N THR B 140 0.70 7.52 48.42
CA THR B 140 0.75 7.90 49.83
C THR B 140 -0.53 8.54 50.35
N LYS B 141 -0.68 8.58 51.69
CA LYS B 141 -1.82 9.18 52.40
C LYS B 141 -1.82 10.71 52.27
N GLU B 142 -0.63 11.33 52.20
CA GLU B 142 -0.43 12.78 52.06
C GLU B 142 -1.03 13.37 50.78
N GLY B 143 -1.28 12.52 49.78
CA GLY B 143 -1.80 12.92 48.48
C GLY B 143 -3.27 12.70 48.22
N ILE B 144 -3.77 11.44 48.41
CA ILE B 144 -5.16 11.08 48.07
C ILE B 144 -6.10 10.81 49.27
N SER B 145 -5.57 10.46 50.47
CA SER B 145 -6.42 10.15 51.64
C SER B 145 -7.33 11.31 52.10
N ARG B 146 -6.94 12.57 51.80
CA ARG B 146 -7.71 13.77 52.12
C ARG B 146 -8.94 13.86 51.20
N LEU B 147 -8.83 13.37 49.96
CA LEU B 147 -9.87 13.37 48.93
C LEU B 147 -10.91 12.26 49.20
N ILE B 148 -11.86 12.54 50.12
CA ILE B 148 -12.90 11.59 50.53
C ILE B 148 -14.11 11.56 49.56
N ASN B 149 -14.29 12.62 48.75
CA ASN B 149 -15.41 12.73 47.80
C ASN B 149 -15.17 12.02 46.46
N LEU B 150 -13.97 11.46 46.25
CA LEU B 150 -13.60 10.76 45.02
C LEU B 150 -14.48 9.55 44.69
N LYS B 151 -15.02 9.53 43.45
CA LYS B 151 -15.88 8.49 42.91
C LYS B 151 -15.10 7.64 41.89
N ASN B 152 -14.39 8.32 40.95
CA ASN B 152 -13.58 7.68 39.92
C ASN B 152 -12.12 8.08 40.07
N LEU B 153 -11.22 7.07 40.19
CA LEU B 153 -9.78 7.27 40.32
C LEU B 153 -9.03 6.43 39.30
N TYR B 154 -8.16 7.10 38.52
CA TYR B 154 -7.37 6.48 37.46
C TYR B 154 -5.88 6.67 37.74
N LEU B 155 -5.16 5.56 38.02
CA LEU B 155 -3.73 5.58 38.32
C LEU B 155 -2.94 4.62 37.43
N ALA B 156 -3.39 4.47 36.17
CA ALA B 156 -2.77 3.59 35.18
C ALA B 156 -1.49 4.15 34.53
N TRP B 157 -0.62 3.24 34.02
CA TRP B 157 0.64 3.53 33.30
C TRP B 157 1.61 4.43 34.09
N ASN B 158 1.73 4.23 35.40
CA ASN B 158 2.60 5.05 36.25
C ASN B 158 3.94 4.36 36.57
N CYS B 159 3.89 3.16 37.18
CA CYS B 159 5.07 2.37 37.53
C CYS B 159 5.12 1.19 36.54
N TYR B 160 5.13 1.53 35.24
CA TYR B 160 5.09 0.55 34.14
C TYR B 160 6.38 0.57 33.31
N PHE B 161 7.18 -0.51 33.45
CA PHE B 161 8.46 -0.76 32.77
C PHE B 161 9.44 0.43 32.89
N ASN B 162 9.92 0.68 34.12
CA ASN B 162 10.85 1.77 34.42
C ASN B 162 12.03 1.25 35.23
N CYS B 165 10.29 -0.90 37.59
CA CYS B 165 10.06 0.46 38.09
C CYS B 165 10.60 0.72 39.54
N GLU B 166 10.86 -0.29 40.42
CA GLU B 166 10.74 -1.75 40.26
C GLU B 166 9.40 -2.30 40.76
N LYS B 167 8.80 -1.65 41.77
CA LYS B 167 7.51 -2.02 42.36
C LYS B 167 6.78 -0.77 42.86
N THR B 168 5.46 -0.70 42.60
CA THR B 168 4.60 0.42 43.02
C THR B 168 4.37 0.33 44.52
N ASN B 169 4.78 1.37 45.27
CA ASN B 169 4.63 1.42 46.72
C ASN B 169 3.24 1.93 47.12
N ILE B 170 2.37 1.01 47.54
CA ILE B 170 1.01 1.32 47.98
C ILE B 170 1.04 1.36 49.51
N GLU B 171 0.73 2.53 50.10
CA GLU B 171 0.71 2.69 51.56
C GLU B 171 -0.44 1.89 52.15
N ASP B 172 -0.20 1.21 53.28
CA ASP B 172 -1.18 0.36 53.95
C ASP B 172 -2.46 1.12 54.32
N GLY B 173 -3.56 0.75 53.66
CA GLY B 173 -4.88 1.34 53.86
C GLY B 173 -5.01 2.76 53.34
N VAL B 174 -4.41 3.04 52.16
CA VAL B 174 -4.45 4.37 51.55
C VAL B 174 -5.84 4.65 50.92
N PHE B 175 -6.46 3.61 50.32
CA PHE B 175 -7.79 3.69 49.69
C PHE B 175 -8.95 3.47 50.68
N GLU B 176 -8.63 3.02 51.92
CA GLU B 176 -9.60 2.74 52.98
C GLU B 176 -10.42 3.97 53.41
N THR B 177 -9.80 5.17 53.41
CA THR B 177 -10.44 6.44 53.77
C THR B 177 -11.41 6.91 52.67
N LEU B 178 -11.14 6.53 51.41
CA LEU B 178 -11.95 6.86 50.23
C LEU B 178 -13.19 5.95 50.19
N THR B 179 -14.12 6.17 51.13
CA THR B 179 -15.36 5.40 51.31
C THR B 179 -16.45 5.66 50.26
N ASN B 180 -16.20 6.57 49.30
CA ASN B 180 -17.16 6.93 48.26
C ASN B 180 -16.67 6.53 46.86
N LEU B 181 -15.53 5.82 46.81
CA LEU B 181 -14.88 5.35 45.59
C LEU B 181 -15.66 4.21 44.94
N GLU B 182 -16.14 4.45 43.70
CA GLU B 182 -16.90 3.47 42.92
C GLU B 182 -16.01 2.77 41.90
N LEU B 183 -15.07 3.52 41.29
CA LEU B 183 -14.15 3.01 40.28
C LEU B 183 -12.69 3.26 40.70
N LEU B 184 -11.87 2.20 40.65
CA LEU B 184 -10.43 2.27 40.94
C LEU B 184 -9.64 1.52 39.89
N SER B 185 -8.90 2.26 39.05
CA SER B 185 -8.07 1.70 38.00
C SER B 185 -6.58 1.83 38.38
N LEU B 186 -5.93 0.67 38.57
CA LEU B 186 -4.52 0.58 38.92
C LEU B 186 -3.77 -0.25 37.86
N SER B 187 -4.41 -0.45 36.69
CA SER B 187 -3.89 -1.20 35.55
C SER B 187 -2.55 -0.65 35.05
N PHE B 188 -1.72 -1.52 34.44
CA PHE B 188 -0.40 -1.19 33.88
C PHE B 188 0.51 -0.52 34.94
N ASN B 189 0.84 -1.28 36.01
CA ASN B 189 1.71 -0.88 37.11
C ASN B 189 2.32 -2.12 37.73
N SER B 190 3.61 -2.06 38.11
CA SER B 190 4.29 -3.20 38.74
C SER B 190 3.79 -3.34 40.20
N LEU B 191 2.65 -4.04 40.38
CA LEU B 191 2.00 -4.22 41.68
C LEU B 191 2.39 -5.49 42.43
N SER B 192 2.49 -6.64 41.72
CA SER B 192 2.83 -7.99 42.24
C SER B 192 1.74 -8.62 43.13
N HIS B 193 1.14 -7.82 44.02
CA HIS B 193 0.09 -8.26 44.95
C HIS B 193 -1.12 -7.33 44.89
N VAL B 194 -2.32 -7.87 45.18
CA VAL B 194 -3.58 -7.10 45.21
C VAL B 194 -3.51 -6.16 46.43
N PRO B 195 -3.74 -4.83 46.25
CA PRO B 195 -3.63 -3.91 47.41
C PRO B 195 -4.62 -4.23 48.53
N PRO B 196 -4.15 -4.39 49.79
CA PRO B 196 -5.08 -4.69 50.88
C PRO B 196 -5.83 -3.43 51.35
N LYS B 197 -6.91 -3.63 52.15
CA LYS B 197 -7.76 -2.59 52.73
C LYS B 197 -8.43 -1.71 51.66
N LEU B 198 -9.21 -2.33 50.77
CA LEU B 198 -9.93 -1.65 49.69
C LEU B 198 -11.34 -1.23 50.16
N PRO B 199 -11.88 -0.08 49.70
CA PRO B 199 -13.23 0.33 50.17
C PRO B 199 -14.37 -0.54 49.66
N SER B 200 -15.36 -0.80 50.54
CA SER B 200 -16.55 -1.62 50.28
C SER B 200 -17.50 -1.00 49.23
N SER B 201 -17.35 0.32 48.96
CA SER B 201 -18.13 1.07 47.99
C SER B 201 -17.80 0.72 46.53
N LEU B 202 -16.63 0.07 46.29
CA LEU B 202 -16.14 -0.31 44.97
C LEU B 202 -17.15 -1.12 44.14
N ARG B 203 -17.37 -0.66 42.90
CA ARG B 203 -18.26 -1.28 41.93
C ARG B 203 -17.45 -1.78 40.73
N LYS B 204 -16.36 -1.07 40.39
CA LYS B 204 -15.49 -1.43 39.26
C LYS B 204 -14.02 -1.41 39.69
N LEU B 205 -13.33 -2.56 39.60
CA LEU B 205 -11.91 -2.69 39.97
C LEU B 205 -11.09 -3.17 38.77
N PHE B 206 -10.10 -2.36 38.36
CA PHE B 206 -9.22 -2.63 37.21
C PHE B 206 -7.78 -2.89 37.66
N LEU B 207 -7.31 -4.13 37.43
CA LEU B 207 -5.96 -4.58 37.81
C LEU B 207 -5.29 -5.33 36.64
N SER B 208 -5.42 -4.78 35.41
CA SER B 208 -4.83 -5.39 34.21
C SER B 208 -3.33 -5.11 34.10
N ASN B 209 -2.53 -6.12 33.66
CA ASN B 209 -1.06 -6.02 33.50
C ASN B 209 -0.41 -5.42 34.76
N THR B 210 -0.66 -6.05 35.92
CA THR B 210 -0.17 -5.57 37.20
C THR B 210 0.81 -6.53 37.87
N GLN B 211 1.32 -7.53 37.11
CA GLN B 211 2.27 -8.56 37.54
C GLN B 211 1.78 -9.38 38.76
N ILE B 212 0.44 -9.50 38.91
CA ILE B 212 -0.17 -10.27 40.01
C ILE B 212 -0.37 -11.72 39.54
N LYS B 213 0.51 -12.62 40.04
CA LYS B 213 0.52 -14.04 39.70
C LYS B 213 -0.46 -14.87 40.51
N TYR B 214 -0.61 -14.56 41.83
CA TYR B 214 -1.49 -15.29 42.73
C TYR B 214 -2.63 -14.44 43.29
N ILE B 215 -3.84 -15.04 43.35
CA ILE B 215 -5.06 -14.44 43.89
C ILE B 215 -5.56 -15.33 45.04
N SER B 216 -5.74 -14.73 46.23
CA SER B 216 -6.23 -15.41 47.44
C SER B 216 -7.66 -14.99 47.80
N GLU B 217 -8.29 -15.69 48.76
CA GLU B 217 -9.64 -15.43 49.26
C GLU B 217 -9.76 -14.06 49.96
N GLU B 218 -8.67 -13.61 50.60
CA GLU B 218 -8.60 -12.34 51.33
C GLU B 218 -8.39 -11.11 50.43
N ASP B 219 -8.07 -11.30 49.14
CA ASP B 219 -7.82 -10.21 48.18
C ASP B 219 -9.08 -9.38 47.86
N PHE B 220 -10.24 -10.02 47.72
CA PHE B 220 -11.53 -9.35 47.45
C PHE B 220 -12.57 -9.77 48.48
N LYS B 221 -12.21 -9.70 49.77
CA LYS B 221 -13.07 -10.09 50.89
C LYS B 221 -14.25 -9.16 51.12
N GLY B 222 -13.97 -7.89 51.44
CA GLY B 222 -15.00 -6.90 51.73
C GLY B 222 -15.52 -6.09 50.55
N LEU B 223 -15.59 -6.72 49.37
CA LEU B 223 -16.08 -6.06 48.15
C LEU B 223 -17.41 -6.69 47.68
N ILE B 224 -18.45 -6.53 48.51
CA ILE B 224 -19.80 -7.06 48.30
C ILE B 224 -20.57 -6.38 47.15
N ASN B 225 -20.19 -5.14 46.78
CA ASN B 225 -20.86 -4.38 45.72
C ASN B 225 -20.10 -4.37 44.37
N LEU B 226 -19.04 -5.20 44.23
CA LEU B 226 -18.22 -5.31 43.02
C LEU B 226 -19.01 -5.89 41.85
N THR B 227 -19.08 -5.15 40.73
CA THR B 227 -19.76 -5.56 39.49
C THR B 227 -18.75 -5.88 38.39
N LEU B 228 -17.56 -5.25 38.43
CA LEU B 228 -16.51 -5.48 37.45
C LEU B 228 -15.18 -5.82 38.12
N LEU B 229 -14.49 -6.84 37.57
CA LEU B 229 -13.16 -7.26 38.00
C LEU B 229 -12.32 -7.56 36.76
N ASP B 230 -11.26 -6.78 36.56
CA ASP B 230 -10.34 -6.92 35.44
C ASP B 230 -8.98 -7.37 35.96
N LEU B 231 -8.58 -8.59 35.57
CA LEU B 231 -7.30 -9.20 35.96
C LEU B 231 -6.52 -9.66 34.72
N SER B 232 -6.88 -9.13 33.54
CA SER B 232 -6.27 -9.45 32.25
C SER B 232 -4.79 -9.05 32.16
N GLY B 233 -4.01 -9.77 31.37
CA GLY B 233 -2.59 -9.48 31.17
C GLY B 233 -1.66 -9.85 32.31
N ASN B 234 -2.14 -10.65 33.28
CA ASN B 234 -1.34 -11.13 34.40
C ASN B 234 -0.98 -12.58 34.08
N CYS B 235 0.33 -12.85 33.86
CA CYS B 235 0.92 -14.11 33.36
C CYS B 235 0.38 -14.24 31.93
N PRO B 236 0.78 -13.33 31.01
CA PRO B 236 0.14 -13.31 29.70
C PRO B 236 0.76 -14.13 28.58
N ARG B 237 -0.07 -14.41 27.56
CA ARG B 237 0.29 -15.07 26.32
C ARG B 237 0.59 -13.90 25.38
N CYS B 238 1.88 -13.60 25.18
CA CYS B 238 2.33 -12.46 24.38
C CYS B 238 1.97 -12.59 22.91
N PHE B 239 1.12 -11.66 22.48
CA PHE B 239 0.58 -11.54 21.14
C PHE B 239 0.85 -10.12 20.63
N ASN B 240 0.10 -9.70 19.59
CA ASN B 240 0.18 -8.38 19.00
C ASN B 240 -0.39 -7.40 20.03
N ALA B 241 0.51 -6.81 20.85
CA ALA B 241 0.15 -5.89 21.92
C ALA B 241 0.90 -4.56 21.77
N PRO B 242 0.21 -3.39 21.98
CA PRO B 242 0.90 -2.10 21.85
C PRO B 242 1.79 -1.76 23.05
N PHE B 243 1.67 -2.53 24.14
CA PHE B 243 2.40 -2.39 25.38
C PHE B 243 3.41 -3.53 25.58
N PRO B 244 4.49 -3.37 26.39
CA PRO B 244 5.44 -4.47 26.58
C PRO B 244 4.81 -5.65 27.32
N CYS B 245 5.05 -6.88 26.82
CA CYS B 245 4.50 -8.10 27.38
C CYS B 245 5.62 -9.02 27.88
N VAL B 246 5.47 -9.53 29.12
CA VAL B 246 6.45 -10.44 29.74
C VAL B 246 5.69 -11.64 30.32
N PRO B 247 5.86 -12.86 29.77
CA PRO B 247 5.15 -14.02 30.34
C PRO B 247 5.81 -14.51 31.62
N CYS B 248 5.04 -15.25 32.44
CA CYS B 248 5.53 -15.81 33.70
C CYS B 248 6.50 -16.97 33.48
N ASP B 249 7.44 -17.17 34.42
CA ASP B 249 8.48 -18.20 34.36
C ASP B 249 7.91 -19.62 34.29
N GLY B 250 8.44 -20.40 33.35
CA GLY B 250 8.06 -21.78 33.10
C GLY B 250 6.66 -21.96 32.55
N GLY B 251 6.22 -20.99 31.74
CA GLY B 251 4.89 -20.97 31.13
C GLY B 251 3.76 -21.01 32.14
N ALA B 252 3.95 -20.31 33.27
CA ALA B 252 3.01 -20.26 34.38
C ALA B 252 1.74 -19.47 34.07
N SER B 253 0.61 -19.97 34.62
CA SER B 253 -0.73 -19.41 34.52
C SER B 253 -1.03 -18.65 35.81
N ILE B 254 -2.05 -17.77 35.79
CA ILE B 254 -2.48 -17.04 36.98
C ILE B 254 -3.06 -18.05 37.98
N ASN B 255 -2.60 -18.01 39.24
CA ASN B 255 -3.08 -18.93 40.25
C ASN B 255 -4.21 -18.28 41.06
N ILE B 256 -5.45 -18.66 40.75
CA ILE B 256 -6.64 -18.14 41.43
C ILE B 256 -7.21 -19.24 42.32
N ASP B 257 -7.29 -18.98 43.64
CA ASP B 257 -7.82 -19.91 44.65
C ASP B 257 -9.30 -20.20 44.38
N ARG B 258 -9.77 -21.40 44.74
CA ARG B 258 -11.16 -21.84 44.56
C ARG B 258 -12.16 -20.88 45.24
N PHE B 259 -11.81 -20.38 46.45
CA PHE B 259 -12.62 -19.49 47.27
C PHE B 259 -12.24 -17.99 47.13
N ALA B 260 -11.56 -17.62 46.02
CA ALA B 260 -11.15 -16.23 45.79
C ALA B 260 -12.32 -15.31 45.41
N PHE B 261 -13.29 -15.82 44.62
CA PHE B 261 -14.46 -15.06 44.19
C PHE B 261 -15.74 -15.50 44.94
N GLN B 262 -15.56 -16.04 46.16
CA GLN B 262 -16.61 -16.56 47.02
C GLN B 262 -17.65 -15.52 47.48
N ASN B 263 -17.27 -14.22 47.54
CA ASN B 263 -18.18 -13.19 48.03
C ASN B 263 -18.39 -12.03 47.04
N LEU B 264 -18.31 -12.33 45.72
CA LEU B 264 -18.52 -11.34 44.65
C LEU B 264 -19.83 -11.67 43.92
N THR B 265 -20.93 -11.71 44.69
CA THR B 265 -22.30 -12.03 44.27
C THR B 265 -22.86 -11.05 43.22
N GLN B 266 -22.42 -9.78 43.24
CA GLN B 266 -22.92 -8.74 42.32
C GLN B 266 -22.11 -8.59 41.02
N LEU B 267 -21.08 -9.44 40.80
CA LEU B 267 -20.21 -9.37 39.62
C LEU B 267 -20.93 -9.71 38.31
N ARG B 268 -20.89 -8.75 37.37
CA ARG B 268 -21.49 -8.84 36.03
C ARG B 268 -20.42 -8.95 34.94
N TYR B 269 -19.25 -8.31 35.14
CA TYR B 269 -18.17 -8.31 34.17
C TYR B 269 -16.89 -8.89 34.79
N LEU B 270 -16.32 -9.90 34.12
CA LEU B 270 -15.08 -10.55 34.56
C LEU B 270 -14.14 -10.69 33.37
N ASN B 271 -12.96 -10.04 33.48
CA ASN B 271 -11.95 -10.06 32.42
C ASN B 271 -10.71 -10.85 32.85
N LEU B 272 -10.59 -12.08 32.30
CA LEU B 272 -9.46 -12.97 32.57
C LEU B 272 -8.66 -13.25 31.30
N SER B 273 -8.61 -12.26 30.40
CA SER B 273 -7.87 -12.34 29.13
C SER B 273 -6.37 -12.38 29.38
N SER B 274 -5.63 -13.05 28.49
CA SER B 274 -4.16 -13.16 28.55
C SER B 274 -3.65 -13.47 29.98
N THR B 275 -4.13 -14.58 30.55
CA THR B 275 -3.74 -15.03 31.89
C THR B 275 -3.12 -16.44 31.83
N SER B 276 -2.84 -16.92 30.59
CA SER B 276 -2.23 -18.22 30.24
C SER B 276 -2.93 -19.43 30.90
N LEU B 277 -4.26 -19.31 31.15
CA LEU B 277 -5.08 -20.35 31.77
C LEU B 277 -5.20 -21.60 30.90
N ARG B 278 -5.10 -22.78 31.54
CA ARG B 278 -5.23 -24.09 30.89
C ARG B 278 -6.52 -24.75 31.38
N LYS B 279 -6.93 -24.43 32.61
CA LYS B 279 -8.13 -24.95 33.26
C LYS B 279 -8.89 -23.85 34.00
N ILE B 280 -10.22 -23.89 33.91
CA ILE B 280 -11.11 -22.95 34.60
C ILE B 280 -11.87 -23.75 35.65
N ASN B 281 -11.70 -23.36 36.92
CA ASN B 281 -12.39 -23.98 38.04
C ASN B 281 -13.84 -23.49 38.03
N ALA B 282 -14.80 -24.43 38.01
CA ALA B 282 -16.23 -24.13 38.01
C ALA B 282 -16.69 -23.49 39.32
N ALA B 283 -15.91 -23.67 40.41
CA ALA B 283 -16.16 -23.15 41.76
C ALA B 283 -16.06 -21.62 41.82
N TRP B 284 -15.32 -20.99 40.87
CA TRP B 284 -15.15 -19.53 40.79
C TRP B 284 -16.49 -18.81 40.52
N PHE B 285 -17.46 -19.51 39.92
CA PHE B 285 -18.77 -18.98 39.54
C PHE B 285 -19.93 -19.53 40.41
N LYS B 286 -19.60 -20.16 41.56
CA LYS B 286 -20.58 -20.71 42.50
C LYS B 286 -21.47 -19.61 43.09
N ASN B 287 -20.85 -18.52 43.57
CA ASN B 287 -21.53 -17.36 44.14
C ASN B 287 -21.38 -16.18 43.17
N MET B 288 -21.80 -16.39 41.92
CA MET B 288 -21.74 -15.42 40.83
C MET B 288 -22.91 -15.68 39.86
N PRO B 289 -24.19 -15.46 40.28
CA PRO B 289 -25.31 -15.76 39.38
C PRO B 289 -25.71 -14.65 38.42
N HIS B 290 -25.06 -13.49 38.51
CA HIS B 290 -25.39 -12.33 37.67
C HIS B 290 -24.37 -12.04 36.56
N LEU B 291 -23.31 -12.88 36.43
CA LEU B 291 -22.26 -12.70 35.42
C LEU B 291 -22.85 -12.59 34.01
N LYS B 292 -22.71 -11.40 33.41
CA LYS B 292 -23.21 -11.02 32.10
C LYS B 292 -22.14 -11.14 31.00
N VAL B 293 -20.89 -10.73 31.30
CA VAL B 293 -19.77 -10.76 30.34
C VAL B 293 -18.56 -11.49 30.93
N LEU B 294 -17.95 -12.41 30.15
CA LEU B 294 -16.78 -13.16 30.55
C LEU B 294 -15.74 -13.22 29.42
N ASP B 295 -14.57 -12.61 29.67
CA ASP B 295 -13.46 -12.56 28.71
C ASP B 295 -12.39 -13.57 29.06
N LEU B 296 -12.14 -14.53 28.16
CA LEU B 296 -11.15 -15.59 28.34
C LEU B 296 -10.22 -15.74 27.12
N GLU B 297 -10.16 -14.70 26.26
CA GLU B 297 -9.30 -14.69 25.08
C GLU B 297 -7.81 -14.64 25.42
N PHE B 298 -6.94 -15.15 24.51
CA PHE B 298 -5.47 -15.19 24.64
C PHE B 298 -5.00 -16.09 25.81
N ASN B 299 -5.62 -17.27 25.95
CA ASN B 299 -5.28 -18.28 26.95
C ASN B 299 -5.07 -19.63 26.23
N TYR B 300 -4.82 -20.72 26.97
CA TYR B 300 -4.60 -22.03 26.38
C TYR B 300 -5.76 -22.96 26.82
N LEU B 301 -7.00 -22.61 26.42
CA LEU B 301 -8.20 -23.33 26.85
C LEU B 301 -8.91 -24.20 25.78
N VAL B 302 -8.15 -24.77 24.80
CA VAL B 302 -8.74 -25.65 23.77
C VAL B 302 -9.44 -26.86 24.42
N GLY B 303 -8.78 -27.41 25.45
CA GLY B 303 -9.27 -28.53 26.24
C GLY B 303 -10.51 -28.19 27.04
N GLU B 304 -10.57 -26.95 27.57
CA GLU B 304 -11.70 -26.42 28.35
C GLU B 304 -12.94 -26.19 27.48
N ILE B 305 -12.73 -25.83 26.19
CA ILE B 305 -13.83 -25.61 25.23
C ILE B 305 -14.47 -26.97 24.88
N ALA B 306 -13.66 -28.05 24.83
CA ALA B 306 -14.10 -29.41 24.53
C ALA B 306 -14.90 -30.02 25.69
N SER B 307 -14.56 -29.66 26.94
CA SER B 307 -15.21 -30.14 28.17
C SER B 307 -15.10 -29.09 29.26
N GLY B 308 -16.15 -28.28 29.39
CA GLY B 308 -16.19 -27.20 30.38
C GLY B 308 -17.29 -27.33 31.41
N ALA B 309 -16.88 -27.59 32.66
CA ALA B 309 -17.78 -27.71 33.81
C ALA B 309 -18.30 -26.34 34.24
N PHE B 310 -17.52 -25.28 33.97
CA PHE B 310 -17.84 -23.89 34.29
C PHE B 310 -19.02 -23.35 33.47
N LEU B 311 -19.31 -23.96 32.30
CA LEU B 311 -20.39 -23.57 31.39
C LEU B 311 -21.79 -23.76 31.98
N THR B 312 -21.94 -24.73 32.91
CA THR B 312 -23.21 -25.03 33.60
C THR B 312 -23.45 -24.04 34.74
N MET B 313 -22.40 -23.28 35.11
CA MET B 313 -22.41 -22.29 36.19
C MET B 313 -22.75 -20.88 35.70
N LEU B 314 -22.94 -20.71 34.38
CA LEU B 314 -23.22 -19.40 33.76
C LEU B 314 -24.59 -19.34 33.03
N PRO B 315 -25.74 -19.34 33.75
CA PRO B 315 -27.03 -19.27 33.06
C PRO B 315 -27.46 -17.86 32.64
N ARG B 316 -26.87 -16.82 33.25
CA ARG B 316 -27.19 -15.41 32.97
C ARG B 316 -26.13 -14.71 32.09
N LEU B 317 -25.14 -15.47 31.57
CA LEU B 317 -24.08 -14.94 30.72
C LEU B 317 -24.57 -14.60 29.32
N GLU B 318 -24.27 -13.38 28.85
CA GLU B 318 -24.69 -12.86 27.55
C GLU B 318 -23.54 -12.83 26.53
N ILE B 319 -22.34 -12.36 26.95
CA ILE B 319 -21.17 -12.29 26.07
C ILE B 319 -20.05 -13.19 26.59
N LEU B 320 -19.57 -14.10 25.72
CA LEU B 320 -18.48 -15.01 26.01
C LEU B 320 -17.43 -14.90 24.90
N ASP B 321 -16.19 -14.57 25.30
CA ASP B 321 -15.08 -14.45 24.37
C ASP B 321 -13.98 -15.45 24.71
N LEU B 322 -13.75 -16.40 23.79
CA LEU B 322 -12.73 -17.46 23.91
C LEU B 322 -11.77 -17.40 22.72
N SER B 323 -11.54 -16.20 22.19
CA SER B 323 -10.66 -15.94 21.04
C SER B 323 -9.18 -16.22 21.30
N PHE B 324 -8.42 -16.41 20.20
CA PHE B 324 -6.97 -16.67 20.14
C PHE B 324 -6.49 -17.60 21.26
N ASN B 325 -7.20 -18.73 21.41
CA ASN B 325 -6.94 -19.76 22.39
C ASN B 325 -6.26 -20.99 21.75
N TYR B 326 -5.99 -20.92 20.43
CA TYR B 326 -5.36 -21.95 19.60
C TYR B 326 -4.07 -22.54 20.18
N ILE B 327 -3.77 -23.79 19.81
CA ILE B 327 -2.52 -24.45 20.22
C ILE B 327 -1.53 -24.14 19.09
N LYS B 328 -0.30 -23.69 19.46
CA LYS B 328 0.77 -23.34 18.54
C LYS B 328 1.11 -24.53 17.63
N GLY B 329 0.95 -24.33 16.33
CA GLY B 329 1.19 -25.33 15.28
C GLY B 329 0.12 -26.39 15.09
N SER B 330 -1.05 -26.21 15.73
CA SER B 330 -2.15 -27.16 15.65
C SER B 330 -3.27 -26.72 14.69
N TYR B 331 -3.50 -27.52 13.64
CA TYR B 331 -4.53 -27.27 12.62
C TYR B 331 -5.51 -28.47 12.56
N PRO B 332 -6.44 -28.59 13.56
CA PRO B 332 -7.37 -29.73 13.56
C PRO B 332 -8.41 -29.70 12.44
N GLN B 333 -9.08 -30.85 12.23
CA GLN B 333 -10.11 -31.01 11.20
C GLN B 333 -11.41 -30.30 11.56
N HIS B 334 -11.82 -30.35 12.85
CA HIS B 334 -13.07 -29.75 13.32
C HIS B 334 -12.92 -29.05 14.67
N ILE B 335 -13.92 -28.23 15.04
CA ILE B 335 -13.98 -27.52 16.32
C ILE B 335 -14.68 -28.42 17.35
N ASN B 336 -14.07 -28.56 18.55
CA ASN B 336 -14.63 -29.39 19.61
C ASN B 336 -15.36 -28.50 20.63
N ILE B 337 -16.70 -28.40 20.48
CA ILE B 337 -17.59 -27.61 21.33
C ILE B 337 -18.30 -28.55 22.31
N SER B 338 -18.14 -28.29 23.63
CA SER B 338 -18.75 -29.09 24.71
C SER B 338 -20.28 -28.98 24.67
N ARG B 339 -20.98 -30.07 25.06
CA ARG B 339 -22.44 -30.08 25.09
C ARG B 339 -22.98 -29.15 26.18
N ASN B 340 -22.11 -28.76 27.14
CA ASN B 340 -22.40 -27.84 28.23
C ASN B 340 -22.64 -26.41 27.74
N PHE B 341 -22.42 -26.15 26.43
CA PHE B 341 -22.65 -24.85 25.79
C PHE B 341 -24.17 -24.58 25.67
N SER B 342 -24.99 -25.65 25.78
CA SER B 342 -26.46 -25.57 25.74
C SER B 342 -27.04 -25.06 27.07
N LYS B 343 -26.18 -24.98 28.11
CA LYS B 343 -26.55 -24.48 29.44
C LYS B 343 -26.44 -22.95 29.55
N LEU B 344 -25.91 -22.29 28.50
CA LEU B 344 -25.75 -20.84 28.42
C LEU B 344 -27.02 -20.24 27.78
N LEU B 345 -28.14 -20.35 28.50
CA LEU B 345 -29.48 -19.91 28.09
C LEU B 345 -29.59 -18.42 27.72
N SER B 346 -28.83 -17.55 28.40
CA SER B 346 -28.88 -16.09 28.19
C SER B 346 -27.91 -15.57 27.14
N LEU B 347 -27.01 -16.44 26.61
CA LEU B 347 -25.99 -16.09 25.62
C LEU B 347 -26.55 -15.41 24.39
N ARG B 348 -25.95 -14.26 24.06
CA ARG B 348 -26.31 -13.40 22.93
C ARG B 348 -25.19 -13.36 21.91
N ALA B 349 -23.93 -13.36 22.40
CA ALA B 349 -22.72 -13.29 21.57
C ALA B 349 -21.67 -14.34 21.94
N LEU B 350 -21.15 -15.04 20.93
CA LEU B 350 -20.10 -16.02 21.10
C LEU B 350 -18.94 -15.66 20.18
N HIS B 351 -17.76 -15.40 20.78
CA HIS B 351 -16.56 -15.02 20.05
C HIS B 351 -15.54 -16.15 20.11
N LEU B 352 -15.37 -16.85 18.97
CA LEU B 352 -14.44 -17.99 18.84
C LEU B 352 -13.41 -17.79 17.72
N ARG B 353 -12.76 -16.61 17.72
CA ARG B 353 -11.69 -16.25 16.78
C ARG B 353 -10.41 -16.98 17.19
N GLY B 354 -9.53 -17.18 16.22
CA GLY B 354 -8.23 -17.81 16.43
C GLY B 354 -8.22 -19.14 17.18
N TYR B 355 -9.20 -20.02 16.89
CA TYR B 355 -9.24 -21.36 17.48
C TYR B 355 -8.42 -22.22 16.52
N VAL B 356 -8.49 -21.88 15.21
CA VAL B 356 -7.81 -22.48 14.06
C VAL B 356 -8.25 -23.93 13.85
N PHE B 357 -9.08 -24.15 12.80
CA PHE B 357 -9.61 -25.46 12.38
C PHE B 357 -9.94 -25.45 10.87
N GLN B 358 -9.91 -26.65 10.25
CA GLN B 358 -10.08 -26.84 8.81
C GLN B 358 -11.53 -26.87 8.30
N GLU B 359 -12.43 -27.62 8.96
CA GLU B 359 -13.83 -27.79 8.52
C GLU B 359 -14.85 -27.60 9.65
N LEU B 360 -15.99 -26.94 9.32
CA LEU B 360 -17.11 -26.73 10.25
C LEU B 360 -18.32 -27.51 9.74
N ARG B 361 -18.76 -28.49 10.53
CA ARG B 361 -19.91 -29.35 10.21
C ARG B 361 -21.13 -28.95 11.05
N GLU B 362 -22.32 -29.44 10.64
CA GLU B 362 -23.60 -29.19 11.32
C GLU B 362 -23.57 -29.77 12.74
N ASP B 363 -22.99 -30.97 12.92
CA ASP B 363 -22.89 -31.68 14.20
C ASP B 363 -22.00 -30.99 15.24
N ASP B 364 -20.97 -30.25 14.79
CA ASP B 364 -20.03 -29.55 15.67
C ASP B 364 -20.68 -28.41 16.47
N PHE B 365 -21.66 -27.72 15.86
CA PHE B 365 -22.39 -26.60 16.47
C PHE B 365 -23.78 -26.99 17.01
N GLN B 366 -24.00 -28.29 17.34
CA GLN B 366 -25.26 -28.80 17.91
C GLN B 366 -25.59 -28.21 19.29
N PRO B 367 -24.64 -27.98 20.24
CA PRO B 367 -25.02 -27.41 21.55
C PRO B 367 -25.53 -25.97 21.51
N LEU B 368 -25.06 -25.19 20.53
CA LEU B 368 -25.41 -23.78 20.36
C LEU B 368 -26.77 -23.57 19.70
N MET B 369 -27.25 -24.58 18.96
CA MET B 369 -28.53 -24.54 18.23
C MET B 369 -29.77 -24.44 19.10
N GLN B 370 -29.65 -24.85 20.39
CA GLN B 370 -30.73 -24.81 21.37
C GLN B 370 -30.81 -23.49 22.15
N LEU B 371 -29.86 -22.57 21.93
CA LEU B 371 -29.80 -21.27 22.61
C LEU B 371 -30.74 -20.24 21.97
N PRO B 372 -31.76 -19.73 22.72
CA PRO B 372 -32.74 -18.81 22.12
C PRO B 372 -32.27 -17.38 21.80
N ASN B 373 -31.39 -16.79 22.65
CA ASN B 373 -30.93 -15.41 22.47
C ASN B 373 -29.66 -15.25 21.60
N LEU B 374 -29.00 -16.37 21.22
CA LEU B 374 -27.75 -16.32 20.43
C LEU B 374 -27.97 -15.68 19.06
N SER B 375 -27.55 -14.41 18.95
CA SER B 375 -27.68 -13.59 17.74
C SER B 375 -26.37 -13.37 17.00
N THR B 376 -25.24 -13.38 17.71
CA THR B 376 -23.93 -13.14 17.12
C THR B 376 -22.97 -14.32 17.28
N ILE B 377 -22.37 -14.76 16.16
CA ILE B 377 -21.35 -15.80 16.10
C ILE B 377 -20.12 -15.24 15.38
N ASN B 378 -18.99 -15.18 16.11
CA ASN B 378 -17.73 -14.64 15.58
C ASN B 378 -16.72 -15.78 15.36
N LEU B 379 -16.51 -16.13 14.08
CA LEU B 379 -15.58 -17.19 13.67
C LEU B 379 -14.47 -16.68 12.75
N GLY B 380 -14.12 -15.39 12.91
CA GLY B 380 -13.07 -14.73 12.14
C GLY B 380 -11.69 -15.22 12.48
N ILE B 381 -10.76 -15.20 11.50
CA ILE B 381 -9.35 -15.63 11.65
C ILE B 381 -9.28 -17.08 12.23
N ASN B 382 -9.89 -18.03 11.53
CA ASN B 382 -9.91 -19.45 11.95
C ASN B 382 -9.38 -20.36 10.83
N PHE B 383 -9.16 -19.77 9.63
CA PHE B 383 -8.63 -20.40 8.41
C PHE B 383 -9.48 -21.59 7.94
N ILE B 384 -10.81 -21.55 8.20
CA ILE B 384 -11.75 -22.62 7.82
C ILE B 384 -11.84 -22.73 6.29
N LYS B 385 -11.53 -23.92 5.75
CA LYS B 385 -11.56 -24.24 4.32
C LYS B 385 -12.96 -24.55 3.81
N GLN B 386 -13.79 -25.22 4.64
CA GLN B 386 -15.15 -25.64 4.27
C GLN B 386 -16.14 -25.50 5.42
N ILE B 387 -17.32 -24.90 5.13
CA ILE B 387 -18.41 -24.73 6.11
C ILE B 387 -19.72 -25.29 5.53
N ASP B 388 -20.43 -26.12 6.32
CA ASP B 388 -21.72 -26.67 5.93
C ASP B 388 -22.76 -25.61 6.28
N PHE B 389 -22.92 -24.58 5.42
CA PHE B 389 -23.79 -23.41 5.59
C PHE B 389 -25.26 -23.72 5.97
N LYS B 390 -25.68 -25.01 5.87
CA LYS B 390 -27.00 -25.47 6.27
C LYS B 390 -27.19 -25.42 7.79
N LEU B 391 -26.09 -25.39 8.56
CA LEU B 391 -26.11 -25.35 10.03
C LEU B 391 -26.60 -24.01 10.60
N PHE B 392 -26.53 -22.92 9.82
CA PHE B 392 -26.94 -21.58 10.28
C PHE B 392 -28.45 -21.37 10.30
N GLN B 393 -29.22 -22.13 9.50
CA GLN B 393 -30.68 -22.02 9.50
C GLN B 393 -31.30 -22.86 10.64
N ASN B 394 -30.46 -23.62 11.37
CA ASN B 394 -30.84 -24.44 12.53
C ASN B 394 -31.04 -23.54 13.77
N PHE B 395 -30.36 -22.38 13.80
CA PHE B 395 -30.41 -21.41 14.89
C PHE B 395 -31.75 -20.67 14.96
N SER B 396 -32.22 -20.38 16.19
CA SER B 396 -33.48 -19.70 16.45
C SER B 396 -33.51 -18.20 16.12
N ASN B 397 -32.52 -17.42 16.63
CA ASN B 397 -32.46 -15.97 16.44
C ASN B 397 -31.09 -15.45 15.98
N LEU B 398 -30.50 -16.07 14.94
CA LEU B 398 -29.21 -15.63 14.41
C LEU B 398 -29.34 -14.34 13.59
N GLU B 399 -28.56 -13.31 13.97
CA GLU B 399 -28.56 -11.99 13.31
C GLU B 399 -27.23 -11.63 12.65
N ILE B 400 -26.10 -12.03 13.28
CA ILE B 400 -24.75 -11.77 12.78
C ILE B 400 -23.94 -13.07 12.66
N ILE B 401 -23.54 -13.42 11.43
CA ILE B 401 -22.70 -14.57 11.12
C ILE B 401 -21.38 -14.00 10.56
N TYR B 402 -20.37 -13.86 11.43
CA TYR B 402 -19.07 -13.30 11.08
C TYR B 402 -18.03 -14.37 10.77
N LEU B 403 -17.77 -14.59 9.47
CA LEU B 403 -16.81 -15.59 8.97
C LEU B 403 -15.65 -14.96 8.17
N SER B 404 -15.28 -13.71 8.51
CA SER B 404 -14.20 -12.98 7.84
C SER B 404 -12.81 -13.57 8.12
N GLU B 405 -11.85 -13.31 7.21
CA GLU B 405 -10.46 -13.77 7.28
C GLU B 405 -10.34 -15.30 7.44
N ASN B 406 -11.18 -16.04 6.69
CA ASN B 406 -11.15 -17.51 6.65
C ASN B 406 -10.68 -17.96 5.25
N ARG B 407 -10.86 -19.25 4.90
CA ARG B 407 -10.40 -19.79 3.61
C ARG B 407 -11.52 -20.42 2.77
N ILE B 408 -12.75 -19.89 2.85
CA ILE B 408 -13.88 -20.41 2.05
C ILE B 408 -13.63 -20.09 0.59
N SER B 409 -13.61 -21.13 -0.25
CA SER B 409 -13.34 -21.08 -1.70
C SER B 409 -14.64 -21.26 -2.51
N PRO B 410 -14.64 -21.15 -3.88
CA PRO B 410 -15.89 -21.31 -4.63
C PRO B 410 -16.51 -22.70 -4.48
N LEU B 411 -17.81 -22.71 -4.14
CA LEU B 411 -18.59 -23.91 -3.93
C LEU B 411 -19.22 -24.38 -5.23
N VAL B 412 -18.62 -25.44 -5.82
CA VAL B 412 -19.04 -26.03 -7.10
C VAL B 412 -19.75 -27.38 -6.91
N LYS B 413 -20.44 -27.88 -7.96
CA LYS B 413 -21.18 -29.13 -7.97
C LYS B 413 -20.29 -30.37 -7.76
N PHE B 439 -1.83 5.02 20.45
CA PHE B 439 -2.87 4.27 21.16
C PHE B 439 -3.35 5.00 22.42
N ASP B 440 -4.59 4.68 22.88
CA ASP B 440 -5.15 5.29 24.08
C ASP B 440 -5.26 4.29 25.26
N PRO B 441 -4.96 4.72 26.50
CA PRO B 441 -5.03 3.80 27.65
C PRO B 441 -6.45 3.40 28.04
N HIS B 442 -7.44 4.27 27.75
CA HIS B 442 -8.86 4.05 28.05
C HIS B 442 -9.54 3.16 26.98
N SER B 443 -8.88 2.06 26.59
CA SER B 443 -9.41 1.15 25.58
C SER B 443 -9.43 -0.30 26.03
N ASN B 444 -10.32 -1.10 25.40
CA ASN B 444 -10.42 -2.54 25.63
C ASN B 444 -9.37 -3.15 24.68
N PHE B 445 -8.24 -3.58 25.23
CA PHE B 445 -7.12 -4.11 24.44
C PHE B 445 -7.28 -5.53 23.93
N TYR B 446 -8.04 -6.37 24.66
CA TYR B 446 -8.19 -7.79 24.30
C TYR B 446 -9.50 -8.14 23.56
N HIS B 447 -10.55 -7.31 23.69
CA HIS B 447 -11.83 -7.54 23.02
C HIS B 447 -12.11 -6.42 22.02
N PHE B 448 -12.66 -6.77 20.84
CA PHE B 448 -13.00 -5.78 19.82
C PHE B 448 -14.34 -5.11 20.08
N THR B 449 -14.29 -3.79 20.37
CA THR B 449 -15.45 -2.95 20.66
C THR B 449 -16.22 -2.54 19.40
N ARG B 450 -15.50 -2.41 18.27
CA ARG B 450 -16.06 -2.03 16.97
C ARG B 450 -17.11 -3.06 16.49
N PRO B 451 -18.25 -2.61 15.89
CA PRO B 451 -19.24 -3.57 15.39
C PRO B 451 -18.64 -4.45 14.30
N LEU B 452 -18.92 -5.77 14.36
CA LEU B 452 -18.42 -6.76 13.40
C LEU B 452 -18.85 -6.46 11.97
N ILE B 453 -20.12 -6.06 11.79
CA ILE B 453 -20.70 -5.66 10.49
C ILE B 453 -21.06 -4.18 10.65
N LYS B 454 -20.97 -3.40 9.56
CA LYS B 454 -21.34 -1.97 9.58
C LYS B 454 -22.81 -1.86 10.01
N PRO B 455 -23.15 -0.98 10.98
CA PRO B 455 -24.56 -0.88 11.43
C PRO B 455 -25.57 -0.64 10.31
N GLN B 456 -25.13 0.06 9.24
CA GLN B 456 -25.92 0.36 8.04
C GLN B 456 -26.33 -0.93 7.33
N CYS B 457 -25.40 -1.91 7.26
CA CYS B 457 -25.63 -3.22 6.66
C CYS B 457 -26.54 -4.08 7.56
N ALA B 458 -26.13 -4.28 8.84
CA ALA B 458 -26.80 -5.08 9.87
C ALA B 458 -28.24 -4.67 10.18
N ALA B 459 -28.58 -3.37 10.02
CA ALA B 459 -29.92 -2.83 10.29
C ALA B 459 -31.01 -3.41 9.38
N TYR B 460 -30.65 -3.79 8.13
CA TYR B 460 -31.57 -4.36 7.15
C TYR B 460 -32.10 -5.75 7.50
N GLY B 461 -31.30 -6.52 8.25
CA GLY B 461 -31.67 -7.86 8.68
C GLY B 461 -30.50 -8.77 8.98
N LYS B 462 -30.64 -10.07 8.64
CA LYS B 462 -29.62 -11.11 8.86
C LYS B 462 -28.34 -10.81 8.06
N ALA B 463 -27.23 -10.63 8.78
CA ALA B 463 -25.92 -10.30 8.21
C ALA B 463 -25.00 -11.51 8.14
N LEU B 464 -24.28 -11.63 7.01
CA LEU B 464 -23.29 -12.68 6.76
C LEU B 464 -22.05 -12.02 6.19
N ASP B 465 -20.91 -12.22 6.87
CA ASP B 465 -19.65 -11.62 6.45
C ASP B 465 -18.66 -12.68 5.95
N LEU B 466 -18.53 -12.80 4.62
CA LEU B 466 -17.61 -13.74 3.99
C LEU B 466 -16.43 -13.00 3.34
N SER B 467 -16.05 -11.84 3.90
CA SER B 467 -14.94 -11.03 3.41
C SER B 467 -13.58 -11.65 3.76
N LEU B 468 -12.54 -11.30 2.97
CA LEU B 468 -11.16 -11.75 3.10
C LEU B 468 -11.04 -13.29 3.12
N ASN B 469 -11.76 -13.95 2.18
CA ASN B 469 -11.75 -15.40 1.99
C ASN B 469 -11.11 -15.75 0.63
N SER B 470 -11.34 -16.98 0.13
CA SER B 470 -10.79 -17.50 -1.13
C SER B 470 -11.82 -17.61 -2.26
N ILE B 471 -12.92 -16.83 -2.17
CA ILE B 471 -14.00 -16.85 -3.17
C ILE B 471 -13.54 -16.04 -4.40
N PHE B 472 -12.74 -16.67 -5.28
CA PHE B 472 -12.20 -16.01 -6.48
C PHE B 472 -13.21 -15.93 -7.64
N PHE B 473 -14.39 -16.57 -7.46
CA PHE B 473 -15.57 -16.56 -8.33
C PHE B 473 -16.77 -17.10 -7.54
N ILE B 474 -17.99 -16.64 -7.86
CA ILE B 474 -19.20 -17.10 -7.18
C ILE B 474 -19.68 -18.42 -7.80
N GLY B 475 -19.56 -19.49 -7.02
CA GLY B 475 -19.96 -20.83 -7.43
C GLY B 475 -21.47 -21.01 -7.52
N PRO B 476 -21.95 -22.05 -8.24
CA PRO B 476 -23.42 -22.26 -8.34
C PRO B 476 -24.09 -22.66 -7.02
N ASN B 477 -23.31 -23.25 -6.09
CA ASN B 477 -23.77 -23.71 -4.78
C ASN B 477 -23.15 -22.90 -3.63
N GLN B 478 -22.68 -21.67 -3.94
CA GLN B 478 -22.04 -20.75 -3.00
C GLN B 478 -22.94 -20.36 -1.82
N PHE B 479 -24.22 -20.13 -2.09
CA PHE B 479 -25.20 -19.73 -1.08
C PHE B 479 -26.27 -20.81 -0.80
N GLU B 480 -25.90 -22.09 -1.01
CA GLU B 480 -26.75 -23.26 -0.80
C GLU B 480 -27.14 -23.42 0.67
N ASN B 481 -28.45 -23.62 0.92
CA ASN B 481 -29.08 -23.82 2.23
C ASN B 481 -28.71 -22.72 3.25
N LEU B 482 -28.83 -21.45 2.82
CA LEU B 482 -28.50 -20.26 3.59
C LEU B 482 -29.78 -19.56 4.11
N PRO B 483 -29.78 -18.97 5.34
CA PRO B 483 -30.97 -18.26 5.82
C PRO B 483 -31.26 -16.99 5.02
N ASP B 484 -32.41 -16.32 5.28
CA ASP B 484 -32.81 -15.10 4.57
C ASP B 484 -31.90 -13.91 4.90
N ILE B 485 -30.75 -13.87 4.22
CA ILE B 485 -29.71 -12.84 4.36
C ILE B 485 -30.17 -11.54 3.70
N ALA B 486 -30.06 -10.43 4.43
CA ALA B 486 -30.42 -9.08 3.94
C ALA B 486 -29.16 -8.22 3.83
N CYS B 487 -28.06 -8.69 4.44
CA CYS B 487 -26.78 -8.00 4.48
C CYS B 487 -25.64 -8.98 4.17
N LEU B 488 -24.90 -8.74 3.08
CA LEU B 488 -23.80 -9.63 2.70
C LEU B 488 -22.51 -8.90 2.41
N ASN B 489 -21.38 -9.39 2.96
CA ASN B 489 -20.06 -8.82 2.72
C ASN B 489 -19.14 -9.82 2.03
N LEU B 490 -18.75 -9.48 0.79
CA LEU B 490 -17.84 -10.29 -0.03
C LEU B 490 -16.58 -9.47 -0.40
N SER B 491 -16.17 -8.55 0.48
CA SER B 491 -15.01 -7.69 0.29
C SER B 491 -13.70 -8.47 0.26
N ALA B 492 -12.72 -7.96 -0.50
CA ALA B 492 -11.36 -8.51 -0.65
C ALA B 492 -11.29 -10.04 -0.78
N ASN B 493 -12.06 -10.57 -1.72
CA ASN B 493 -12.09 -12.01 -2.01
C ASN B 493 -11.40 -12.28 -3.34
N SER B 494 -10.95 -11.20 -4.04
CA SER B 494 -10.35 -11.23 -5.40
C SER B 494 -11.32 -11.91 -6.36
N ASN B 495 -12.61 -11.62 -6.19
CA ASN B 495 -13.69 -12.22 -6.95
C ASN B 495 -13.75 -11.65 -8.36
N ALA B 496 -13.41 -12.50 -9.36
CA ALA B 496 -13.39 -12.17 -10.79
C ALA B 496 -14.59 -12.79 -11.52
N GLN B 497 -15.76 -12.73 -10.88
CA GLN B 497 -17.02 -13.26 -11.41
C GLN B 497 -17.64 -12.35 -12.47
N VAL B 498 -18.14 -12.95 -13.55
CA VAL B 498 -18.86 -12.22 -14.60
C VAL B 498 -20.33 -12.34 -14.18
N LEU B 499 -20.85 -11.28 -13.52
CA LEU B 499 -22.22 -11.22 -13.00
C LEU B 499 -23.26 -11.26 -14.13
N SER B 500 -24.15 -12.26 -14.07
CA SER B 500 -25.17 -12.52 -15.09
C SER B 500 -26.61 -12.48 -14.56
N GLY B 501 -26.77 -12.66 -13.25
CA GLY B 501 -28.08 -12.67 -12.60
C GLY B 501 -28.55 -14.07 -12.23
N THR B 502 -27.59 -14.92 -11.82
CA THR B 502 -27.79 -16.33 -11.44
C THR B 502 -27.01 -16.66 -10.16
N GLU B 503 -25.98 -15.85 -9.87
CA GLU B 503 -25.03 -15.97 -8.76
C GLU B 503 -25.66 -15.88 -7.37
N PHE B 504 -26.50 -14.85 -7.13
CA PHE B 504 -27.15 -14.58 -5.84
C PHE B 504 -28.62 -15.02 -5.82
N SER B 505 -28.95 -16.11 -6.53
CA SER B 505 -30.31 -16.66 -6.64
C SER B 505 -30.84 -17.26 -5.33
N ALA B 506 -29.96 -17.95 -4.56
CA ALA B 506 -30.31 -18.60 -3.30
C ALA B 506 -30.69 -17.63 -2.18
N ILE B 507 -30.16 -16.39 -2.22
CA ILE B 507 -30.46 -15.33 -1.26
C ILE B 507 -30.94 -14.06 -2.01
N PRO B 508 -32.19 -14.04 -2.53
CA PRO B 508 -32.63 -12.89 -3.33
C PRO B 508 -33.28 -11.74 -2.56
N HIS B 509 -33.05 -11.68 -1.24
CA HIS B 509 -33.61 -10.64 -0.36
C HIS B 509 -32.52 -9.75 0.26
N VAL B 510 -31.33 -9.69 -0.38
CA VAL B 510 -30.21 -8.87 0.06
C VAL B 510 -30.50 -7.39 -0.25
N LYS B 511 -30.55 -6.56 0.80
CA LYS B 511 -30.82 -5.13 0.71
C LYS B 511 -29.52 -4.31 0.70
N TYR B 512 -28.46 -4.84 1.34
CA TYR B 512 -27.14 -4.21 1.40
C TYR B 512 -26.07 -5.24 1.00
N LEU B 513 -25.33 -4.94 -0.08
CA LEU B 513 -24.30 -5.83 -0.60
C LEU B 513 -22.95 -5.13 -0.76
N ASP B 514 -21.95 -5.63 -0.02
CA ASP B 514 -20.58 -5.11 -0.04
C ASP B 514 -19.73 -6.00 -0.94
N LEU B 515 -19.35 -5.49 -2.12
CA LEU B 515 -18.55 -6.20 -3.12
C LEU B 515 -17.22 -5.47 -3.39
N THR B 516 -16.74 -4.71 -2.39
CA THR B 516 -15.51 -3.92 -2.48
C THR B 516 -14.24 -4.77 -2.61
N ASN B 517 -13.17 -4.17 -3.19
CA ASN B 517 -11.84 -4.75 -3.39
C ASN B 517 -11.85 -6.12 -4.12
N ASN B 518 -12.67 -6.22 -5.17
CA ASN B 518 -12.78 -7.42 -6.00
C ASN B 518 -12.42 -7.12 -7.47
N ARG B 519 -12.57 -8.12 -8.36
CA ARG B 519 -12.25 -7.99 -9.78
C ARG B 519 -13.47 -8.35 -10.65
N LEU B 520 -14.67 -7.99 -10.14
CA LEU B 520 -15.98 -8.27 -10.73
C LEU B 520 -16.23 -7.60 -12.07
N ASP B 521 -17.07 -8.25 -12.89
CA ASP B 521 -17.51 -7.79 -14.21
C ASP B 521 -19.02 -7.60 -14.15
N PHE B 522 -19.47 -6.34 -14.17
CA PHE B 522 -20.89 -6.01 -14.14
C PHE B 522 -21.35 -5.32 -15.44
N ASP B 523 -20.73 -5.70 -16.57
CA ASP B 523 -21.05 -5.16 -17.89
C ASP B 523 -22.37 -5.70 -18.42
N ASN B 524 -22.79 -6.91 -18.00
CA ASN B 524 -24.05 -7.51 -18.42
C ASN B 524 -25.21 -6.72 -17.80
N ALA B 525 -26.26 -6.44 -18.59
CA ALA B 525 -27.43 -5.68 -18.16
C ALA B 525 -28.23 -6.37 -17.04
N SER B 526 -28.16 -7.71 -16.99
CA SER B 526 -28.86 -8.51 -15.99
C SER B 526 -28.02 -8.80 -14.73
N ALA B 527 -26.90 -8.06 -14.54
CA ALA B 527 -26.02 -8.19 -13.38
C ALA B 527 -26.70 -7.71 -12.11
N LEU B 528 -26.73 -8.60 -11.08
CA LEU B 528 -27.32 -8.40 -9.75
C LEU B 528 -28.85 -8.15 -9.73
N THR B 529 -29.53 -8.31 -10.89
CA THR B 529 -30.98 -8.08 -11.04
C THR B 529 -31.85 -9.10 -10.26
N GLU B 530 -31.26 -10.22 -9.77
CA GLU B 530 -31.98 -11.22 -8.96
C GLU B 530 -32.27 -10.68 -7.54
N LEU B 531 -31.52 -9.62 -7.13
CA LEU B 531 -31.65 -8.93 -5.84
C LEU B 531 -32.54 -7.69 -6.06
N SER B 532 -33.84 -7.92 -6.22
CA SER B 532 -34.86 -6.89 -6.46
C SER B 532 -35.01 -5.87 -5.33
N ASP B 533 -34.78 -6.31 -4.07
CA ASP B 533 -34.90 -5.47 -2.87
C ASP B 533 -33.62 -4.73 -2.48
N LEU B 534 -32.57 -4.80 -3.34
CA LEU B 534 -31.28 -4.14 -3.11
C LEU B 534 -31.42 -2.63 -3.03
N GLU B 535 -30.92 -2.04 -1.94
CA GLU B 535 -30.96 -0.60 -1.66
C GLU B 535 -29.57 0.01 -1.67
N VAL B 536 -28.57 -0.72 -1.16
CA VAL B 536 -27.18 -0.26 -1.10
C VAL B 536 -26.23 -1.26 -1.79
N LEU B 537 -25.43 -0.76 -2.76
CA LEU B 537 -24.44 -1.55 -3.50
C LEU B 537 -23.08 -0.83 -3.43
N ASP B 538 -22.09 -1.49 -2.81
CA ASP B 538 -20.74 -0.95 -2.68
C ASP B 538 -19.74 -1.72 -3.53
N LEU B 539 -19.38 -1.12 -4.68
CA LEU B 539 -18.42 -1.70 -5.64
C LEU B 539 -17.09 -0.92 -5.61
N SER B 540 -16.71 -0.33 -4.45
CA SER B 540 -15.48 0.43 -4.29
C SER B 540 -14.21 -0.39 -4.53
N TYR B 541 -13.20 0.25 -5.17
CA TYR B 541 -11.88 -0.30 -5.50
C TYR B 541 -11.93 -1.54 -6.43
N ASN B 542 -13.01 -1.70 -7.21
CA ASN B 542 -13.16 -2.82 -8.14
CA ASN B 542 -13.14 -2.82 -8.14
C ASN B 542 -12.33 -2.58 -9.40
N SER B 543 -11.44 -3.53 -9.75
CA SER B 543 -10.61 -3.41 -10.94
C SER B 543 -10.98 -4.46 -11.96
N HIS B 544 -11.56 -4.00 -13.09
CA HIS B 544 -12.00 -4.85 -14.19
C HIS B 544 -10.82 -5.65 -14.73
N TYR B 545 -10.98 -6.98 -14.78
CA TYR B 545 -9.95 -7.93 -15.20
C TYR B 545 -10.17 -8.47 -16.61
N PHE B 546 -11.35 -8.19 -17.21
CA PHE B 546 -11.72 -8.67 -18.55
C PHE B 546 -12.26 -7.51 -19.41
N ARG B 547 -11.53 -6.36 -19.40
CA ARG B 547 -11.87 -5.14 -20.14
CA ARG B 547 -11.87 -5.15 -20.15
C ARG B 547 -12.05 -5.38 -21.64
N ILE B 548 -13.23 -5.03 -22.18
CA ILE B 548 -13.59 -5.17 -23.59
C ILE B 548 -13.88 -3.78 -24.17
N ALA B 549 -13.15 -3.37 -25.21
CA ALA B 549 -13.35 -2.08 -25.87
C ALA B 549 -14.67 -2.09 -26.63
N GLY B 550 -15.55 -1.18 -26.25
CA GLY B 550 -16.89 -1.08 -26.82
C GLY B 550 -17.96 -1.71 -25.93
N VAL B 551 -17.55 -2.29 -24.78
CA VAL B 551 -18.43 -2.92 -23.79
C VAL B 551 -18.15 -2.37 -22.37
N THR B 552 -16.87 -2.34 -21.94
CA THR B 552 -16.48 -1.86 -20.61
C THR B 552 -16.31 -0.32 -20.60
N HIS B 553 -16.97 0.44 -19.68
CA HIS B 553 -17.91 -0.03 -18.65
C HIS B 553 -19.35 0.09 -19.14
N HIS B 554 -20.18 -0.91 -18.85
CA HIS B 554 -21.60 -0.91 -19.21
C HIS B 554 -22.39 -0.91 -17.90
N LEU B 555 -22.95 0.26 -17.55
CA LEU B 555 -23.69 0.48 -16.30
C LEU B 555 -25.22 0.43 -16.47
N GLU B 556 -25.69 -0.40 -17.43
CA GLU B 556 -27.10 -0.59 -17.76
C GLU B 556 -27.90 -1.30 -16.64
N PHE B 557 -27.21 -2.12 -15.83
CA PHE B 557 -27.81 -2.92 -14.74
C PHE B 557 -28.53 -2.11 -13.65
N ILE B 558 -28.03 -0.89 -13.35
CA ILE B 558 -28.57 0.02 -12.32
C ILE B 558 -30.03 0.45 -12.62
N GLN B 559 -30.39 0.56 -13.91
CA GLN B 559 -31.72 0.96 -14.38
C GLN B 559 -32.84 0.02 -13.89
N ASN B 560 -32.59 -1.30 -13.92
CA ASN B 560 -33.52 -2.36 -13.55
C ASN B 560 -33.96 -2.35 -12.07
N PHE B 561 -33.14 -1.75 -11.19
CA PHE B 561 -33.43 -1.70 -9.75
C PHE B 561 -34.50 -0.66 -9.40
N THR B 562 -35.55 -1.12 -8.69
CA THR B 562 -36.69 -0.30 -8.26
C THR B 562 -36.50 0.28 -6.85
N ASN B 563 -35.49 -0.20 -6.10
CA ASN B 563 -35.24 0.24 -4.72
C ASN B 563 -33.80 0.68 -4.41
N LEU B 564 -32.87 0.57 -5.37
CA LEU B 564 -31.46 0.96 -5.17
C LEU B 564 -31.34 2.47 -4.98
N LYS B 565 -30.99 2.88 -3.76
CA LYS B 565 -30.85 4.29 -3.35
C LYS B 565 -29.40 4.75 -3.25
N VAL B 566 -28.50 3.88 -2.73
CA VAL B 566 -27.07 4.21 -2.59
C VAL B 566 -26.21 3.29 -3.46
N LEU B 567 -25.33 3.90 -4.29
CA LEU B 567 -24.39 3.19 -5.15
C LEU B 567 -23.00 3.83 -5.06
N ASN B 568 -21.98 2.99 -4.82
CA ASN B 568 -20.61 3.46 -4.70
C ASN B 568 -19.68 2.71 -5.66
N LEU B 569 -19.36 3.34 -6.80
CA LEU B 569 -18.41 2.77 -7.77
C LEU B 569 -17.11 3.58 -7.76
N SER B 570 -16.63 3.93 -6.55
CA SER B 570 -15.39 4.69 -6.37
C SER B 570 -14.16 3.83 -6.63
N HIS B 571 -13.11 4.46 -7.19
CA HIS B 571 -11.82 3.87 -7.51
C HIS B 571 -11.95 2.62 -8.40
N ASN B 572 -12.89 2.69 -9.37
CA ASN B 572 -13.19 1.65 -10.35
C ASN B 572 -12.39 1.85 -11.63
N ASN B 573 -11.76 3.04 -11.78
CA ASN B 573 -10.95 3.46 -12.92
C ASN B 573 -11.80 3.45 -14.21
N ILE B 574 -12.94 4.19 -14.16
CA ILE B 574 -13.87 4.29 -15.28
C ILE B 574 -13.45 5.45 -16.17
N TYR B 575 -12.89 5.11 -17.34
CA TYR B 575 -12.45 6.06 -18.37
C TYR B 575 -13.19 5.82 -19.67
N THR B 576 -13.94 4.71 -19.74
CA THR B 576 -14.74 4.33 -20.92
C THR B 576 -16.14 3.89 -20.50
N LEU B 577 -17.15 4.37 -21.23
CA LEU B 577 -18.56 4.03 -21.03
C LEU B 577 -19.15 3.64 -22.37
N THR B 578 -20.07 2.67 -22.37
CA THR B 578 -20.63 2.18 -23.62
C THR B 578 -22.17 2.18 -23.62
N ASP B 579 -22.78 2.76 -22.57
CA ASP B 579 -24.24 2.87 -22.43
C ASP B 579 -24.72 3.84 -23.51
N LYS B 580 -25.20 3.28 -24.65
CA LYS B 580 -25.70 4.00 -25.82
C LYS B 580 -26.73 5.07 -25.48
N TYR B 581 -27.57 4.80 -24.46
CA TYR B 581 -28.60 5.71 -23.96
C TYR B 581 -28.40 5.93 -22.47
N ASN B 582 -28.28 7.21 -22.06
CA ASN B 582 -28.06 7.64 -20.67
C ASN B 582 -29.41 7.83 -19.94
N LEU B 583 -29.60 7.37 -18.67
CA LEU B 583 -28.79 6.59 -17.70
C LEU B 583 -29.73 6.36 -16.49
N GLU B 584 -31.05 6.50 -16.74
CA GLU B 584 -32.21 6.44 -15.85
C GLU B 584 -32.12 5.54 -14.61
N SER B 585 -32.55 6.09 -13.46
CA SER B 585 -32.68 5.48 -12.13
C SER B 585 -33.51 6.43 -11.26
N LYS B 586 -34.82 6.16 -11.18
CA LYS B 586 -35.79 6.98 -10.44
C LYS B 586 -35.77 6.78 -8.92
N SER B 587 -34.87 5.91 -8.42
CA SER B 587 -34.73 5.61 -6.99
C SER B 587 -33.45 6.13 -6.36
N LEU B 588 -32.32 6.08 -7.09
CA LEU B 588 -30.99 6.49 -6.63
C LEU B 588 -30.93 7.95 -6.16
N VAL B 589 -30.42 8.15 -4.93
CA VAL B 589 -30.25 9.46 -4.30
C VAL B 589 -28.78 9.79 -4.05
N GLU B 590 -27.93 8.76 -3.85
CA GLU B 590 -26.50 8.94 -3.61
C GLU B 590 -25.65 8.14 -4.60
N LEU B 591 -24.69 8.83 -5.25
CA LEU B 591 -23.75 8.22 -6.18
C LEU B 591 -22.34 8.68 -5.87
N VAL B 592 -21.46 7.72 -5.65
CA VAL B 592 -20.05 7.99 -5.38
C VAL B 592 -19.26 7.56 -6.61
N PHE B 593 -18.80 8.54 -7.42
CA PHE B 593 -18.04 8.34 -8.65
C PHE B 593 -16.60 8.85 -8.46
N SER B 594 -16.10 8.82 -7.21
CA SER B 594 -14.76 9.30 -6.88
C SER B 594 -13.67 8.32 -7.34
N GLY B 595 -12.47 8.85 -7.62
CA GLY B 595 -11.33 8.05 -8.05
C GLY B 595 -11.48 7.40 -9.41
N ASN B 596 -12.25 8.03 -10.30
CA ASN B 596 -12.48 7.55 -11.66
C ASN B 596 -11.81 8.50 -12.66
N ARG B 597 -12.08 8.38 -13.97
CA ARG B 597 -11.44 9.26 -14.95
C ARG B 597 -12.46 10.10 -15.74
N LEU B 598 -13.15 11.02 -15.04
CA LEU B 598 -14.13 11.93 -15.67
C LEU B 598 -13.45 12.91 -16.61
N ASP B 599 -12.15 13.19 -16.36
CA ASP B 599 -11.32 14.06 -17.19
C ASP B 599 -11.25 13.49 -18.61
N ILE B 600 -11.00 12.16 -18.75
CA ILE B 600 -10.97 11.44 -20.04
C ILE B 600 -12.36 11.43 -20.68
N LEU B 601 -13.40 11.10 -19.88
CA LEU B 601 -14.80 11.02 -20.33
C LEU B 601 -15.32 12.36 -20.88
N TRP B 602 -15.04 13.48 -20.18
CA TRP B 602 -15.51 14.80 -20.59
C TRP B 602 -14.58 15.51 -21.60
N ASN B 603 -13.33 15.03 -21.76
CA ASN B 603 -12.37 15.59 -22.72
C ASN B 603 -12.53 14.92 -24.11
N ASP B 604 -13.50 13.99 -24.24
CA ASP B 604 -13.85 13.25 -25.45
C ASP B 604 -14.10 14.19 -26.63
N ASP B 605 -13.44 13.93 -27.77
CA ASP B 605 -13.53 14.72 -29.01
C ASP B 605 -14.94 14.70 -29.61
N ASP B 606 -15.68 13.58 -29.44
CA ASP B 606 -17.03 13.40 -29.95
C ASP B 606 -18.11 13.88 -28.96
N ASN B 607 -17.72 14.15 -27.68
CA ASN B 607 -18.58 14.61 -26.57
C ASN B 607 -19.74 13.63 -26.29
N ARG B 608 -19.43 12.32 -26.27
CA ARG B 608 -20.39 11.23 -26.07
C ARG B 608 -20.92 11.14 -24.63
N TYR B 609 -20.06 11.42 -23.64
CA TYR B 609 -20.38 11.29 -22.20
C TYR B 609 -20.74 12.64 -21.53
N ILE B 610 -21.35 13.55 -22.32
CA ILE B 610 -21.74 14.88 -21.88
C ILE B 610 -22.96 14.85 -20.91
N SER B 611 -23.83 13.82 -21.02
CA SER B 611 -25.04 13.64 -20.18
C SER B 611 -24.97 12.37 -19.32
N ILE B 612 -23.74 12.01 -18.91
CA ILE B 612 -23.35 10.84 -18.10
C ILE B 612 -24.25 10.60 -16.86
N PHE B 613 -24.73 11.66 -16.18
CA PHE B 613 -25.56 11.51 -14.98
C PHE B 613 -26.95 12.16 -15.10
N LYS B 614 -27.31 12.65 -16.31
CA LYS B 614 -28.59 13.32 -16.61
C LYS B 614 -29.83 12.48 -16.29
N GLY B 615 -29.75 11.17 -16.49
CA GLY B 615 -30.83 10.22 -16.24
C GLY B 615 -31.18 9.97 -14.79
N LEU B 616 -30.26 10.30 -13.86
CA LEU B 616 -30.44 10.11 -12.42
C LEU B 616 -31.27 11.30 -11.83
N LYS B 617 -32.53 11.42 -12.29
CA LYS B 617 -33.49 12.49 -11.94
C LYS B 617 -33.98 12.50 -10.47
N ASN B 618 -33.39 11.66 -9.60
CA ASN B 618 -33.75 11.57 -8.17
C ASN B 618 -32.51 11.83 -7.25
N LEU B 619 -31.30 11.93 -7.85
CA LEU B 619 -30.00 12.14 -7.19
C LEU B 619 -29.93 13.43 -6.36
N THR B 620 -29.52 13.32 -5.08
CA THR B 620 -29.37 14.45 -4.16
C THR B 620 -27.90 14.68 -3.81
N ARG B 621 -27.11 13.59 -3.69
CA ARG B 621 -25.68 13.65 -3.40
C ARG B 621 -24.87 13.02 -4.51
N LEU B 622 -23.83 13.74 -4.96
CA LEU B 622 -22.93 13.28 -6.01
C LEU B 622 -21.47 13.61 -5.66
N ASP B 623 -20.64 12.57 -5.55
CA ASP B 623 -19.22 12.68 -5.25
C ASP B 623 -18.39 12.46 -6.52
N LEU B 624 -17.75 13.54 -7.01
CA LEU B 624 -16.93 13.55 -8.22
C LEU B 624 -15.46 13.87 -7.88
N SER B 625 -15.04 13.59 -6.63
CA SER B 625 -13.67 13.85 -6.17
C SER B 625 -12.66 12.89 -6.80
N LEU B 626 -11.37 13.28 -6.79
CA LEU B 626 -10.22 12.50 -7.30
C LEU B 626 -10.42 11.99 -8.75
N ASN B 627 -11.05 12.81 -9.61
CA ASN B 627 -11.31 12.47 -11.00
C ASN B 627 -10.34 13.13 -11.99
N ARG B 628 -9.24 13.73 -11.47
CA ARG B 628 -8.18 14.42 -12.24
C ARG B 628 -8.73 15.55 -13.13
N LEU B 629 -9.88 16.13 -12.74
CA LEU B 629 -10.56 17.20 -13.47
C LEU B 629 -9.83 18.53 -13.44
N LYS B 630 -9.39 18.99 -14.62
CA LYS B 630 -8.72 20.28 -14.81
C LYS B 630 -9.76 21.35 -15.15
N HIS B 631 -10.80 20.95 -15.90
CA HIS B 631 -11.91 21.80 -16.34
C HIS B 631 -13.16 20.96 -16.64
N ILE B 632 -14.33 21.45 -16.22
CA ILE B 632 -15.61 20.79 -16.46
C ILE B 632 -16.28 21.53 -17.62
N PRO B 633 -16.63 20.82 -18.73
CA PRO B 633 -17.29 21.51 -19.85
C PRO B 633 -18.65 22.09 -19.43
N ASN B 634 -18.93 23.34 -19.86
CA ASN B 634 -20.16 24.07 -19.55
C ASN B 634 -21.42 23.23 -19.77
N GLU B 635 -21.51 22.57 -20.94
CA GLU B 635 -22.62 21.70 -21.32
C GLU B 635 -22.73 20.46 -20.43
N ALA B 636 -21.58 19.87 -20.05
CA ALA B 636 -21.51 18.67 -19.20
C ALA B 636 -21.96 18.93 -17.77
N PHE B 637 -21.70 20.15 -17.25
CA PHE B 637 -22.08 20.58 -15.90
C PHE B 637 -23.59 20.84 -15.84
N LEU B 638 -24.17 21.43 -16.92
CA LEU B 638 -25.60 21.74 -17.02
C LEU B 638 -26.43 20.45 -17.08
N ASN B 639 -25.82 19.35 -17.57
CA ASN B 639 -26.46 18.04 -17.69
C ASN B 639 -26.53 17.27 -16.37
N LEU B 640 -25.86 17.77 -15.30
CA LEU B 640 -25.92 17.14 -13.97
C LEU B 640 -27.34 17.28 -13.39
N PRO B 641 -27.83 16.30 -12.58
CA PRO B 641 -29.21 16.40 -12.06
C PRO B 641 -29.54 17.69 -11.32
N ALA B 642 -30.64 18.36 -11.70
CA ALA B 642 -31.09 19.61 -11.07
C ALA B 642 -31.65 19.38 -9.66
N SER B 643 -31.80 18.10 -9.26
CA SER B 643 -32.29 17.65 -7.96
C SER B 643 -31.19 17.61 -6.87
N LEU B 644 -29.92 17.84 -7.26
CA LEU B 644 -28.77 17.82 -6.35
C LEU B 644 -28.82 18.84 -5.23
N THR B 645 -28.52 18.39 -4.01
CA THR B 645 -28.47 19.21 -2.79
C THR B 645 -27.02 19.30 -2.29
N GLU B 646 -26.25 18.22 -2.49
CA GLU B 646 -24.84 18.14 -2.11
C GLU B 646 -24.01 17.74 -3.32
N LEU B 647 -22.98 18.54 -3.65
CA LEU B 647 -22.08 18.28 -4.77
C LEU B 647 -20.62 18.40 -4.34
N HIS B 648 -19.85 17.31 -4.50
CA HIS B 648 -18.44 17.24 -4.13
C HIS B 648 -17.57 17.13 -5.37
N ILE B 649 -16.77 18.17 -5.67
CA ILE B 649 -15.83 18.19 -6.79
C ILE B 649 -14.43 18.48 -6.24
N ASN B 650 -14.21 18.11 -4.96
CA ASN B 650 -12.97 18.30 -4.23
C ASN B 650 -11.81 17.42 -4.73
N ASP B 651 -10.57 17.71 -4.27
CA ASP B 651 -9.32 17.00 -4.59
C ASP B 651 -9.17 16.65 -6.10
N ASN B 652 -9.36 17.67 -6.94
CA ASN B 652 -9.19 17.61 -8.39
C ASN B 652 -8.10 18.63 -8.74
N MET B 653 -8.02 19.05 -10.02
CA MET B 653 -7.02 20.02 -10.47
C MET B 653 -7.70 21.18 -11.20
N LEU B 654 -8.93 21.53 -10.78
CA LEU B 654 -9.76 22.58 -11.38
C LEU B 654 -9.09 23.96 -11.37
N LYS B 655 -8.64 24.40 -12.55
CA LYS B 655 -7.99 25.71 -12.75
C LYS B 655 -9.05 26.83 -12.74
N PHE B 656 -10.25 26.55 -13.31
CA PHE B 656 -11.37 27.49 -13.39
C PHE B 656 -12.72 26.82 -13.10
N PHE B 657 -13.72 27.61 -12.66
CA PHE B 657 -15.08 27.15 -12.33
C PHE B 657 -16.11 28.18 -12.79
N ASN B 658 -17.09 27.75 -13.61
CA ASN B 658 -18.15 28.62 -14.11
C ASN B 658 -19.30 28.68 -13.11
N TRP B 659 -19.31 29.75 -12.29
CA TRP B 659 -20.31 30.00 -11.24
C TRP B 659 -21.70 30.29 -11.81
N THR B 660 -21.76 30.77 -13.08
CA THR B 660 -22.99 31.11 -13.80
C THR B 660 -23.91 29.89 -13.98
N LEU B 661 -23.32 28.69 -14.15
CA LEU B 661 -24.04 27.42 -14.34
C LEU B 661 -24.86 26.96 -13.12
N LEU B 662 -24.64 27.59 -11.94
CA LEU B 662 -25.36 27.27 -10.71
C LEU B 662 -26.84 27.68 -10.72
N GLN B 663 -27.28 28.42 -11.76
CA GLN B 663 -28.66 28.87 -11.93
C GLN B 663 -29.62 27.72 -12.19
N GLN B 664 -29.12 26.62 -12.80
CA GLN B 664 -29.91 25.41 -13.11
C GLN B 664 -29.98 24.43 -11.92
N PHE B 665 -29.41 24.83 -10.76
CA PHE B 665 -29.40 24.02 -9.54
C PHE B 665 -30.09 24.80 -8.41
N PRO B 666 -31.44 24.76 -8.33
CA PRO B 666 -32.15 25.54 -7.29
C PRO B 666 -32.28 24.83 -5.93
N ARG B 667 -31.81 23.57 -5.83
CA ARG B 667 -31.87 22.76 -4.63
C ARG B 667 -30.50 22.61 -3.94
N LEU B 668 -29.42 23.04 -4.61
CA LEU B 668 -28.04 22.95 -4.11
C LEU B 668 -27.81 23.73 -2.82
N GLU B 669 -27.45 23.00 -1.75
CA GLU B 669 -27.19 23.52 -0.41
C GLU B 669 -25.71 23.43 -0.05
N LEU B 670 -25.02 22.37 -0.55
CA LEU B 670 -23.60 22.13 -0.28
C LEU B 670 -22.80 21.98 -1.57
N LEU B 671 -21.71 22.75 -1.68
CA LEU B 671 -20.78 22.71 -2.82
C LEU B 671 -19.37 22.61 -2.27
N ASP B 672 -18.73 21.45 -2.51
CA ASP B 672 -17.38 21.15 -2.03
C ASP B 672 -16.40 21.28 -3.19
N LEU B 673 -15.52 22.31 -3.12
CA LEU B 673 -14.50 22.59 -4.13
C LEU B 673 -13.08 22.64 -3.54
N ARG B 674 -12.87 21.92 -2.42
CA ARG B 674 -11.59 21.83 -1.69
C ARG B 674 -10.49 21.15 -2.51
N GLY B 675 -9.23 21.45 -2.18
CA GLY B 675 -8.06 20.85 -2.82
C GLY B 675 -7.98 20.97 -4.33
N ASN B 676 -8.26 22.17 -4.85
CA ASN B 676 -8.22 22.47 -6.28
C ASN B 676 -7.22 23.60 -6.60
N LYS B 677 -7.08 23.96 -7.88
CA LYS B 677 -6.16 25.00 -8.33
C LYS B 677 -6.87 26.30 -8.75
N LEU B 678 -8.06 26.57 -8.15
CA LEU B 678 -8.87 27.77 -8.42
C LEU B 678 -8.13 29.03 -7.96
N LEU B 679 -8.05 30.05 -8.85
CA LEU B 679 -7.35 31.30 -8.58
C LEU B 679 -8.25 32.48 -8.25
N PHE B 680 -9.48 32.51 -8.80
CA PHE B 680 -10.40 33.63 -8.58
C PHE B 680 -11.84 33.19 -8.27
N LEU B 681 -12.63 34.13 -7.71
CA LEU B 681 -14.02 33.96 -7.30
C LEU B 681 -14.94 34.95 -8.04
N THR B 682 -16.27 34.72 -8.00
CA THR B 682 -17.26 35.58 -8.64
C THR B 682 -17.75 36.70 -7.72
N ASP B 683 -18.28 37.80 -8.28
CA ASP B 683 -18.82 38.92 -7.51
C ASP B 683 -20.34 38.95 -7.50
N SER B 684 -20.98 38.38 -8.54
CA SER B 684 -22.42 38.34 -8.71
C SER B 684 -23.02 36.95 -8.40
N LEU B 685 -22.57 36.32 -7.29
CA LEU B 685 -23.00 34.99 -6.82
C LEU B 685 -24.50 34.94 -6.48
N SER B 686 -25.09 36.06 -6.02
CA SER B 686 -26.52 36.20 -5.67
C SER B 686 -27.44 35.90 -6.86
N ASP B 687 -27.00 36.27 -8.08
CA ASP B 687 -27.76 36.06 -9.32
C ASP B 687 -27.70 34.60 -9.79
N PHE B 688 -26.72 33.82 -9.31
CA PHE B 688 -26.55 32.42 -9.69
C PHE B 688 -27.10 31.41 -8.68
N THR B 689 -27.08 31.77 -7.38
CA THR B 689 -27.57 30.89 -6.32
C THR B 689 -28.31 31.66 -5.22
N SER B 690 -29.32 31.02 -4.61
CA SER B 690 -30.15 31.54 -3.53
C SER B 690 -30.52 30.42 -2.54
N SER B 691 -29.94 29.23 -2.73
CA SER B 691 -30.16 28.03 -1.91
C SER B 691 -28.90 27.54 -1.20
N LEU B 692 -27.72 27.90 -1.73
CA LEU B 692 -26.40 27.50 -1.22
C LEU B 692 -26.19 27.93 0.24
N ARG B 693 -25.96 26.93 1.12
CA ARG B 693 -25.76 27.12 2.56
C ARG B 693 -24.29 26.93 2.95
N THR B 694 -23.64 25.86 2.43
CA THR B 694 -22.24 25.53 2.72
C THR B 694 -21.41 25.59 1.44
N LEU B 695 -20.28 26.32 1.49
CA LEU B 695 -19.33 26.47 0.38
C LEU B 695 -17.90 26.25 0.89
N LEU B 696 -17.34 25.07 0.56
CA LEU B 696 -16.00 24.66 0.99
C LEU B 696 -14.96 24.90 -0.11
N LEU B 697 -14.12 25.94 0.07
CA LEU B 697 -13.09 26.33 -0.89
C LEU B 697 -11.66 26.28 -0.31
N SER B 698 -11.44 25.43 0.71
CA SER B 698 -10.11 25.29 1.33
C SER B 698 -9.09 24.61 0.40
N HIS B 699 -7.78 24.89 0.63
CA HIS B 699 -6.66 24.36 -0.15
C HIS B 699 -6.76 24.69 -1.65
N ASN B 700 -6.89 25.99 -1.95
CA ASN B 700 -6.96 26.53 -3.30
C ASN B 700 -5.92 27.66 -3.48
N ARG B 701 -6.00 28.41 -4.59
CA ARG B 701 -5.05 29.49 -4.89
C ARG B 701 -5.74 30.87 -5.02
N ILE B 702 -6.81 31.10 -4.21
CA ILE B 702 -7.59 32.35 -4.20
C ILE B 702 -6.77 33.46 -3.52
N SER B 703 -6.42 34.50 -4.28
CA SER B 703 -5.63 35.64 -3.79
C SER B 703 -6.47 36.87 -3.42
N HIS B 704 -7.69 36.98 -3.98
CA HIS B 704 -8.59 38.11 -3.73
C HIS B 704 -10.06 37.72 -3.55
N LEU B 705 -10.74 38.36 -2.59
CA LEU B 705 -12.17 38.19 -2.32
C LEU B 705 -12.92 39.32 -3.05
N PRO B 706 -13.80 39.00 -4.04
CA PRO B 706 -14.50 40.06 -4.80
C PRO B 706 -15.39 40.97 -3.97
N SER B 707 -15.53 42.22 -4.42
CA SER B 707 -16.33 43.26 -3.79
C SER B 707 -17.83 42.96 -3.88
N GLY B 708 -18.42 42.63 -2.73
CA GLY B 708 -19.83 42.28 -2.61
C GLY B 708 -20.07 40.80 -2.74
N PHE B 709 -19.24 39.99 -2.05
CA PHE B 709 -19.33 38.53 -2.04
C PHE B 709 -20.19 38.05 -0.86
N LEU B 710 -19.87 38.55 0.35
CA LEU B 710 -20.58 38.22 1.60
C LEU B 710 -21.96 38.90 1.63
N SER B 711 -22.05 40.12 1.04
CA SER B 711 -23.28 40.90 0.95
C SER B 711 -24.02 40.64 -0.38
N GLU B 712 -24.14 39.35 -0.74
CA GLU B 712 -24.82 38.88 -1.95
C GLU B 712 -25.66 37.64 -1.63
N VAL B 713 -25.01 36.56 -1.15
CA VAL B 713 -25.68 35.31 -0.80
C VAL B 713 -26.24 35.36 0.62
N SER B 714 -27.58 35.45 0.72
CA SER B 714 -28.32 35.53 1.98
C SER B 714 -28.54 34.15 2.62
N SER B 715 -28.57 33.08 1.80
CA SER B 715 -28.77 31.70 2.27
C SER B 715 -27.51 31.06 2.84
N LEU B 716 -26.32 31.60 2.48
CA LEU B 716 -25.01 31.09 2.91
C LEU B 716 -24.78 31.22 4.42
N LYS B 717 -24.36 30.12 5.06
CA LYS B 717 -24.09 30.02 6.49
C LYS B 717 -22.62 29.68 6.78
N HIS B 718 -22.04 28.73 6.01
CA HIS B 718 -20.66 28.30 6.18
C HIS B 718 -19.83 28.53 4.92
N LEU B 719 -18.73 29.29 5.08
CA LEU B 719 -17.80 29.62 4.00
C LEU B 719 -16.36 29.33 4.45
N ASP B 720 -15.75 28.31 3.85
CA ASP B 720 -14.38 27.89 4.15
C ASP B 720 -13.42 28.45 3.09
N LEU B 721 -12.52 29.35 3.51
CA LEU B 721 -11.51 29.97 2.65
C LEU B 721 -10.09 29.77 3.21
N SER B 722 -9.93 28.76 4.08
CA SER B 722 -8.67 28.42 4.73
C SER B 722 -7.66 27.83 3.73
N SER B 723 -6.35 27.87 4.09
CA SER B 723 -5.22 27.36 3.29
C SER B 723 -5.22 27.86 1.83
N ASN B 724 -5.47 29.17 1.66
CA ASN B 724 -5.50 29.85 0.37
C ASN B 724 -4.34 30.86 0.25
N LEU B 725 -4.44 31.82 -0.70
CA LEU B 725 -3.40 32.82 -0.91
C LEU B 725 -3.89 34.26 -0.63
N LEU B 726 -4.91 34.39 0.25
CA LEU B 726 -5.49 35.68 0.63
C LEU B 726 -4.54 36.47 1.52
N LYS B 727 -4.29 37.75 1.15
CA LYS B 727 -3.40 38.65 1.88
C LYS B 727 -4.17 39.62 2.77
N THR B 728 -5.31 40.15 2.27
CA THR B 728 -6.18 41.10 2.98
C THR B 728 -7.65 40.96 2.56
N ILE B 729 -8.56 41.34 3.46
CA ILE B 729 -10.02 41.34 3.23
C ILE B 729 -10.50 42.78 3.39
N ASN B 730 -11.12 43.32 2.32
CA ASN B 730 -11.59 44.70 2.22
C ASN B 730 -13.03 44.92 2.73
N LYS B 731 -13.41 46.20 2.90
CA LYS B 731 -14.73 46.63 3.34
C LYS B 731 -15.78 46.37 2.26
N SER B 732 -15.40 46.58 0.97
CA SER B 732 -16.25 46.36 -0.20
C SER B 732 -16.62 44.89 -0.38
N ALA B 733 -15.69 43.98 -0.03
CA ALA B 733 -15.89 42.52 -0.08
C ALA B 733 -16.72 42.07 1.12
N LEU B 734 -16.66 42.85 2.23
CA LEU B 734 -17.38 42.60 3.47
C LEU B 734 -18.80 43.13 3.40
N THR B 740 -26.94 39.43 6.42
CA THR B 740 -26.23 38.16 6.21
C THR B 740 -26.66 37.09 7.23
N LYS B 741 -26.62 35.82 6.79
CA LYS B 741 -26.97 34.67 7.64
C LYS B 741 -25.77 33.72 7.87
N LEU B 742 -24.54 34.27 7.73
CA LEU B 742 -23.29 33.52 7.93
C LEU B 742 -23.05 33.24 9.42
N SER B 743 -22.86 31.96 9.76
CA SER B 743 -22.61 31.50 11.13
C SER B 743 -21.15 31.09 11.32
N MET B 744 -20.46 30.65 10.24
CA MET B 744 -19.07 30.22 10.29
C MET B 744 -18.26 30.69 9.07
N LEU B 745 -17.01 31.14 9.31
CA LEU B 745 -16.08 31.63 8.29
C LEU B 745 -14.64 31.19 8.62
N GLU B 746 -14.13 30.18 7.88
CA GLU B 746 -12.77 29.63 8.07
C GLU B 746 -11.75 30.38 7.21
N LEU B 747 -10.64 30.84 7.85
CA LEU B 747 -9.58 31.61 7.19
C LEU B 747 -8.15 31.27 7.65
N HIS B 748 -7.97 30.18 8.44
CA HIS B 748 -6.67 29.75 8.94
C HIS B 748 -5.70 29.27 7.85
N GLY B 749 -4.41 29.53 8.04
CA GLY B 749 -3.37 29.13 7.10
C GLY B 749 -3.31 29.96 5.83
N ASN B 750 -3.61 31.27 5.95
CA ASN B 750 -3.59 32.24 4.84
C ASN B 750 -2.45 33.24 5.05
N PRO B 751 -1.74 33.67 3.97
CA PRO B 751 -0.63 34.62 4.15
C PRO B 751 -1.10 36.07 4.31
N PHE B 752 -1.66 36.38 5.49
CA PHE B 752 -2.18 37.70 5.82
C PHE B 752 -1.11 38.76 6.03
N GLU B 753 -1.30 39.95 5.43
CA GLU B 753 -0.41 41.09 5.58
C GLU B 753 -0.90 41.93 6.75
N CYS B 754 -0.30 41.75 7.94
CA CYS B 754 -0.70 42.44 9.16
C CYS B 754 -0.14 43.86 9.22
N THR B 755 -0.75 44.76 8.43
CA THR B 755 -0.42 46.18 8.30
C THR B 755 -1.66 47.03 8.65
N CYS B 756 -1.89 48.14 7.92
CA CYS B 756 -3.05 49.01 8.13
C CYS B 756 -4.24 48.60 7.25
N ASP B 757 -3.98 47.84 6.16
CA ASP B 757 -4.99 47.35 5.21
C ASP B 757 -5.89 46.27 5.83
N ILE B 758 -5.36 45.52 6.82
CA ILE B 758 -6.08 44.45 7.52
C ILE B 758 -7.06 45.02 8.58
N GLY B 759 -6.86 46.28 8.96
CA GLY B 759 -7.67 47.01 9.94
C GLY B 759 -9.16 47.05 9.67
N ASP B 760 -9.55 47.10 8.38
CA ASP B 760 -10.95 47.12 7.93
C ASP B 760 -11.65 45.80 8.25
N PHE B 761 -10.94 44.66 8.07
CA PHE B 761 -11.47 43.33 8.36
C PHE B 761 -11.56 43.06 9.87
N ARG B 762 -10.64 43.66 10.66
CA ARG B 762 -10.62 43.51 12.12
C ARG B 762 -11.83 44.18 12.76
N ARG B 763 -12.25 45.35 12.22
CA ARG B 763 -13.42 46.11 12.67
C ARG B 763 -14.70 45.35 12.32
N TRP B 764 -14.68 44.61 11.19
CA TRP B 764 -15.78 43.78 10.69
C TRP B 764 -15.99 42.57 11.61
N MET B 765 -14.90 42.03 12.20
CA MET B 765 -14.91 40.89 13.12
C MET B 765 -15.62 41.25 14.43
N ASP B 766 -15.37 42.48 14.94
CA ASP B 766 -15.97 43.01 16.16
C ASP B 766 -17.44 43.41 15.93
N GLU B 767 -17.78 43.81 14.69
CA GLU B 767 -19.14 44.20 14.30
C GLU B 767 -20.02 42.98 13.99
N HIS B 768 -19.38 41.85 13.61
CA HIS B 768 -20.07 40.60 13.29
C HIS B 768 -19.52 39.46 14.17
N LEU B 769 -19.79 39.55 15.48
CA LEU B 769 -19.35 38.59 16.50
C LEU B 769 -19.99 37.21 16.34
N ASN B 770 -21.23 37.17 15.80
CA ASN B 770 -21.99 35.95 15.56
C ASN B 770 -21.35 35.05 14.51
N VAL B 771 -20.64 35.66 13.53
CA VAL B 771 -19.93 34.94 12.47
C VAL B 771 -18.66 34.34 13.10
N LYS B 772 -18.78 33.10 13.61
CA LYS B 772 -17.72 32.38 14.31
C LYS B 772 -16.55 31.99 13.40
N ILE B 773 -15.35 32.45 13.75
CA ILE B 773 -14.12 32.14 13.02
C ILE B 773 -13.35 31.08 13.83
N PRO B 774 -13.30 29.82 13.36
CA PRO B 774 -12.60 28.78 14.15
C PRO B 774 -11.09 28.93 14.16
N ARG B 775 -10.43 28.29 15.17
CA ARG B 775 -8.97 28.25 15.41
C ARG B 775 -8.26 29.57 14.99
N LEU B 776 -8.55 30.65 15.75
CA LEU B 776 -7.99 31.99 15.54
C LEU B 776 -6.47 32.05 15.68
N VAL B 777 -5.89 31.13 16.47
CA VAL B 777 -4.45 31.00 16.70
C VAL B 777 -3.69 30.59 15.42
N ASP B 778 -4.39 29.87 14.52
CA ASP B 778 -3.85 29.39 13.24
C ASP B 778 -4.02 30.41 12.10
N VAL B 779 -4.62 31.59 12.40
CA VAL B 779 -4.82 32.70 11.47
C VAL B 779 -3.64 33.66 11.72
N ILE B 780 -2.45 33.23 11.23
CA ILE B 780 -1.13 33.86 11.40
C ILE B 780 -0.78 34.86 10.27
N CYS B 781 -0.03 35.93 10.64
CA CYS B 781 0.45 36.95 9.71
C CYS B 781 1.72 36.44 8.99
N ALA B 782 1.83 36.69 7.69
CA ALA B 782 3.00 36.29 6.89
C ALA B 782 4.05 37.41 6.86
N SER B 783 3.58 38.67 6.86
CA SER B 783 4.42 39.87 6.81
C SER B 783 3.77 41.02 7.61
N PRO B 784 4.55 41.93 8.29
CA PRO B 784 6.01 42.02 8.36
C PRO B 784 6.66 41.01 9.32
N GLY B 785 7.99 41.09 9.45
CA GLY B 785 8.80 40.21 10.29
C GLY B 785 8.48 40.27 11.77
N ASP B 786 8.22 41.48 12.30
CA ASP B 786 7.88 41.69 13.71
C ASP B 786 6.46 41.22 14.06
N GLN B 787 5.57 41.12 13.05
CA GLN B 787 4.18 40.68 13.21
C GLN B 787 3.98 39.21 12.78
N ARG B 788 5.01 38.61 12.14
CA ARG B 788 4.99 37.23 11.67
C ARG B 788 4.91 36.23 12.84
N GLY B 789 3.97 35.29 12.75
CA GLY B 789 3.72 34.30 13.77
C GLY B 789 2.49 34.60 14.61
N LYS B 790 2.28 35.90 14.93
CA LYS B 790 1.15 36.39 15.72
C LYS B 790 -0.18 36.29 14.98
N SER B 791 -1.29 36.26 15.73
CA SER B 791 -2.65 36.18 15.20
C SER B 791 -3.12 37.58 14.77
N ILE B 792 -4.03 37.63 13.78
CA ILE B 792 -4.61 38.86 13.23
C ILE B 792 -5.44 39.64 14.27
N VAL B 793 -6.02 38.91 15.25
CA VAL B 793 -6.86 39.46 16.32
C VAL B 793 -5.99 40.05 17.48
N SER B 794 -4.70 39.64 17.55
CA SER B 794 -3.75 40.08 18.57
C SER B 794 -3.14 41.47 18.32
N LEU B 795 -3.38 42.04 17.12
CA LEU B 795 -2.87 43.37 16.72
C LEU B 795 -3.50 44.51 17.51
N GLU B 796 -2.80 45.66 17.59
CA GLU B 796 -3.26 46.86 18.30
C GLU B 796 -3.36 48.04 17.34
C1 NAG C . 4.86 -13.47 -29.70
C2 NAG C . 5.14 -12.10 -29.08
C3 NAG C . 6.47 -11.55 -29.59
C4 NAG C . 7.60 -12.56 -29.37
C5 NAG C . 7.22 -13.91 -29.97
C6 NAG C . 8.22 -15.01 -29.71
C7 NAG C . 3.35 -10.53 -28.41
C8 NAG C . 2.38 -9.50 -28.89
N2 NAG C . 4.06 -11.16 -29.35
O3 NAG C . 6.75 -10.33 -28.91
O4 NAG C . 8.81 -12.11 -29.99
O5 NAG C . 5.96 -14.35 -29.43
O6 NAG C . 8.29 -15.35 -28.33
O7 NAG C . 3.48 -10.79 -27.21
C1 NAG C . 9.77 -11.48 -29.17
C2 NAG C . 11.14 -11.60 -29.85
C3 NAG C . 12.17 -10.88 -28.98
C4 NAG C . 11.77 -9.43 -28.73
C5 NAG C . 10.34 -9.35 -28.19
C6 NAG C . 9.79 -7.95 -28.11
C7 NAG C . 12.21 -13.51 -31.00
C8 NAG C . 12.64 -14.93 -30.86
N2 NAG C . 11.49 -13.01 -29.98
O3 NAG C . 13.45 -10.94 -29.60
O4 NAG C . 12.66 -8.87 -27.78
O5 NAG C . 9.46 -10.09 -29.04
O6 NAG C . 9.41 -7.45 -29.39
O7 NAG C . 12.52 -12.82 -31.98
C1 BMA C . 13.47 -7.76 -28.15
C2 BMA C . 13.84 -6.99 -26.88
C3 BMA C . 14.78 -5.83 -27.19
C4 BMA C . 15.97 -6.28 -28.03
C5 BMA C . 15.51 -7.11 -29.24
C6 BMA C . 16.65 -7.72 -30.02
O2 BMA C . 14.43 -7.87 -25.92
O3 BMA C . 15.23 -5.22 -25.99
O4 BMA C . 16.68 -5.13 -28.48
O5 BMA C . 14.66 -8.18 -28.81
O6 BMA C . 17.26 -8.81 -29.33
C1 NAG D . 9.96 -14.46 -4.04
C2 NAG D . 10.97 -13.76 -4.96
C3 NAG D . 10.62 -12.28 -4.98
C4 NAG D . 9.17 -12.06 -5.42
C5 NAG D . 8.25 -12.82 -4.48
C6 NAG D . 6.78 -12.75 -4.83
C7 NAG D . 13.21 -14.81 -4.94
C8 NAG D . 14.46 -15.00 -4.15
N2 NAG D . 12.31 -13.96 -4.44
O3 NAG D . 11.52 -11.58 -5.84
O4 NAG D . 8.86 -10.67 -5.41
O5 NAG D . 8.61 -14.22 -4.45
O6 NAG D . 6.51 -13.22 -6.15
O7 NAG D . 13.01 -15.43 -5.99
C1 NAG D . 8.64 -10.01 -6.66
C2 NAG D . 7.69 -8.83 -6.45
C3 NAG D . 7.35 -8.28 -7.83
C4 NAG D . 8.59 -7.89 -8.63
C5 NAG D . 9.72 -8.92 -8.48
C6 NAG D . 11.08 -8.38 -8.85
C7 NAG D . 6.25 -8.94 -4.45
C8 NAG D . 4.97 -9.45 -3.88
N2 NAG D . 6.49 -9.24 -5.74
O3 NAG D . 6.48 -7.16 -7.71
O4 NAG D . 8.19 -7.91 -10.00
O5 NAG D . 9.82 -9.36 -7.12
O6 NAG D . 12.10 -9.36 -8.66
O7 NAG D . 7.05 -8.28 -3.78
C1 BMA D . 8.34 -6.80 -10.93
C2 BMA D . 7.15 -5.84 -10.86
C3 BMA D . 7.28 -4.80 -11.98
C4 BMA D . 8.65 -4.13 -11.97
C5 BMA D . 9.77 -5.19 -11.92
C6 BMA D . 11.16 -4.61 -11.79
O2 BMA D . 7.12 -5.17 -9.59
O3 BMA D . 6.24 -3.83 -11.88
O4 BMA D . 8.79 -3.34 -13.14
O5 BMA D . 9.56 -6.07 -10.79
O6 BMA D . 12.14 -5.62 -11.96
C1 NAG E . 17.82 -7.91 0.78
C2 NAG E . 17.09 -7.57 -0.53
C3 NAG E . 17.73 -8.30 -1.69
C4 NAG E . 19.24 -8.00 -1.76
C5 NAG E . 19.88 -8.33 -0.42
C6 NAG E . 21.35 -7.96 -0.34
C7 NAG E . 14.68 -7.02 -0.52
C8 NAG E . 13.30 -7.58 -0.52
N2 NAG E . 15.68 -7.91 -0.43
O3 NAG E . 17.11 -7.92 -2.91
O4 NAG E . 19.83 -8.75 -2.82
O5 NAG E . 19.22 -7.61 0.62
O6 NAG E . 21.55 -6.58 -0.58
O7 NAG E . 14.88 -5.81 -0.59
C1 NAG E . 20.72 -8.09 -3.71
C2 NAG E . 21.37 -9.14 -4.62
C3 NAG E . 22.32 -8.39 -5.56
C4 NAG E . 21.58 -7.31 -6.33
C5 NAG E . 20.89 -6.34 -5.38
C6 NAG E . 20.00 -5.33 -6.08
C7 NAG E . 21.56 -11.32 -3.47
C8 NAG E . 22.46 -12.21 -2.68
N2 NAG E . 22.09 -10.14 -3.85
O3 NAG E . 22.93 -9.32 -6.45
O4 NAG E . 22.48 -6.63 -7.20
O5 NAG E . 20.05 -7.07 -4.48
O6 NAG E . 19.29 -4.53 -5.15
O7 NAG E . 20.40 -11.64 -3.76
C1 BMA E . 22.24 -6.70 -8.59
C2 BMA E . 22.74 -5.41 -9.24
C3 BMA E . 22.53 -5.47 -10.75
C4 BMA E . 23.14 -6.73 -11.35
C5 BMA E . 22.64 -7.97 -10.59
C6 BMA E . 23.32 -9.27 -11.02
O2 BMA E . 24.12 -5.19 -8.93
O3 BMA E . 23.04 -4.30 -11.39
O4 BMA E . 22.80 -6.83 -12.73
O5 BMA E . 22.88 -7.82 -9.18
O6 BMA E . 24.70 -9.26 -10.65
C1 MAN E . 22.18 -3.16 -11.51
C2 MAN E . 22.43 -2.47 -12.87
C3 MAN E . 23.77 -1.72 -12.88
C4 MAN E . 23.92 -0.81 -11.66
C5 MAN E . 23.65 -1.58 -10.38
C6 MAN E . 23.65 -0.72 -9.14
O2 MAN E . 21.35 -1.60 -13.18
O3 MAN E . 23.89 -0.97 -14.08
O4 MAN E . 25.25 -0.28 -11.63
O5 MAN E . 22.37 -2.22 -10.44
O6 MAN E . 23.46 -1.50 -7.96
C1 MAN E . 25.38 -10.46 -10.93
C2 MAN E . 26.65 -10.50 -10.08
C3 MAN E . 27.71 -9.51 -10.60
C4 MAN E . 27.94 -9.66 -12.10
C5 MAN E . 26.61 -9.60 -12.85
C6 MAN E . 26.74 -9.88 -14.34
O2 MAN E . 27.18 -11.82 -10.03
O3 MAN E . 28.94 -9.70 -9.90
O4 MAN E . 28.79 -8.61 -12.55
O5 MAN E . 25.70 -10.59 -12.33
O6 MAN E . 25.48 -9.80 -15.00
C1 NAG F . -11.47 -6.11 30.53
C2 NAG F . -10.90 -4.88 29.81
C3 NAG F . -11.64 -3.62 30.26
C4 NAG F . -13.15 -3.79 30.09
C5 NAG F . -13.62 -5.06 30.79
C6 NAG F . -15.09 -5.37 30.58
C7 NAG F . -8.55 -4.72 29.05
C8 NAG F . -7.15 -4.42 29.48
N2 NAG F . -9.48 -4.74 30.03
O3 NAG F . -11.18 -2.51 29.49
O4 NAG F . -13.84 -2.66 30.64
O5 NAG F . -12.87 -6.19 30.29
O6 NAG F . -15.38 -5.71 29.23
O7 NAG F . -8.85 -4.92 27.87
C1 NAG F . -14.38 -1.68 29.74
C2 NAG F . -15.53 -0.95 30.42
C3 NAG F . -16.04 0.15 29.47
C4 NAG F . -14.92 1.07 29.03
C5 NAG F . -13.78 0.26 28.41
C6 NAG F . -12.56 1.07 28.05
C7 NAG F . -17.50 -1.60 31.76
C8 NAG F . -18.66 -2.55 31.83
N2 NAG F . -16.61 -1.85 30.79
O3 NAG F . -17.06 0.89 30.11
O4 NAG F . -15.41 2.02 28.08
O5 NAG F . -13.35 -0.75 29.35
O6 NAG F . -11.90 1.61 29.19
O7 NAG F . -17.39 -0.66 32.53
C1 BMA F . -15.56 3.37 28.49
C2 BMA F . -15.33 4.28 27.29
C3 BMA F . -15.52 5.74 27.68
C4 BMA F . -16.86 5.96 28.38
C5 BMA F . -17.09 4.95 29.50
C6 BMA F . -18.50 4.98 30.06
O2 BMA F . -16.20 3.92 26.22
O3 BMA F . -15.43 6.59 26.54
O4 BMA F . -16.92 7.29 28.90
O5 BMA F . -16.88 3.61 29.01
O6 BMA F . -19.47 4.82 29.02
C1 MAN F . -14.13 7.03 26.10
C2 MAN F . -13.96 8.53 26.38
C3 MAN F . -14.74 9.39 25.39
C4 MAN F . -14.49 8.97 23.95
C5 MAN F . -14.76 7.47 23.79
C6 MAN F . -14.49 6.92 22.41
O2 MAN F . -12.58 8.88 26.40
O3 MAN F . -14.39 10.77 25.56
O4 MAN F . -15.33 9.72 23.07
O5 MAN F . -13.93 6.74 24.71
O6 MAN F . -13.11 6.97 22.08
C1 MAN F . -20.64 4.15 29.40
C2 MAN F . -21.22 3.47 28.14
C3 MAN F . -21.78 4.49 27.16
C4 MAN F . -22.74 5.48 27.85
C5 MAN F . -22.09 6.08 29.10
C6 MAN F . -23.05 6.92 29.92
O2 MAN F . -22.22 2.52 28.52
O3 MAN F . -22.45 3.83 26.09
O4 MAN F . -23.06 6.52 26.93
O5 MAN F . -21.61 5.03 29.97
O6 MAN F . -22.39 7.49 31.05
C1 NAG G . -16.77 -5.73 4.81
C2 NAG G . -17.10 -4.51 5.68
C3 NAG G . -15.93 -3.54 5.60
C4 NAG G . -14.64 -4.24 6.07
C5 NAG G . -14.41 -5.48 5.19
C6 NAG G . -13.20 -6.30 5.59
C7 NAG G . -19.51 -4.05 5.86
C8 NAG G . -20.71 -3.46 5.17
N2 NAG G . -18.34 -3.89 5.24
O3 NAG G . -16.18 -2.38 6.38
O4 NAG G . -13.53 -3.35 6.04
O5 NAG G . -15.56 -6.34 5.25
O6 NAG G . -13.44 -7.08 6.76
O7 NAG G . -19.61 -4.66 6.92
C1 NAG G . -13.05 -2.83 7.27
C2 NAG G . -11.62 -2.34 7.11
C3 NAG G . -11.12 -1.75 8.43
C4 NAG G . -12.07 -0.67 8.93
C5 NAG G . -13.50 -1.20 9.00
C6 NAG G . -14.54 -0.17 9.36
C7 NAG G . -10.37 -3.67 5.44
C8 NAG G . -9.56 -4.91 5.21
N2 NAG G . -10.78 -3.46 6.70
O3 NAG G . -9.82 -1.20 8.26
O4 NAG G . -11.65 -0.23 10.22
O5 NAG G . -13.87 -1.73 7.72
O6 NAG G . -14.67 0.83 8.36
O7 NAG G . -10.65 -2.91 4.52
C1 BMA G . -11.38 1.16 10.40
C2 BMA G . -11.99 1.60 11.73
C3 BMA G . -11.65 3.06 12.04
C4 BMA G . -10.16 3.37 11.88
C5 BMA G . -9.65 2.82 10.54
C6 BMA G . -8.14 2.92 10.40
O2 BMA G . -11.54 0.72 12.78
O3 BMA G . -12.21 3.49 13.29
O4 BMA G . -9.96 4.77 11.91
O5 BMA G . -9.98 1.43 10.41
O6 BMA G . -7.72 2.43 9.13
C1 MAN G . -11.47 3.39 14.53
C2 MAN G . -12.18 2.42 15.48
C3 MAN G . -13.43 3.04 16.09
C4 MAN G . -13.13 4.39 16.73
C5 MAN G . -12.45 5.32 15.72
C6 MAN G . -11.98 6.62 16.33
O2 MAN G . -11.28 1.99 16.49
O3 MAN G . -14.01 2.15 17.04
O4 MAN G . -14.34 4.99 17.20
O5 MAN G . -11.28 4.68 15.16
O6 MAN G . -11.39 7.47 15.36
C1 NAG H . -19.26 3.98 -0.52
C2 NAG H . -18.43 3.88 0.76
C3 NAG H . -19.37 3.78 1.97
C4 NAG H . -20.37 4.93 1.98
C5 NAG H . -21.11 4.99 0.66
C6 NAG H . -22.04 6.18 0.53
C7 NAG H . -16.19 2.86 0.77
C8 NAG H . -15.42 1.57 0.83
N2 NAG H . -17.52 2.74 0.72
O3 NAG H . -18.61 3.78 3.17
O4 NAG H . -21.27 4.72 3.06
O5 NAG H . -20.17 5.08 -0.42
O6 NAG H . -21.35 7.42 0.65
O7 NAG H . -15.61 3.95 0.75
C1 NAG H . -21.50 5.77 3.98
C2 NAG H . -22.66 5.37 4.90
C3 NAG H . -22.92 6.56 5.83
C4 NAG H . -21.67 6.93 6.62
C5 NAG H . -20.48 7.16 5.67
C6 NAG H . -19.16 7.31 6.39
C7 NAG H . -24.25 3.79 3.86
C8 NAG H . -25.50 3.67 3.05
N2 NAG H . -23.84 5.05 4.12
O3 NAG H . -23.98 6.22 6.72
O4 NAG H . -21.93 8.12 7.36
O5 NAG H . -20.34 6.03 4.79
O6 NAG H . -18.13 7.71 5.49
O7 NAG H . -23.63 2.81 4.27
C1 BMA H . -21.70 8.11 8.76
C2 BMA H . -21.52 9.56 9.18
C3 BMA H . -21.33 9.67 10.69
C4 BMA H . -22.45 8.94 11.44
C5 BMA H . -22.60 7.51 10.92
C6 BMA H . -23.79 6.78 11.49
O2 BMA H . -22.63 10.35 8.75
O3 BMA H . -21.31 11.05 11.08
O4 BMA H . -22.13 8.93 12.84
O5 BMA H . -22.79 7.53 9.49
O6 BMA H . -25.03 7.36 11.10
C1 MAN H . -20.05 11.66 11.41
C2 MAN H . -20.32 12.99 12.13
C3 MAN H . -20.83 14.06 11.15
C4 MAN H . -19.92 14.19 9.93
C5 MAN H . -19.70 12.82 9.28
C6 MAN H . -18.69 12.84 8.15
O2 MAN H . -19.14 13.43 12.79
O3 MAN H . -20.95 15.31 11.81
O4 MAN H . -20.50 15.08 8.99
O5 MAN H . -19.22 11.87 10.26
O6 MAN H . -18.63 11.58 7.49
C1 MAN H . -26.12 7.09 11.95
C2 MAN H . -27.39 7.70 11.34
C3 MAN H . -27.45 9.21 11.55
C4 MAN H . -27.21 9.60 13.00
C5 MAN H . -25.91 8.98 13.50
C6 MAN H . -25.67 9.20 14.98
O2 MAN H . -28.54 7.06 11.87
O3 MAN H . -28.69 9.74 11.10
O4 MAN H . -27.13 11.01 13.09
O5 MAN H . -25.92 7.55 13.30
O6 MAN H . -24.41 8.66 15.39
C1 NAG I . 6.91 22.16 -42.02
C2 NAG I . 5.65 23.03 -41.95
C3 NAG I . 5.50 23.77 -43.28
C4 NAG I . 6.77 24.57 -43.59
C5 NAG I . 7.99 23.65 -43.57
C6 NAG I . 9.30 24.40 -43.71
C7 NAG I . 3.98 21.96 -40.47
C8 NAG I . 2.75 21.10 -40.42
N2 NAG I . 4.48 22.20 -41.69
O3 NAG I . 4.39 24.66 -43.20
O4 NAG I . 6.64 25.16 -44.88
O5 NAG I . 8.05 22.97 -42.30
O6 NAG I . 9.51 24.85 -45.05
O7 NAG I . 4.51 22.40 -39.45
C1 NAG J . 4.23 -25.19 -50.85
C2 NAG J . 5.25 -25.09 -51.99
C3 NAG J . 4.84 -26.04 -53.11
C4 NAG J . 4.69 -27.46 -52.57
C5 NAG J . 3.74 -27.49 -51.39
C6 NAG J . 3.65 -28.84 -50.70
C7 NAG J . 6.48 -22.96 -52.26
C8 NAG J . 6.41 -21.56 -52.78
N2 NAG J . 5.40 -23.73 -52.49
O3 NAG J . 5.82 -26.02 -54.13
O4 NAG J . 4.22 -28.33 -53.59
O5 NAG J . 4.16 -26.55 -50.38
O6 NAG J . 4.85 -29.16 -50.01
O7 NAG J . 7.47 -23.39 -51.67
C1 NAG K . 17.48 -31.81 -25.18
C2 NAG K . 18.97 -31.82 -24.85
C3 NAG K . 19.70 -32.43 -26.04
C4 NAG K . 19.15 -33.81 -26.37
C5 NAG K . 17.65 -33.73 -26.65
C6 NAG K . 16.99 -35.07 -26.86
C7 NAG K . 20.39 -30.14 -23.68
C8 NAG K . 20.68 -28.69 -23.51
N2 NAG K . 19.44 -30.45 -24.59
O3 NAG K . 21.10 -32.50 -25.76
O4 NAG K . 19.83 -34.37 -27.47
O5 NAG K . 16.97 -33.11 -25.54
O6 NAG K . 15.59 -34.94 -27.07
O7 NAG K . 20.97 -31.01 -23.02
C1 NAG L . 7.08 -42.00 -9.98
C2 NAG L . 7.07 -43.08 -11.07
C3 NAG L . 6.49 -44.37 -10.51
C4 NAG L . 7.23 -44.80 -9.25
C5 NAG L . 7.24 -43.65 -8.24
C6 NAG L . 8.03 -43.94 -6.97
C7 NAG L . 6.89 -42.06 -13.33
C8 NAG L . 6.08 -42.07 -14.59
N2 NAG L . 6.34 -42.68 -12.27
O3 NAG L . 6.57 -45.41 -11.48
O4 NAG L . 6.58 -45.93 -8.67
O5 NAG L . 7.81 -42.48 -8.84
O6 NAG L . 9.42 -44.03 -7.23
O7 NAG L . 7.99 -41.51 -13.25
C1 NAG M . 13.43 -23.02 21.19
C2 NAG M . 12.25 -23.14 22.16
C3 NAG M . 12.42 -24.45 22.91
C4 NAG M . 12.46 -25.63 21.94
C5 NAG M . 13.58 -25.41 20.92
C6 NAG M . 13.64 -26.46 19.82
C7 NAG M . 11.08 -21.46 23.53
C8 NAG M . 11.25 -20.26 24.42
N2 NAG M . 12.22 -22.02 23.07
O3 NAG M . 11.37 -24.63 23.86
O4 NAG M . 12.67 -26.84 22.66
O5 NAG M . 13.42 -24.14 20.27
O6 NAG M . 12.36 -26.77 19.29
O7 NAG M . 9.97 -21.91 23.24
C1 NAG N . 35.58 -14.94 7.62
C2 NAG N . 36.24 -15.14 6.25
C3 NAG N . 37.33 -16.20 6.36
C4 NAG N . 38.29 -15.88 7.49
C5 NAG N . 37.54 -15.70 8.80
C6 NAG N . 38.41 -15.29 9.96
C7 NAG N . 34.71 -14.71 4.36
C8 NAG N . 33.68 -15.32 3.45
N2 NAG N . 35.23 -15.54 5.28
O3 NAG N . 38.04 -16.26 5.11
O4 NAG N . 39.24 -16.94 7.62
O5 NAG N . 36.55 -14.67 8.64
O6 NAG N . 39.26 -16.34 10.38
O7 NAG N . 35.05 -13.54 4.26
C1 NAG O . 34.89 12.98 16.65
C2 NAG O . 34.71 14.36 17.30
C3 NAG O . 35.93 14.61 18.16
C4 NAG O . 36.08 13.52 19.23
C5 NAG O . 36.07 12.14 18.60
C6 NAG O . 35.95 11.02 19.61
C7 NAG O . 33.40 15.96 15.95
C8 NAG O . 33.41 16.78 14.69
N2 NAG O . 34.56 15.39 16.29
O3 NAG O . 35.81 15.88 18.79
O4 NAG O . 37.30 13.71 19.94
O5 NAG O . 34.94 12.00 17.70
O6 NAG O . 35.93 9.74 18.99
O7 NAG O . 32.38 15.80 16.62
C10 RQY P . -5.02 -13.28 -9.82
C13 RQY P . -4.37 -13.87 -8.60
C17 RQY P . -4.94 -11.78 -9.94
C20 RQY P . -12.44 -19.36 -13.00
C22 RQY P . -13.96 -17.28 -13.06
C24 RQY P . -8.30 -15.59 -14.32
C26 RQY P . -12.21 -20.84 -13.22
C01 RQY P . -6.52 -13.79 -9.92
C02 RQY P . -7.52 -13.40 -8.89
C03 RQY P . -8.92 -13.95 -8.98
C04 RQY P . -9.32 -14.90 -10.18
C05 RQY P . -8.40 -15.27 -11.14
C06 RQY P . -6.91 -14.71 -11.05
N07 RQY P . -10.52 -15.51 -10.46
C08 RQY P . -10.36 -16.22 -11.62
C09 RQY P . -9.02 -16.13 -12.02
C11 RQY P . -8.45 -16.73 -13.31
C12 RQY P . -7.12 -17.46 -13.15
C14 RQY P . -2.99 -13.28 -8.29
N15 RQY P . -2.95 -11.79 -8.38
C16 RQY P . -3.52 -11.24 -9.66
C18 RQY P . -11.49 -17.06 -12.23
C19 RQY P . -11.30 -18.53 -12.42
N21 RQY P . -13.74 -18.73 -13.29
C23 RQY P . -12.81 -16.42 -12.51
C25 RQY P . -15.30 -16.64 -13.39
C1 NAG Q . 8.51 24.45 40.19
C2 NAG Q . 10.04 24.37 40.07
C3 NAG Q . 10.66 24.96 41.33
C4 NAG Q . 10.15 26.38 41.59
C5 NAG Q . 8.62 26.38 41.63
C6 NAG Q . 8.02 27.76 41.73
C7 NAG Q . 10.67 22.42 38.68
C8 NAG Q . 11.12 20.99 38.71
N2 NAG Q . 10.47 23.00 39.88
O3 NAG Q . 12.08 24.98 41.20
O4 NAG Q . 10.65 26.85 42.83
O5 NAG Q . 8.11 25.79 40.41
O6 NAG Q . 8.18 28.32 43.02
O7 NAG Q . 10.49 23.02 37.63
C1 NAG R . -19.60 -14.34 52.27
C2 NAG R . -19.31 -15.71 52.90
C3 NAG R . -20.50 -15.98 53.82
C4 NAG R . -20.67 -14.88 54.87
C5 NAG R . -20.64 -13.48 54.24
C6 NAG R . -20.49 -12.37 55.24
C7 NAG R . -18.37 -17.76 51.90
C8 NAG R . -18.50 -18.75 50.78
N2 NAG R . -19.22 -16.73 51.87
O3 NAG R . -20.31 -17.23 54.46
O4 NAG R . -21.89 -15.06 55.54
O5 NAG R . -19.54 -13.37 53.31
O6 NAG R . -19.32 -12.50 56.04
O7 NAG R . -17.55 -17.91 52.80
C1 NAG S . -32.53 -13.85 27.01
C2 NAG S . -33.74 -12.99 26.65
C3 NAG S . -34.66 -12.97 27.86
C4 NAG S . -35.01 -14.39 28.32
C5 NAG S . -33.74 -15.18 28.62
C6 NAG S . -34.00 -16.64 28.94
C7 NAG S . -33.92 -10.90 25.35
C8 NAG S . -33.32 -9.54 25.11
N2 NAG S . -33.33 -11.63 26.30
O3 NAG S . -35.86 -12.28 27.53
O4 NAG S . -35.82 -14.33 29.48
O5 NAG S . -32.87 -15.16 27.48
O6 NAG S . -32.78 -17.35 29.16
O7 NAG S . -34.90 -11.29 24.72
C1 NAG T . -30.49 -29.17 12.74
C2 NAG T . -31.09 -29.98 13.90
C3 NAG T . -31.43 -31.39 13.43
C4 NAG T . -32.30 -31.37 12.18
C5 NAG T . -31.64 -30.51 11.10
C6 NAG T . -32.48 -30.34 9.85
C7 NAG T . -30.30 -29.11 16.09
C8 NAG T . -29.64 -29.51 17.37
N2 NAG T . -30.26 -30.02 15.09
O3 NAG T . -32.09 -32.10 14.47
O4 NAG T . -32.49 -32.69 11.71
O5 NAG T . -31.38 -29.19 11.62
O6 NAG T . -33.66 -29.58 10.09
O7 NAG T . -30.85 -28.02 15.95
C1 NAG U . -25.57 -12.02 -19.77
C2 NAG U . -24.77 -12.86 -20.76
C3 NAG U . -25.74 -13.86 -21.41
C4 NAG U . -26.45 -14.70 -20.35
C5 NAG U . -27.14 -13.80 -19.34
C6 NAG U . -27.77 -14.53 -18.18
C7 NAG U . -22.96 -12.25 -22.32
C8 NAG U . -22.51 -11.25 -23.34
N2 NAG U . -24.16 -12.01 -21.76
O3 NAG U . -25.03 -14.70 -22.32
O4 NAG U . -27.42 -15.52 -21.00
O5 NAG U . -26.19 -12.86 -18.79
O6 NAG U . -26.92 -15.52 -17.61
O7 NAG U . -22.28 -13.21 -22.00
C1 NAG V . -36.31 9.65 -4.70
C2 NAG V . -37.12 10.93 -4.45
C3 NAG V . -38.06 10.57 -3.31
C4 NAG V . -38.97 9.41 -3.71
C5 NAG V . -38.17 8.18 -4.13
C6 NAG V . -39.02 7.11 -4.78
C7 NAG V . -36.27 13.25 -4.72
C8 NAG V . -35.39 14.31 -4.12
N2 NAG V . -36.27 12.06 -4.08
O3 NAG V . -38.87 11.70 -2.97
O4 NAG V . -39.81 9.07 -2.60
O5 NAG V . -37.16 8.55 -5.08
O6 NAG V . -38.24 6.00 -5.20
O7 NAG V . -36.96 13.45 -5.72
C1 NAG W . -20.34 29.75 -18.50
C2 NAG W . -19.36 30.67 -19.24
C3 NAG W . -20.21 31.56 -20.15
C4 NAG W . -21.02 30.71 -21.13
C5 NAG W . -21.84 29.66 -20.39
C6 NAG W . -22.45 28.62 -21.31
C7 NAG W . -17.31 31.23 -18.00
C8 NAG W . -16.77 31.97 -16.81
N2 NAG W . -18.60 31.47 -18.30
O3 NAG W . -19.37 32.45 -20.87
O4 NAG W . -21.88 31.55 -21.89
O5 NAG W . -21.01 28.94 -19.46
O6 NAG W . -23.21 27.66 -20.61
O7 NAG W . -16.63 30.42 -18.62
C10 RQY X . -3.87 -12.59 10.64
C13 RQY X . -4.74 -12.82 9.45
C17 RQY X . -3.09 -11.30 10.60
C20 RQY X . -1.44 -21.63 14.51
C22 RQY X . 0.99 -20.76 14.64
C24 RQY X . -2.95 -16.02 15.40
C26 RQY X . -2.46 -22.73 14.75
C01 RQY X . -2.93 -13.86 10.86
C02 RQY X . -1.85 -14.20 9.88
C03 RQY X . -1.02 -15.43 10.10
C04 RQY X . -1.29 -16.35 11.35
C05 RQY X . -2.30 -16.06 12.25
C06 RQY X . -3.18 -14.76 12.03
N07 RQY X . -0.66 -17.52 11.74
C08 RQY X . -1.27 -17.95 12.90
C09 RQY X . -2.31 -17.07 13.21
C11 RQY X . -3.22 -17.17 14.44
C12 RQY X . -4.70 -17.25 14.11
C14 RQY X . -5.62 -11.61 9.11
N15 RQY X . -4.89 -10.29 9.15
C16 RQY X . -4.00 -10.09 10.34
C18 RQY X . -0.87 -19.24 13.61
C19 RQY X . -1.87 -20.32 13.82
N21 RQY X . -0.02 -21.82 14.88
C23 RQY X . 0.56 -19.45 13.98
C25 RQY X . 2.44 -20.96 15.04
#